data_6UDI
# 
_entry.id   6UDI 
# 
_audit_conform.dict_name       mmcif_pdbx.dic 
_audit_conform.dict_version    5.387 
_audit_conform.dict_location   http://mmcif.pdb.org/dictionaries/ascii/mmcif_pdbx.dic 
# 
loop_
_database_2.database_id 
_database_2.database_code 
_database_2.pdbx_database_accession 
_database_2.pdbx_DOI 
PDB   6UDI         pdb_00006udi 10.2210/pdb6udi/pdb 
WWPDB D_1000244436 ?            ?                   
# 
loop_
_pdbx_audit_revision_history.ordinal 
_pdbx_audit_revision_history.data_content_type 
_pdbx_audit_revision_history.major_revision 
_pdbx_audit_revision_history.minor_revision 
_pdbx_audit_revision_history.revision_date 
1 'Structure model' 1 0 2019-12-04 
2 'Structure model' 1 1 2019-12-11 
3 'Structure model' 1 2 2024-03-13 
# 
_pdbx_audit_revision_details.ordinal             1 
_pdbx_audit_revision_details.revision_ordinal    1 
_pdbx_audit_revision_details.data_content_type   'Structure model' 
_pdbx_audit_revision_details.provider            repository 
_pdbx_audit_revision_details.type                'Initial release' 
_pdbx_audit_revision_details.description         ? 
_pdbx_audit_revision_details.details             ? 
# 
loop_
_pdbx_audit_revision_group.ordinal 
_pdbx_audit_revision_group.revision_ordinal 
_pdbx_audit_revision_group.data_content_type 
_pdbx_audit_revision_group.group 
1 2 'Structure model' 'Database references' 
2 3 'Structure model' 'Data collection'     
3 3 'Structure model' 'Database references' 
# 
loop_
_pdbx_audit_revision_category.ordinal 
_pdbx_audit_revision_category.revision_ordinal 
_pdbx_audit_revision_category.data_content_type 
_pdbx_audit_revision_category.category 
1 2 'Structure model' citation        
2 2 'Structure model' citation_author 
3 3 'Structure model' chem_comp_atom  
4 3 'Structure model' chem_comp_bond  
5 3 'Structure model' database_2      
# 
loop_
_pdbx_audit_revision_item.ordinal 
_pdbx_audit_revision_item.revision_ordinal 
_pdbx_audit_revision_item.data_content_type 
_pdbx_audit_revision_item.item 
1 2 'Structure model' '_citation.journal_volume'            
2 2 'Structure model' '_citation.page_first'                
3 2 'Structure model' '_citation.page_last'                 
4 2 'Structure model' '_citation_author.identifier_ORCID'   
5 3 'Structure model' '_database_2.pdbx_DOI'                
6 3 'Structure model' '_database_2.pdbx_database_accession' 
# 
_pdbx_database_status.status_code                     REL 
_pdbx_database_status.status_code_sf                  REL 
_pdbx_database_status.status_code_mr                  ? 
_pdbx_database_status.entry_id                        6UDI 
_pdbx_database_status.recvd_initial_deposition_date   2019-09-19 
_pdbx_database_status.SG_entry                        N 
_pdbx_database_status.deposit_site                    RCSB 
_pdbx_database_status.process_site                    RCSB 
_pdbx_database_status.status_code_cs                  ? 
_pdbx_database_status.methods_development_category    ? 
_pdbx_database_status.pdb_format_compatible           Y 
_pdbx_database_status.status_code_nmr_data            ? 
# 
_pdbx_database_related.db_name        PDB 
_pdbx_database_related.details        . 
_pdbx_database_related.db_id          6UD2 
_pdbx_database_related.content_type   unspecified 
# 
loop_
_audit_author.name 
_audit_author.pdbx_ordinal 
_audit_author.identifier_ORCID 
'Huang, X.'       1 0000-0001-9350-4176 
'Whittington, D.' 2 0000-0002-5946-8543 
# 
_citation.abstract                  ? 
_citation.abstract_id_CAS           ? 
_citation.book_id_ISBN              ? 
_citation.book_publisher            ? 
_citation.book_publisher_city       ? 
_citation.book_title                ? 
_citation.coordinate_linkage        ? 
_citation.country                   US 
_citation.database_id_Medline       ? 
_citation.details                   ? 
_citation.id                        primary 
_citation.journal_abbrev            J.Med.Chem. 
_citation.journal_id_ASTM           JMCMAR 
_citation.journal_id_CSD            0151 
_citation.journal_id_ISSN           0022-2623 
_citation.journal_full              ? 
_citation.journal_issue             ? 
_citation.journal_volume            62 
_citation.language                  ? 
_citation.page_first                10258 
_citation.page_last                 10271 
_citation.title                     
;Discovery and in Vivo Evaluation of Macrocyclic Mcl-1 Inhibitors Featuring an alpha-Hydroxy Phenylacetic Acid Pharmacophore or Bioisostere.
;
_citation.year                      2019 
_citation.database_id_CSD           ? 
_citation.pdbx_database_id_DOI      10.1021/acs.jmedchem.9b01310 
_citation.pdbx_database_id_PubMed   31736296 
_citation.unpublished_flag          ? 
# 
loop_
_citation_author.citation_id 
_citation_author.name 
_citation_author.ordinal 
_citation_author.identifier_ORCID 
primary 'Rescourio, G.'   1  ? 
primary 'Gonzalez, A.Z.'  2  ? 
primary 'Jabri, S.'       3  ? 
primary 'Belmontes, B.'   4  ? 
primary 'Moody, G.'       5  ? 
primary 'Whittington, D.' 6  ? 
primary 'Huang, X.'       7  ? 
primary 'Caenepeel, S.'   8  ? 
primary 'Cardozo, M.'     9  ? 
primary 'Cheng, A.C.'     10 ? 
primary 'Chow, D.'        11 ? 
primary 'Dou, H.'         12 ? 
primary 'Jones, A.'       13 ? 
primary 'Kelly, R.C.'     14 ? 
primary 'Li, Y.'          15 ? 
primary 'Lizarzaburu, M.' 16 ? 
primary 'Lo, M.C.'        17 ? 
primary 'Mallari, R.'     18 ? 
primary 'Meleza, C.'      19 ? 
primary 'Rew, Y.'         20 ? 
primary 'Simonovich, S.'  21 ? 
primary 'Sun, D.'         22 ? 
primary 'Turcotte, S.'    23 ? 
primary 'Yan, X.'         24 ? 
primary 'Wong, S.G.'      25 ? 
primary 'Yanez, E.'       26 ? 
primary 'Zancanella, M.'  27 ? 
primary 'Houze, J.'       28 ? 
primary 'Medina, J.C.'    29 ? 
primary 'Hughes, P.E.'    30 ? 
primary 'Brown, S.P.'     31 ? 
# 
loop_
_entity.id 
_entity.type 
_entity.src_method 
_entity.pdbx_description 
_entity.formula_weight 
_entity.pdbx_number_of_molecules 
_entity.pdbx_ec 
_entity.pdbx_mutation 
_entity.pdbx_fragment 
_entity.details 
1 polymer     man 'Induced myeloid leukemia cell differentiation protein Mcl-1' 17922.344 1  ? ? ? ? 
2 non-polymer syn 
;(4S,7aR,9aR,10S,11E,18R)-6'-chloro-N-(dimethylsulfamoyl)-18-hydroxy-10-methoxy-15-methyl-16-oxo-3',4',7,7a,8,9,9a,10,13,14,15,16,17,18-tetradecahydro-2'H,3H,5H-spiro[1,19-(ethanediylidene)cyclobuta[n][1,4]oxazepino[4,3-a][1,8]diazacyclohexadecine-4,1'-naphthalene]-18-carboxamide
;
715.299   1  ? ? ? ? 
3 water       nat water 18.015    76 ? ? ? ? 
# 
_entity_name_com.entity_id   1 
_entity_name_com.name        'Bcl-2-like protein 3,Bcl2-L-3,Bcl-2-related protein EAT/mcl1,mcl1/EAT' 
# 
_entity_poly.entity_id                      1 
_entity_poly.type                           'polypeptide(L)' 
_entity_poly.nstd_linkage                   no 
_entity_poly.nstd_monomer                   no 
_entity_poly.pdbx_seq_one_letter_code       
;EDELYRQSLEIISRYLREQATGAKDTKPMGRSGATSRKALETLRRVGDGVQRNHETAFQGMLRKLDIKNEDDVKSLSRVM
IHVFSDGVTNWGRIVTLISFGAFVAKHLKTINQESCIEPLAESITDVLVRTKRDWLVKQRGWDGFVEFFHVEDLEGG
;
_entity_poly.pdbx_seq_one_letter_code_can   
;EDELYRQSLEIISRYLREQATGAKDTKPMGRSGATSRKALETLRRVGDGVQRNHETAFQGMLRKLDIKNEDDVKSLSRVM
IHVFSDGVTNWGRIVTLISFGAFVAKHLKTINQESCIEPLAESITDVLVRTKRDWLVKQRGWDGFVEFFHVEDLEGG
;
_entity_poly.pdbx_strand_id                 A 
_entity_poly.pdbx_target_identifier         ? 
# 
loop_
_pdbx_entity_nonpoly.entity_id 
_pdbx_entity_nonpoly.name 
_pdbx_entity_nonpoly.comp_id 
2 
;(4S,7aR,9aR,10S,11E,18R)-6'-chloro-N-(dimethylsulfamoyl)-18-hydroxy-10-methoxy-15-methyl-16-oxo-3',4',7,7a,8,9,9a,10,13,14,15,16,17,18-tetradecahydro-2'H,3H,5H-spiro[1,19-(ethanediylidene)cyclobuta[n][1,4]oxazepino[4,3-a][1,8]diazacyclohexadecine-4,1'-naphthalene]-18-carboxamide
;
Q4S 
3 water HOH 
# 
loop_
_entity_poly_seq.entity_id 
_entity_poly_seq.num 
_entity_poly_seq.mon_id 
_entity_poly_seq.hetero 
1 1   GLU n 
1 2   ASP n 
1 3   GLU n 
1 4   LEU n 
1 5   TYR n 
1 6   ARG n 
1 7   GLN n 
1 8   SER n 
1 9   LEU n 
1 10  GLU n 
1 11  ILE n 
1 12  ILE n 
1 13  SER n 
1 14  ARG n 
1 15  TYR n 
1 16  LEU n 
1 17  ARG n 
1 18  GLU n 
1 19  GLN n 
1 20  ALA n 
1 21  THR n 
1 22  GLY n 
1 23  ALA n 
1 24  LYS n 
1 25  ASP n 
1 26  THR n 
1 27  LYS n 
1 28  PRO n 
1 29  MET n 
1 30  GLY n 
1 31  ARG n 
1 32  SER n 
1 33  GLY n 
1 34  ALA n 
1 35  THR n 
1 36  SER n 
1 37  ARG n 
1 38  LYS n 
1 39  ALA n 
1 40  LEU n 
1 41  GLU n 
1 42  THR n 
1 43  LEU n 
1 44  ARG n 
1 45  ARG n 
1 46  VAL n 
1 47  GLY n 
1 48  ASP n 
1 49  GLY n 
1 50  VAL n 
1 51  GLN n 
1 52  ARG n 
1 53  ASN n 
1 54  HIS n 
1 55  GLU n 
1 56  THR n 
1 57  ALA n 
1 58  PHE n 
1 59  GLN n 
1 60  GLY n 
1 61  MET n 
1 62  LEU n 
1 63  ARG n 
1 64  LYS n 
1 65  LEU n 
1 66  ASP n 
1 67  ILE n 
1 68  LYS n 
1 69  ASN n 
1 70  GLU n 
1 71  ASP n 
1 72  ASP n 
1 73  VAL n 
1 74  LYS n 
1 75  SER n 
1 76  LEU n 
1 77  SER n 
1 78  ARG n 
1 79  VAL n 
1 80  MET n 
1 81  ILE n 
1 82  HIS n 
1 83  VAL n 
1 84  PHE n 
1 85  SER n 
1 86  ASP n 
1 87  GLY n 
1 88  VAL n 
1 89  THR n 
1 90  ASN n 
1 91  TRP n 
1 92  GLY n 
1 93  ARG n 
1 94  ILE n 
1 95  VAL n 
1 96  THR n 
1 97  LEU n 
1 98  ILE n 
1 99  SER n 
1 100 PHE n 
1 101 GLY n 
1 102 ALA n 
1 103 PHE n 
1 104 VAL n 
1 105 ALA n 
1 106 LYS n 
1 107 HIS n 
1 108 LEU n 
1 109 LYS n 
1 110 THR n 
1 111 ILE n 
1 112 ASN n 
1 113 GLN n 
1 114 GLU n 
1 115 SER n 
1 116 CYS n 
1 117 ILE n 
1 118 GLU n 
1 119 PRO n 
1 120 LEU n 
1 121 ALA n 
1 122 GLU n 
1 123 SER n 
1 124 ILE n 
1 125 THR n 
1 126 ASP n 
1 127 VAL n 
1 128 LEU n 
1 129 VAL n 
1 130 ARG n 
1 131 THR n 
1 132 LYS n 
1 133 ARG n 
1 134 ASP n 
1 135 TRP n 
1 136 LEU n 
1 137 VAL n 
1 138 LYS n 
1 139 GLN n 
1 140 ARG n 
1 141 GLY n 
1 142 TRP n 
1 143 ASP n 
1 144 GLY n 
1 145 PHE n 
1 146 VAL n 
1 147 GLU n 
1 148 PHE n 
1 149 PHE n 
1 150 HIS n 
1 151 VAL n 
1 152 GLU n 
1 153 ASP n 
1 154 LEU n 
1 155 GLU n 
1 156 GLY n 
1 157 GLY n 
# 
_entity_src_gen.entity_id                          1 
_entity_src_gen.pdbx_src_id                        1 
_entity_src_gen.pdbx_alt_source_flag               sample 
_entity_src_gen.pdbx_seq_type                      'Biological sequence' 
_entity_src_gen.pdbx_beg_seq_num                   1 
_entity_src_gen.pdbx_end_seq_num                   157 
_entity_src_gen.gene_src_common_name               Human 
_entity_src_gen.gene_src_genus                     ? 
_entity_src_gen.pdbx_gene_src_gene                 'MCL1, BCL2L3' 
_entity_src_gen.gene_src_species                   ? 
_entity_src_gen.gene_src_strain                    ? 
_entity_src_gen.gene_src_tissue                    ? 
_entity_src_gen.gene_src_tissue_fraction           ? 
_entity_src_gen.gene_src_details                   ? 
_entity_src_gen.pdbx_gene_src_fragment             ? 
_entity_src_gen.pdbx_gene_src_scientific_name      'Homo sapiens' 
_entity_src_gen.pdbx_gene_src_ncbi_taxonomy_id     9606 
_entity_src_gen.pdbx_gene_src_variant              ? 
_entity_src_gen.pdbx_gene_src_cell_line            ? 
_entity_src_gen.pdbx_gene_src_atcc                 ? 
_entity_src_gen.pdbx_gene_src_organ                ? 
_entity_src_gen.pdbx_gene_src_organelle            ? 
_entity_src_gen.pdbx_gene_src_cell                 ? 
_entity_src_gen.pdbx_gene_src_cellular_location    ? 
_entity_src_gen.host_org_common_name               ? 
_entity_src_gen.pdbx_host_org_scientific_name      'Escherichia coli' 
_entity_src_gen.pdbx_host_org_ncbi_taxonomy_id     562 
_entity_src_gen.host_org_genus                     ? 
_entity_src_gen.pdbx_host_org_gene                 ? 
_entity_src_gen.pdbx_host_org_organ                ? 
_entity_src_gen.host_org_species                   ? 
_entity_src_gen.pdbx_host_org_tissue               ? 
_entity_src_gen.pdbx_host_org_tissue_fraction      ? 
_entity_src_gen.pdbx_host_org_strain               ? 
_entity_src_gen.pdbx_host_org_variant              ? 
_entity_src_gen.pdbx_host_org_cell_line            ? 
_entity_src_gen.pdbx_host_org_atcc                 ? 
_entity_src_gen.pdbx_host_org_culture_collection   ? 
_entity_src_gen.pdbx_host_org_cell                 ? 
_entity_src_gen.pdbx_host_org_organelle            ? 
_entity_src_gen.pdbx_host_org_cellular_location    ? 
_entity_src_gen.pdbx_host_org_vector_type          ? 
_entity_src_gen.pdbx_host_org_vector               ? 
_entity_src_gen.host_org_details                   ? 
_entity_src_gen.expression_system_id               ? 
_entity_src_gen.plasmid_name                       ? 
_entity_src_gen.plasmid_details                    ? 
_entity_src_gen.pdbx_description                   ? 
# 
loop_
_chem_comp.id 
_chem_comp.type 
_chem_comp.mon_nstd_flag 
_chem_comp.name 
_chem_comp.pdbx_synonyms 
_chem_comp.formula 
_chem_comp.formula_weight 
ALA 'L-peptide linking' y ALANINE ? 'C3 H7 N O2'         89.093  
ARG 'L-peptide linking' y ARGININE ? 'C6 H15 N4 O2 1'     175.209 
ASN 'L-peptide linking' y ASPARAGINE ? 'C4 H8 N2 O3'        132.118 
ASP 'L-peptide linking' y 'ASPARTIC ACID' ? 'C4 H7 N O4'         133.103 
CYS 'L-peptide linking' y CYSTEINE ? 'C3 H7 N O2 S'       121.158 
GLN 'L-peptide linking' y GLUTAMINE ? 'C5 H10 N2 O3'       146.144 
GLU 'L-peptide linking' y 'GLUTAMIC ACID' ? 'C5 H9 N O4'         147.129 
GLY 'peptide linking'   y GLYCINE ? 'C2 H5 N O2'         75.067  
HIS 'L-peptide linking' y HISTIDINE ? 'C6 H10 N3 O2 1'     156.162 
HOH non-polymer         . WATER ? 'H2 O'               18.015  
ILE 'L-peptide linking' y ISOLEUCINE ? 'C6 H13 N O2'        131.173 
LEU 'L-peptide linking' y LEUCINE ? 'C6 H13 N O2'        131.173 
LYS 'L-peptide linking' y LYSINE ? 'C6 H15 N2 O2 1'     147.195 
MET 'L-peptide linking' y METHIONINE ? 'C5 H11 N O2 S'      149.211 
PHE 'L-peptide linking' y PHENYLALANINE ? 'C9 H11 N O2'        165.189 
PRO 'L-peptide linking' y PROLINE ? 'C5 H9 N O2'         115.130 
Q4S non-polymer         . 
;(4S,7aR,9aR,10S,11E,18R)-6'-chloro-N-(dimethylsulfamoyl)-18-hydroxy-10-methoxy-15-methyl-16-oxo-3',4',7,7a,8,9,9a,10,13,14,15,16,17,18-tetradecahydro-2'H,3H,5H-spiro[1,19-(ethanediylidene)cyclobuta[n][1,4]oxazepino[4,3-a][1,8]diazacyclohexadecine-4,1'-naphthalene]-18-carboxamide
;
? 'C36 H47 Cl N4 O7 S' 715.299 
SER 'L-peptide linking' y SERINE ? 'C3 H7 N O3'         105.093 
THR 'L-peptide linking' y THREONINE ? 'C4 H9 N O3'         119.119 
TRP 'L-peptide linking' y TRYPTOPHAN ? 'C11 H12 N2 O2'      204.225 
TYR 'L-peptide linking' y TYROSINE ? 'C9 H11 N O3'        181.189 
VAL 'L-peptide linking' y VALINE ? 'C5 H11 N O2'        117.146 
# 
loop_
_pdbx_poly_seq_scheme.asym_id 
_pdbx_poly_seq_scheme.entity_id 
_pdbx_poly_seq_scheme.seq_id 
_pdbx_poly_seq_scheme.mon_id 
_pdbx_poly_seq_scheme.ndb_seq_num 
_pdbx_poly_seq_scheme.pdb_seq_num 
_pdbx_poly_seq_scheme.auth_seq_num 
_pdbx_poly_seq_scheme.pdb_mon_id 
_pdbx_poly_seq_scheme.auth_mon_id 
_pdbx_poly_seq_scheme.pdb_strand_id 
_pdbx_poly_seq_scheme.pdb_ins_code 
_pdbx_poly_seq_scheme.hetero 
A 1 1   GLU 1   171 ?   ?   ?   A . n 
A 1 2   ASP 2   172 172 ASP ASP A . n 
A 1 3   GLU 3   173 173 GLU GLU A . n 
A 1 4   LEU 4   174 174 LEU LEU A . n 
A 1 5   TYR 5   175 175 TYR TYR A . n 
A 1 6   ARG 6   176 176 ARG ARG A . n 
A 1 7   GLN 7   177 177 GLN GLN A . n 
A 1 8   SER 8   178 178 SER SER A . n 
A 1 9   LEU 9   179 179 LEU LEU A . n 
A 1 10  GLU 10  180 180 GLU GLU A . n 
A 1 11  ILE 11  181 181 ILE ILE A . n 
A 1 12  ILE 12  182 182 ILE ILE A . n 
A 1 13  SER 13  183 183 SER SER A . n 
A 1 14  ARG 14  184 184 ARG ARG A . n 
A 1 15  TYR 15  185 185 TYR TYR A . n 
A 1 16  LEU 16  186 186 LEU LEU A . n 
A 1 17  ARG 17  187 187 ARG ARG A . n 
A 1 18  GLU 18  188 188 GLU GLU A . n 
A 1 19  GLN 19  189 189 GLN GLN A . n 
A 1 20  ALA 20  190 190 ALA ALA A . n 
A 1 21  THR 21  191 191 THR THR A . n 
A 1 22  GLY 22  192 192 GLY GLY A . n 
A 1 23  ALA 23  193 193 ALA ALA A . n 
A 1 24  LYS 24  194 194 LYS LYS A . n 
A 1 25  ASP 25  195 195 ASP ASP A . n 
A 1 26  THR 26  196 196 THR THR A . n 
A 1 27  LYS 27  197 197 LYS LYS A . n 
A 1 28  PRO 28  198 198 PRO PRO A . n 
A 1 29  MET 29  199 199 MET MET A . n 
A 1 30  GLY 30  200 200 GLY GLY A . n 
A 1 31  ARG 31  201 201 ARG ARG A . n 
A 1 32  SER 32  202 202 SER SER A . n 
A 1 33  GLY 33  203 203 GLY GLY A . n 
A 1 34  ALA 34  204 204 ALA ALA A . n 
A 1 35  THR 35  205 205 THR THR A . n 
A 1 36  SER 36  206 206 SER SER A . n 
A 1 37  ARG 37  207 207 ARG ARG A . n 
A 1 38  LYS 38  208 208 LYS LYS A . n 
A 1 39  ALA 39  209 209 ALA ALA A . n 
A 1 40  LEU 40  210 210 LEU LEU A . n 
A 1 41  GLU 41  211 211 GLU GLU A . n 
A 1 42  THR 42  212 212 THR THR A . n 
A 1 43  LEU 43  213 213 LEU LEU A . n 
A 1 44  ARG 44  214 214 ARG ARG A . n 
A 1 45  ARG 45  215 215 ARG ARG A . n 
A 1 46  VAL 46  216 216 VAL VAL A . n 
A 1 47  GLY 47  217 217 GLY GLY A . n 
A 1 48  ASP 48  218 218 ASP ASP A . n 
A 1 49  GLY 49  219 219 GLY GLY A . n 
A 1 50  VAL 50  220 220 VAL VAL A . n 
A 1 51  GLN 51  221 221 GLN GLN A . n 
A 1 52  ARG 52  222 222 ARG ARG A . n 
A 1 53  ASN 53  223 223 ASN ASN A . n 
A 1 54  HIS 54  224 224 HIS HIS A . n 
A 1 55  GLU 55  225 225 GLU GLU A . n 
A 1 56  THR 56  226 226 THR THR A . n 
A 1 57  ALA 57  227 227 ALA ALA A . n 
A 1 58  PHE 58  228 228 PHE PHE A . n 
A 1 59  GLN 59  229 229 GLN GLN A . n 
A 1 60  GLY 60  230 230 GLY GLY A . n 
A 1 61  MET 61  231 231 MET MET A . n 
A 1 62  LEU 62  232 232 LEU LEU A . n 
A 1 63  ARG 63  233 233 ARG ARG A . n 
A 1 64  LYS 64  234 234 LYS LYS A . n 
A 1 65  LEU 65  235 235 LEU LEU A . n 
A 1 66  ASP 66  236 236 ASP ASP A . n 
A 1 67  ILE 67  237 237 ILE ILE A . n 
A 1 68  LYS 68  238 238 LYS LYS A . n 
A 1 69  ASN 69  239 239 ASN ASN A . n 
A 1 70  GLU 70  240 240 GLU GLU A . n 
A 1 71  ASP 71  241 241 ASP ASP A . n 
A 1 72  ASP 72  242 242 ASP ASP A . n 
A 1 73  VAL 73  243 243 VAL VAL A . n 
A 1 74  LYS 74  244 244 LYS LYS A . n 
A 1 75  SER 75  245 245 SER SER A . n 
A 1 76  LEU 76  246 246 LEU LEU A . n 
A 1 77  SER 77  247 247 SER SER A . n 
A 1 78  ARG 78  248 248 ARG ARG A . n 
A 1 79  VAL 79  249 249 VAL VAL A . n 
A 1 80  MET 80  250 250 MET MET A . n 
A 1 81  ILE 81  251 251 ILE ILE A . n 
A 1 82  HIS 82  252 252 HIS HIS A . n 
A 1 83  VAL 83  253 253 VAL VAL A . n 
A 1 84  PHE 84  254 254 PHE PHE A . n 
A 1 85  SER 85  255 255 SER SER A . n 
A 1 86  ASP 86  256 256 ASP ASP A . n 
A 1 87  GLY 87  257 257 GLY GLY A . n 
A 1 88  VAL 88  258 258 VAL VAL A . n 
A 1 89  THR 89  259 259 THR THR A . n 
A 1 90  ASN 90  260 260 ASN ASN A . n 
A 1 91  TRP 91  261 261 TRP TRP A . n 
A 1 92  GLY 92  262 262 GLY GLY A . n 
A 1 93  ARG 93  263 263 ARG ARG A . n 
A 1 94  ILE 94  264 264 ILE ILE A . n 
A 1 95  VAL 95  265 265 VAL VAL A . n 
A 1 96  THR 96  266 266 THR THR A . n 
A 1 97  LEU 97  267 267 LEU LEU A . n 
A 1 98  ILE 98  268 268 ILE ILE A . n 
A 1 99  SER 99  269 269 SER SER A . n 
A 1 100 PHE 100 270 270 PHE PHE A . n 
A 1 101 GLY 101 271 271 GLY GLY A . n 
A 1 102 ALA 102 272 272 ALA ALA A . n 
A 1 103 PHE 103 273 273 PHE PHE A . n 
A 1 104 VAL 104 274 274 VAL VAL A . n 
A 1 105 ALA 105 275 275 ALA ALA A . n 
A 1 106 LYS 106 276 276 LYS LYS A . n 
A 1 107 HIS 107 277 277 HIS HIS A . n 
A 1 108 LEU 108 278 278 LEU LEU A . n 
A 1 109 LYS 109 279 279 LYS LYS A . n 
A 1 110 THR 110 280 280 THR THR A . n 
A 1 111 ILE 111 281 281 ILE ILE A . n 
A 1 112 ASN 112 282 282 ASN ASN A . n 
A 1 113 GLN 113 283 283 GLN GLN A . n 
A 1 114 GLU 114 284 284 GLU GLU A . n 
A 1 115 SER 115 285 285 SER SER A . n 
A 1 116 CYS 116 286 286 CYS CYS A . n 
A 1 117 ILE 117 287 287 ILE ILE A . n 
A 1 118 GLU 118 288 288 GLU GLU A . n 
A 1 119 PRO 119 289 289 PRO PRO A . n 
A 1 120 LEU 120 290 290 LEU LEU A . n 
A 1 121 ALA 121 291 291 ALA ALA A . n 
A 1 122 GLU 122 292 292 GLU GLU A . n 
A 1 123 SER 123 293 293 SER SER A . n 
A 1 124 ILE 124 294 294 ILE ILE A . n 
A 1 125 THR 125 295 295 THR THR A . n 
A 1 126 ASP 126 296 296 ASP ASP A . n 
A 1 127 VAL 127 297 297 VAL VAL A . n 
A 1 128 LEU 128 298 298 LEU LEU A . n 
A 1 129 VAL 129 299 299 VAL VAL A . n 
A 1 130 ARG 130 300 300 ARG ARG A . n 
A 1 131 THR 131 301 301 THR THR A . n 
A 1 132 LYS 132 302 302 LYS LYS A . n 
A 1 133 ARG 133 303 303 ARG ARG A . n 
A 1 134 ASP 134 304 304 ASP ASP A . n 
A 1 135 TRP 135 305 305 TRP TRP A . n 
A 1 136 LEU 136 306 306 LEU LEU A . n 
A 1 137 VAL 137 307 307 VAL VAL A . n 
A 1 138 LYS 138 308 308 LYS LYS A . n 
A 1 139 GLN 139 309 309 GLN GLN A . n 
A 1 140 ARG 140 310 310 ARG ARG A . n 
A 1 141 GLY 141 311 311 GLY GLY A . n 
A 1 142 TRP 142 312 312 TRP TRP A . n 
A 1 143 ASP 143 313 313 ASP ASP A . n 
A 1 144 GLY 144 314 314 GLY GLY A . n 
A 1 145 PHE 145 315 315 PHE PHE A . n 
A 1 146 VAL 146 316 316 VAL VAL A . n 
A 1 147 GLU 147 317 317 GLU GLU A . n 
A 1 148 PHE 148 318 318 PHE PHE A . n 
A 1 149 PHE 149 319 319 PHE PHE A . n 
A 1 150 HIS 150 320 320 HIS HIS A . n 
A 1 151 VAL 151 321 321 VAL VAL A . n 
A 1 152 GLU 152 322 322 GLU GLU A . n 
A 1 153 ASP 153 323 323 ASP ASP A . n 
A 1 154 LEU 154 324 324 LEU LEU A . n 
A 1 155 GLU 155 325 325 GLU GLU A . n 
A 1 156 GLY 156 326 326 GLY GLY A . n 
A 1 157 GLY 157 327 ?   ?   ?   A . n 
# 
loop_
_pdbx_nonpoly_scheme.asym_id 
_pdbx_nonpoly_scheme.entity_id 
_pdbx_nonpoly_scheme.mon_id 
_pdbx_nonpoly_scheme.ndb_seq_num 
_pdbx_nonpoly_scheme.pdb_seq_num 
_pdbx_nonpoly_scheme.auth_seq_num 
_pdbx_nonpoly_scheme.pdb_mon_id 
_pdbx_nonpoly_scheme.auth_mon_id 
_pdbx_nonpoly_scheme.pdb_strand_id 
_pdbx_nonpoly_scheme.pdb_ins_code 
B 2 Q4S 1  401 1  Q4S UNL A . 
C 3 HOH 1  501 58 HOH HOH A . 
C 3 HOH 2  502 37 HOH HOH A . 
C 3 HOH 3  503 23 HOH HOH A . 
C 3 HOH 4  504 42 HOH HOH A . 
C 3 HOH 5  505 72 HOH HOH A . 
C 3 HOH 6  506 17 HOH HOH A . 
C 3 HOH 7  507 69 HOH HOH A . 
C 3 HOH 8  508 12 HOH HOH A . 
C 3 HOH 9  509 52 HOH HOH A . 
C 3 HOH 10 510 33 HOH HOH A . 
C 3 HOH 11 511 34 HOH HOH A . 
C 3 HOH 12 512 47 HOH HOH A . 
C 3 HOH 13 513 67 HOH HOH A . 
C 3 HOH 14 514 1  HOH HOH A . 
C 3 HOH 15 515 27 HOH HOH A . 
C 3 HOH 16 516 46 HOH HOH A . 
C 3 HOH 17 517 40 HOH HOH A . 
C 3 HOH 18 518 3  HOH HOH A . 
C 3 HOH 19 519 32 HOH HOH A . 
C 3 HOH 20 520 31 HOH HOH A . 
C 3 HOH 21 521 4  HOH HOH A . 
C 3 HOH 22 522 75 HOH HOH A . 
C 3 HOH 23 523 55 HOH HOH A . 
C 3 HOH 24 524 24 HOH HOH A . 
C 3 HOH 25 525 7  HOH HOH A . 
C 3 HOH 26 526 15 HOH HOH A . 
C 3 HOH 27 527 10 HOH HOH A . 
C 3 HOH 28 528 18 HOH HOH A . 
C 3 HOH 29 529 54 HOH HOH A . 
C 3 HOH 30 530 43 HOH HOH A . 
C 3 HOH 31 531 49 HOH HOH A . 
C 3 HOH 32 532 14 HOH HOH A . 
C 3 HOH 33 533 19 HOH HOH A . 
C 3 HOH 34 534 26 HOH HOH A . 
C 3 HOH 35 535 57 HOH HOH A . 
C 3 HOH 36 536 62 HOH HOH A . 
C 3 HOH 37 537 9  HOH HOH A . 
C 3 HOH 38 538 21 HOH HOH A . 
C 3 HOH 39 539 60 HOH HOH A . 
C 3 HOH 40 540 25 HOH HOH A . 
C 3 HOH 41 541 11 HOH HOH A . 
C 3 HOH 42 542 22 HOH HOH A . 
C 3 HOH 43 543 59 HOH HOH A . 
C 3 HOH 44 544 5  HOH HOH A . 
C 3 HOH 45 545 29 HOH HOH A . 
C 3 HOH 46 546 20 HOH HOH A . 
C 3 HOH 47 547 2  HOH HOH A . 
C 3 HOH 48 548 8  HOH HOH A . 
C 3 HOH 49 549 6  HOH HOH A . 
C 3 HOH 50 550 13 HOH HOH A . 
C 3 HOH 51 551 66 HOH HOH A . 
C 3 HOH 52 552 16 HOH HOH A . 
C 3 HOH 53 553 36 HOH HOH A . 
C 3 HOH 54 554 50 HOH HOH A . 
C 3 HOH 55 555 45 HOH HOH A . 
C 3 HOH 56 556 44 HOH HOH A . 
C 3 HOH 57 557 48 HOH HOH A . 
C 3 HOH 58 558 41 HOH HOH A . 
C 3 HOH 59 559 68 HOH HOH A . 
C 3 HOH 60 560 56 HOH HOH A . 
C 3 HOH 61 561 64 HOH HOH A . 
C 3 HOH 62 562 70 HOH HOH A . 
C 3 HOH 63 563 76 HOH HOH A . 
C 3 HOH 64 564 30 HOH HOH A . 
C 3 HOH 65 565 39 HOH HOH A . 
C 3 HOH 66 566 65 HOH HOH A . 
C 3 HOH 67 567 53 HOH HOH A . 
C 3 HOH 68 568 28 HOH HOH A . 
C 3 HOH 69 569 61 HOH HOH A . 
C 3 HOH 70 570 71 HOH HOH A . 
C 3 HOH 71 571 63 HOH HOH A . 
C 3 HOH 72 572 51 HOH HOH A . 
C 3 HOH 73 573 74 HOH HOH A . 
C 3 HOH 74 574 38 HOH HOH A . 
C 3 HOH 75 575 35 HOH HOH A . 
C 3 HOH 76 576 73 HOH HOH A . 
# 
loop_
_software.citation_id 
_software.classification 
_software.compiler_name 
_software.compiler_version 
_software.contact_author 
_software.contact_author_email 
_software.date 
_software.description 
_software.dependencies 
_software.hardware 
_software.language 
_software.location 
_software.mods 
_software.name 
_software.os 
_software.os_version 
_software.type 
_software.version 
_software.pdbx_ordinal 
? refinement        ? ? ? ? ? ? ? ? ? ? ? REFMAC      ? ? ? 5.6.0117 1 
? 'data extraction' ? ? ? ? ? ? ? ? ? ? ? PDB_EXTRACT ? ? ? 3.25     2 
? 'data reduction'  ? ? ? ? ? ? ? ? ? ? ? DENZO       ? ? ? .        3 
? 'data scaling'    ? ? ? ? ? ? ? ? ? ? ? SCALEPACK   ? ? ? .        4 
? phasing           ? ? ? ? ? ? ? ? ? ? ? REFMAC      ? ? ? .        5 
# 
_cell.angle_alpha                  90.000 
_cell.angle_alpha_esd              ? 
_cell.angle_beta                   90.000 
_cell.angle_beta_esd               ? 
_cell.angle_gamma                  90.000 
_cell.angle_gamma_esd              ? 
_cell.entry_id                     6UDI 
_cell.details                      ? 
_cell.formula_units_Z              ? 
_cell.length_a                     43.803 
_cell.length_a_esd                 ? 
_cell.length_b                     89.673 
_cell.length_b_esd                 ? 
_cell.length_c                     84.725 
_cell.length_c_esd                 ? 
_cell.volume                       ? 
_cell.volume_esd                   ? 
_cell.Z_PDB                        8 
_cell.reciprocal_angle_alpha       ? 
_cell.reciprocal_angle_beta        ? 
_cell.reciprocal_angle_gamma       ? 
_cell.reciprocal_angle_alpha_esd   ? 
_cell.reciprocal_angle_beta_esd    ? 
_cell.reciprocal_angle_gamma_esd   ? 
_cell.reciprocal_length_a          ? 
_cell.reciprocal_length_b          ? 
_cell.reciprocal_length_c          ? 
_cell.reciprocal_length_a_esd      ? 
_cell.reciprocal_length_b_esd      ? 
_cell.reciprocal_length_c_esd      ? 
_cell.pdbx_unique_axis             ? 
# 
_symmetry.entry_id                         6UDI 
_symmetry.cell_setting                     ? 
_symmetry.Int_Tables_number                20 
_symmetry.space_group_name_Hall            ? 
_symmetry.space_group_name_H-M             'C 2 2 21' 
_symmetry.pdbx_full_space_group_name_H-M   ? 
# 
_exptl.absorpt_coefficient_mu     ? 
_exptl.absorpt_correction_T_max   ? 
_exptl.absorpt_correction_T_min   ? 
_exptl.absorpt_correction_type    ? 
_exptl.absorpt_process_details    ? 
_exptl.entry_id                   6UDI 
_exptl.crystals_number            1 
_exptl.details                    ? 
_exptl.method                     'X-RAY DIFFRACTION' 
_exptl.method_details             ? 
# 
_exptl_crystal.colour                      ? 
_exptl_crystal.density_diffrn              ? 
_exptl_crystal.density_Matthews            2.35 
_exptl_crystal.density_method              ? 
_exptl_crystal.density_percent_sol         47.56 
_exptl_crystal.description                 ? 
_exptl_crystal.F_000                       ? 
_exptl_crystal.id                          1 
_exptl_crystal.preparation                 ? 
_exptl_crystal.size_max                    ? 
_exptl_crystal.size_mid                    ? 
_exptl_crystal.size_min                    ? 
_exptl_crystal.size_rad                    ? 
_exptl_crystal.colour_lustre               ? 
_exptl_crystal.colour_modifier             ? 
_exptl_crystal.colour_primary              ? 
_exptl_crystal.density_meas                ? 
_exptl_crystal.density_meas_esd            ? 
_exptl_crystal.density_meas_gt             ? 
_exptl_crystal.density_meas_lt             ? 
_exptl_crystal.density_meas_temp           ? 
_exptl_crystal.density_meas_temp_esd       ? 
_exptl_crystal.density_meas_temp_gt        ? 
_exptl_crystal.density_meas_temp_lt        ? 
_exptl_crystal.pdbx_crystal_image_url      ? 
_exptl_crystal.pdbx_crystal_image_format   ? 
_exptl_crystal.pdbx_mosaicity              ? 
_exptl_crystal.pdbx_mosaicity_esd          ? 
# 
_exptl_crystal_grow.apparatus       ? 
_exptl_crystal_grow.atmosphere      ? 
_exptl_crystal_grow.crystal_id      1 
_exptl_crystal_grow.details         ? 
_exptl_crystal_grow.method          'VAPOR DIFFUSION, HANGING DROP' 
_exptl_crystal_grow.method_ref      ? 
_exptl_crystal_grow.pH              ? 
_exptl_crystal_grow.pressure        ? 
_exptl_crystal_grow.pressure_esd    ? 
_exptl_crystal_grow.seeding         ? 
_exptl_crystal_grow.seeding_ref     ? 
_exptl_crystal_grow.temp            277 
_exptl_crystal_grow.temp_details    ? 
_exptl_crystal_grow.temp_esd        ? 
_exptl_crystal_grow.time            ? 
_exptl_crystal_grow.pdbx_details    
;0.1 M Tris pH 8.0,
3% Methanol,
35% PEG6000
;
_exptl_crystal_grow.pdbx_pH_range   ? 
# 
_diffrn.ambient_environment              ? 
_diffrn.ambient_temp                     100 
_diffrn.ambient_temp_details             ? 
_diffrn.ambient_temp_esd                 ? 
_diffrn.crystal_id                       1 
_diffrn.crystal_support                  ? 
_diffrn.crystal_treatment                ? 
_diffrn.details                          ? 
_diffrn.id                               1 
_diffrn.ambient_pressure                 ? 
_diffrn.ambient_pressure_esd             ? 
_diffrn.ambient_pressure_gt              ? 
_diffrn.ambient_pressure_lt              ? 
_diffrn.ambient_temp_gt                  ? 
_diffrn.ambient_temp_lt                  ? 
_diffrn.pdbx_serial_crystal_experiment   N 
# 
_diffrn_detector.details                      ? 
_diffrn_detector.detector                     CCD 
_diffrn_detector.diffrn_id                    1 
_diffrn_detector.type                         'RAYONIX MX-300' 
_diffrn_detector.area_resol_mean              ? 
_diffrn_detector.dtime                        ? 
_diffrn_detector.pdbx_frames_total            ? 
_diffrn_detector.pdbx_collection_time_total   ? 
_diffrn_detector.pdbx_collection_date         2014-05-24 
_diffrn_detector.pdbx_frequency               ? 
# 
_diffrn_radiation.collimation                      ? 
_diffrn_radiation.diffrn_id                        1 
_diffrn_radiation.filter_edge                      ? 
_diffrn_radiation.inhomogeneity                    ? 
_diffrn_radiation.monochromator                    ? 
_diffrn_radiation.polarisn_norm                    ? 
_diffrn_radiation.polarisn_ratio                   ? 
_diffrn_radiation.probe                            ? 
_diffrn_radiation.type                             ? 
_diffrn_radiation.xray_symbol                      ? 
_diffrn_radiation.wavelength_id                    1 
_diffrn_radiation.pdbx_monochromatic_or_laue_m_l   M 
_diffrn_radiation.pdbx_wavelength_list             ? 
_diffrn_radiation.pdbx_wavelength                  ? 
_diffrn_radiation.pdbx_diffrn_protocol             'SINGLE WAVELENGTH' 
_diffrn_radiation.pdbx_analyzer                    ? 
_diffrn_radiation.pdbx_scattering_type             x-ray 
# 
_diffrn_radiation_wavelength.id           1 
_diffrn_radiation_wavelength.wavelength   0.9795 
_diffrn_radiation_wavelength.wt           1.0 
# 
_diffrn_source.current                     ? 
_diffrn_source.details                     ? 
_diffrn_source.diffrn_id                   1 
_diffrn_source.power                       ? 
_diffrn_source.size                        ? 
_diffrn_source.source                      SYNCHROTRON 
_diffrn_source.target                      ? 
_diffrn_source.type                        'CLSI BEAMLINE 08ID-1' 
_diffrn_source.voltage                     ? 
_diffrn_source.take-off_angle              ? 
_diffrn_source.pdbx_wavelength_list        0.9795 
_diffrn_source.pdbx_wavelength             ? 
_diffrn_source.pdbx_synchrotron_beamline   08ID-1 
_diffrn_source.pdbx_synchrotron_site       CLSI 
# 
_reflns.B_iso_Wilson_estimate            ? 
_reflns.entry_id                         6UDI 
_reflns.data_reduction_details           ? 
_reflns.data_reduction_method            ? 
_reflns.d_resolution_high                1.94 
_reflns.d_resolution_low                 50.0 
_reflns.details                          ? 
_reflns.limit_h_max                      ? 
_reflns.limit_h_min                      ? 
_reflns.limit_k_max                      ? 
_reflns.limit_k_min                      ? 
_reflns.limit_l_max                      ? 
_reflns.limit_l_min                      ? 
_reflns.number_all                       ? 
_reflns.number_obs                       12757 
_reflns.observed_criterion               ? 
_reflns.observed_criterion_F_max         ? 
_reflns.observed_criterion_F_min         ? 
_reflns.observed_criterion_I_max         ? 
_reflns.observed_criterion_I_min         ? 
_reflns.observed_criterion_sigma_F       ? 
_reflns.observed_criterion_sigma_I       ? 
_reflns.percent_possible_obs             99.9 
_reflns.R_free_details                   ? 
_reflns.Rmerge_F_all                     ? 
_reflns.Rmerge_F_obs                     ? 
_reflns.Friedel_coverage                 ? 
_reflns.number_gt                        ? 
_reflns.threshold_expression             ? 
_reflns.pdbx_redundancy                  5.86 
_reflns.pdbx_Rmerge_I_obs                0.148 
_reflns.pdbx_Rmerge_I_all                ? 
_reflns.pdbx_Rsym_value                  ? 
_reflns.pdbx_netI_over_av_sigmaI         ? 
_reflns.pdbx_netI_over_sigmaI            6.2 
_reflns.pdbx_res_netI_over_av_sigmaI_2   ? 
_reflns.pdbx_res_netI_over_sigmaI_2      ? 
_reflns.pdbx_chi_squared                 ? 
_reflns.pdbx_scaling_rejects             ? 
_reflns.pdbx_d_res_high_opt              ? 
_reflns.pdbx_d_res_low_opt               ? 
_reflns.pdbx_d_res_opt_method            ? 
_reflns.phase_calculation_details        ? 
_reflns.pdbx_Rrim_I_all                  ? 
_reflns.pdbx_Rpim_I_all                  ? 
_reflns.pdbx_d_opt                       ? 
_reflns.pdbx_number_measured_all         ? 
_reflns.pdbx_diffrn_id                   1 
_reflns.pdbx_ordinal                     1 
_reflns.pdbx_CC_half                     ? 
_reflns.pdbx_R_split                     ? 
# 
_reflns_shell.d_res_high                  1.94 
_reflns_shell.d_res_low                   2.01 
_reflns_shell.meanI_over_sigI_all         ? 
_reflns_shell.meanI_over_sigI_obs         ? 
_reflns_shell.number_measured_all         ? 
_reflns_shell.number_measured_obs         ? 
_reflns_shell.number_possible             ? 
_reflns_shell.number_unique_all           ? 
_reflns_shell.number_unique_obs           1255 
_reflns_shell.percent_possible_all        ? 
_reflns_shell.percent_possible_obs        ? 
_reflns_shell.Rmerge_F_all                ? 
_reflns_shell.Rmerge_F_obs                ? 
_reflns_shell.Rmerge_I_all                ? 
_reflns_shell.Rmerge_I_obs                0.767 
_reflns_shell.meanI_over_sigI_gt          ? 
_reflns_shell.meanI_over_uI_all           ? 
_reflns_shell.meanI_over_uI_gt            ? 
_reflns_shell.number_measured_gt          ? 
_reflns_shell.number_unique_gt            ? 
_reflns_shell.percent_possible_gt         ? 
_reflns_shell.Rmerge_F_gt                 ? 
_reflns_shell.Rmerge_I_gt                 ? 
_reflns_shell.pdbx_redundancy             ? 
_reflns_shell.pdbx_Rsym_value             ? 
_reflns_shell.pdbx_chi_squared            ? 
_reflns_shell.pdbx_netI_over_sigmaI_all   ? 
_reflns_shell.pdbx_netI_over_sigmaI_obs   ? 
_reflns_shell.pdbx_Rrim_I_all             ? 
_reflns_shell.pdbx_Rpim_I_all             ? 
_reflns_shell.pdbx_rejects                ? 
_reflns_shell.pdbx_ordinal                1 
_reflns_shell.pdbx_diffrn_id              1 
_reflns_shell.pdbx_CC_half                ? 
_reflns_shell.pdbx_R_split                ? 
# 
_refine.aniso_B[1][1]                            0.4300 
_refine.aniso_B[1][2]                            0.0000 
_refine.aniso_B[1][3]                            0.0000 
_refine.aniso_B[2][2]                            1.2000 
_refine.aniso_B[2][3]                            0.0000 
_refine.aniso_B[3][3]                            -1.6400 
_refine.B_iso_max                                96.930 
_refine.B_iso_mean                               28.4160 
_refine.B_iso_min                                14.300 
_refine.correlation_coeff_Fo_to_Fc               0.9550 
_refine.correlation_coeff_Fo_to_Fc_free          0.9380 
_refine.details                                  
'HYDROGENS HAVE BEEN ADDED IN THE RIDING POSITIONS U VALUES      : REFINED INDIVIDUALLY' 
_refine.diff_density_max                         ? 
_refine.diff_density_max_esd                     ? 
_refine.diff_density_min                         ? 
_refine.diff_density_min_esd                     ? 
_refine.diff_density_rms                         ? 
_refine.diff_density_rms_esd                     ? 
_refine.entry_id                                 6UDI 
_refine.pdbx_refine_id                           'X-RAY DIFFRACTION' 
_refine.ls_abs_structure_details                 ? 
_refine.ls_abs_structure_Flack                   ? 
_refine.ls_abs_structure_Flack_esd               ? 
_refine.ls_abs_structure_Rogers                  ? 
_refine.ls_abs_structure_Rogers_esd              ? 
_refine.ls_d_res_high                            1.9400 
_refine.ls_d_res_low                             44.8400 
_refine.ls_extinction_coef                       ? 
_refine.ls_extinction_coef_esd                   ? 
_refine.ls_extinction_expression                 ? 
_refine.ls_extinction_method                     ? 
_refine.ls_goodness_of_fit_all                   ? 
_refine.ls_goodness_of_fit_all_esd               ? 
_refine.ls_goodness_of_fit_obs                   ? 
_refine.ls_goodness_of_fit_obs_esd               ? 
_refine.ls_hydrogen_treatment                    ? 
_refine.ls_matrix_type                           ? 
_refine.ls_number_constraints                    ? 
_refine.ls_number_parameters                     ? 
_refine.ls_number_reflns_all                     ? 
_refine.ls_number_reflns_obs                     12083 
_refine.ls_number_reflns_R_free                  638 
_refine.ls_number_reflns_R_work                  ? 
_refine.ls_number_restraints                     ? 
_refine.ls_percent_reflns_obs                    99.9400 
_refine.ls_percent_reflns_R_free                 5.0000 
_refine.ls_R_factor_all                          ? 
_refine.ls_R_factor_obs                          0.1934 
_refine.ls_R_factor_R_free                       0.2437 
_refine.ls_R_factor_R_free_error                 ? 
_refine.ls_R_factor_R_free_error_details         ? 
_refine.ls_R_factor_R_work                       0.1909 
_refine.ls_R_Fsqd_factor_obs                     ? 
_refine.ls_R_I_factor_obs                        ? 
_refine.ls_redundancy_reflns_all                 ? 
_refine.ls_redundancy_reflns_obs                 ? 
_refine.ls_restrained_S_all                      ? 
_refine.ls_restrained_S_obs                      ? 
_refine.ls_shift_over_esd_max                    ? 
_refine.ls_shift_over_esd_mean                   ? 
_refine.ls_structure_factor_coef                 ? 
_refine.ls_weighting_details                     ? 
_refine.ls_weighting_scheme                      ? 
_refine.ls_wR_factor_all                         ? 
_refine.ls_wR_factor_obs                         ? 
_refine.ls_wR_factor_R_free                      ? 
_refine.ls_wR_factor_R_work                      ? 
_refine.occupancy_max                            ? 
_refine.occupancy_min                            ? 
_refine.solvent_model_details                    ? 
_refine.solvent_model_param_bsol                 ? 
_refine.solvent_model_param_ksol                 ? 
_refine.ls_R_factor_gt                           ? 
_refine.ls_goodness_of_fit_gt                    ? 
_refine.ls_goodness_of_fit_ref                   ? 
_refine.ls_shift_over_su_max                     ? 
_refine.ls_shift_over_su_max_lt                  ? 
_refine.ls_shift_over_su_mean                    ? 
_refine.ls_shift_over_su_mean_lt                 ? 
_refine.pdbx_ls_sigma_I                          ? 
_refine.pdbx_ls_sigma_F                          0.000 
_refine.pdbx_ls_sigma_Fsqd                       ? 
_refine.pdbx_data_cutoff_high_absF               ? 
_refine.pdbx_data_cutoff_high_rms_absF           ? 
_refine.pdbx_data_cutoff_low_absF                ? 
_refine.pdbx_isotropic_thermal_model             ? 
_refine.pdbx_ls_cross_valid_method               THROUGHOUT 
_refine.pdbx_method_to_determine_struct          'MOLECULAR REPLACEMENT' 
_refine.pdbx_starting_model                      ? 
_refine.pdbx_stereochemistry_target_values       ? 
_refine.pdbx_R_Free_selection_details            RANDOM 
_refine.pdbx_stereochem_target_val_spec_case     ? 
_refine.pdbx_overall_ESU_R                       0.1720 
_refine.pdbx_overall_ESU_R_Free                  0.1620 
_refine.pdbx_solvent_vdw_probe_radii             1.2000 
_refine.pdbx_solvent_ion_probe_radii             0.8000 
_refine.pdbx_solvent_shrinkage_radii             0.8000 
_refine.pdbx_real_space_R                        ? 
_refine.pdbx_density_correlation                 ? 
_refine.pdbx_pd_number_of_powder_patterns        ? 
_refine.pdbx_pd_number_of_points                 ? 
_refine.pdbx_pd_meas_number_of_points            ? 
_refine.pdbx_pd_proc_ls_prof_R_factor            ? 
_refine.pdbx_pd_proc_ls_prof_wR_factor           ? 
_refine.pdbx_pd_Marquardt_correlation_coeff      ? 
_refine.pdbx_pd_Fsqrd_R_factor                   ? 
_refine.pdbx_pd_ls_matrix_band_width             ? 
_refine.pdbx_overall_phase_error                 ? 
_refine.pdbx_overall_SU_R_free_Cruickshank_DPI   ? 
_refine.pdbx_overall_SU_R_free_Blow_DPI          ? 
_refine.pdbx_overall_SU_R_Blow_DPI               ? 
_refine.pdbx_TLS_residual_ADP_flag               ? 
_refine.pdbx_diffrn_id                           1 
_refine.overall_SU_B                             3.6220 
_refine.overall_SU_ML                            0.1050 
_refine.overall_SU_R_Cruickshank_DPI             ? 
_refine.overall_SU_R_free                        ? 
_refine.overall_FOM_free_R_set                   ? 
_refine.overall_FOM_work_R_set                   ? 
_refine.pdbx_average_fsc_overall                 ? 
_refine.pdbx_average_fsc_work                    ? 
_refine.pdbx_average_fsc_free                    ? 
# 
_refine_hist.pdbx_refine_id                   'X-RAY DIFFRACTION' 
_refine_hist.cycle_id                         final 
_refine_hist.details                          ? 
_refine_hist.d_res_high                       1.9400 
_refine_hist.d_res_low                        44.8400 
_refine_hist.number_atoms_solvent             76 
_refine_hist.number_atoms_total               1371 
_refine_hist.number_reflns_all                ? 
_refine_hist.number_reflns_obs                ? 
_refine_hist.number_reflns_R_free             ? 
_refine_hist.number_reflns_R_work             ? 
_refine_hist.R_factor_all                     ? 
_refine_hist.R_factor_obs                     ? 
_refine_hist.R_factor_R_free                  ? 
_refine_hist.R_factor_R_work                  ? 
_refine_hist.pdbx_number_residues_total       155 
_refine_hist.pdbx_B_iso_mean_ligand           23.99 
_refine_hist.pdbx_B_iso_mean_solvent          39.58 
_refine_hist.pdbx_number_atoms_protein        1246 
_refine_hist.pdbx_number_atoms_nucleic_acid   0 
_refine_hist.pdbx_number_atoms_ligand         49 
_refine_hist.pdbx_number_atoms_lipid          ? 
_refine_hist.pdbx_number_atoms_carb           ? 
_refine_hist.pdbx_pseudo_atom_details         ? 
# 
loop_
_refine_ls_restr.pdbx_refine_id 
_refine_ls_restr.criterion 
_refine_ls_restr.dev_ideal 
_refine_ls_restr.dev_ideal_target 
_refine_ls_restr.number 
_refine_ls_restr.rejects 
_refine_ls_restr.type 
_refine_ls_restr.weight 
_refine_ls_restr.pdbx_restraint_function 
'X-RAY DIFFRACTION' ? 0.007  0.020  1320 ? r_bond_refined_d       ? ? 
'X-RAY DIFFRACTION' ? 0.001  0.020  928  ? r_bond_other_d         ? ? 
'X-RAY DIFFRACTION' ? 1.065  1.993  1784 ? r_angle_refined_deg    ? ? 
'X-RAY DIFFRACTION' ? 0.821  3.005  2191 ? r_angle_other_deg      ? ? 
'X-RAY DIFFRACTION' ? 4.181  5.000  154  ? r_dihedral_angle_1_deg ? ? 
'X-RAY DIFFRACTION' ? 34.592 23.016 63   ? r_dihedral_angle_2_deg ? ? 
'X-RAY DIFFRACTION' ? 12.069 15.000 238  ? r_dihedral_angle_3_deg ? ? 
'X-RAY DIFFRACTION' ? 17.457 15.000 14   ? r_dihedral_angle_4_deg ? ? 
'X-RAY DIFFRACTION' ? 0.059  0.200  196  ? r_chiral_restr         ? ? 
'X-RAY DIFFRACTION' ? 0.005  0.020  1438 ? r_gen_planes_refined   ? ? 
'X-RAY DIFFRACTION' ? 0.001  0.020  278  ? r_gen_planes_other     ? ? 
# 
_refine_ls_shell.pdbx_refine_id                   'X-RAY DIFFRACTION' 
_refine_ls_shell.d_res_high                       1.9400 
_refine_ls_shell.d_res_low                        1.9900 
_refine_ls_shell.number_reflns_all                849 
_refine_ls_shell.number_reflns_obs                ? 
_refine_ls_shell.number_reflns_R_free             44 
_refine_ls_shell.number_reflns_R_work             805 
_refine_ls_shell.percent_reflns_obs               100.0000 
_refine_ls_shell.percent_reflns_R_free            ? 
_refine_ls_shell.R_factor_all                     ? 
_refine_ls_shell.R_factor_obs                     ? 
_refine_ls_shell.R_factor_R_free                  0.2140 
_refine_ls_shell.R_factor_R_free_error            0.0000 
_refine_ls_shell.R_factor_R_work                  0.2350 
_refine_ls_shell.redundancy_reflns_all            ? 
_refine_ls_shell.redundancy_reflns_obs            ? 
_refine_ls_shell.wR_factor_all                    ? 
_refine_ls_shell.wR_factor_obs                    ? 
_refine_ls_shell.wR_factor_R_free                 ? 
_refine_ls_shell.wR_factor_R_work                 ? 
_refine_ls_shell.pdbx_total_number_of_bins_used   20 
_refine_ls_shell.pdbx_phase_error                 ? 
_refine_ls_shell.pdbx_fsc_work                    ? 
_refine_ls_shell.pdbx_fsc_free                    ? 
# 
_struct.entry_id                     6UDI 
_struct.title                        'X-ray co-crystal structure of compound 20 with Mcl-1' 
_struct.pdbx_model_details           ? 
_struct.pdbx_formula_weight          ? 
_struct.pdbx_formula_weight_method   ? 
_struct.pdbx_model_type_details      ? 
_struct.pdbx_CASP_flag               N 
# 
_struct_keywords.entry_id        6UDI 
_struct_keywords.text            'protein-protein interaction, inhibitor, APOPTOSIS-INHIBITOR complex' 
_struct_keywords.pdbx_keywords   APOPTOSIS/INHIBITOR 
# 
loop_
_struct_asym.id 
_struct_asym.pdbx_blank_PDB_chainid_flag 
_struct_asym.pdbx_modified 
_struct_asym.entity_id 
_struct_asym.details 
A N N 1 ? 
B N N 2 ? 
C N N 3 ? 
# 
_struct_ref.id                         1 
_struct_ref.db_name                    UNP 
_struct_ref.db_code                    MCL1_HUMAN 
_struct_ref.pdbx_db_accession          Q07820 
_struct_ref.pdbx_db_isoform            ? 
_struct_ref.entity_id                  1 
_struct_ref.pdbx_seq_one_letter_code   
;EDELYRQSLEIISRYLREQATGAKDTKPMGRSGATSRKALETLRRVGDGVQRNHETAFQGMLRKLDIKNEDDVKSLSRVM
IHVFSDGVTNWGRIVTLISFGAFVAKHLKTINQESCIEPLAESITDVLVRTKRDWLVKQRGWDGFVEFFHVEDLEGG
;
_struct_ref.pdbx_align_begin           171 
# 
_struct_ref_seq.align_id                      1 
_struct_ref_seq.ref_id                        1 
_struct_ref_seq.pdbx_PDB_id_code              6UDI 
_struct_ref_seq.pdbx_strand_id                A 
_struct_ref_seq.seq_align_beg                 1 
_struct_ref_seq.pdbx_seq_align_beg_ins_code   ? 
_struct_ref_seq.seq_align_end                 157 
_struct_ref_seq.pdbx_seq_align_end_ins_code   ? 
_struct_ref_seq.pdbx_db_accession             Q07820 
_struct_ref_seq.db_align_beg                  171 
_struct_ref_seq.pdbx_db_align_beg_ins_code    ? 
_struct_ref_seq.db_align_end                  327 
_struct_ref_seq.pdbx_db_align_end_ins_code    ? 
_struct_ref_seq.pdbx_auth_seq_align_beg       171 
_struct_ref_seq.pdbx_auth_seq_align_end       327 
# 
loop_
_pdbx_struct_assembly.id 
_pdbx_struct_assembly.details 
_pdbx_struct_assembly.method_details 
_pdbx_struct_assembly.oligomeric_details 
_pdbx_struct_assembly.oligomeric_count 
1 author_defined_assembly   ?    monomeric 1 
2 software_defined_assembly PISA dimeric   2 
# 
loop_
_pdbx_struct_assembly_prop.biol_id 
_pdbx_struct_assembly_prop.type 
_pdbx_struct_assembly_prop.value 
_pdbx_struct_assembly_prop.details 
1 'ABSA (A^2)' 0     ? 
1 MORE         0     ? 
1 'SSA (A^2)'  8810  ? 
2 'ABSA (A^2)' 2010  ? 
2 MORE         -11   ? 
2 'SSA (A^2)'  15620 ? 
# 
loop_
_pdbx_struct_assembly_gen.assembly_id 
_pdbx_struct_assembly_gen.oper_expression 
_pdbx_struct_assembly_gen.asym_id_list 
1 1   A,B,C 
2 1,2 A,B,C 
# 
_pdbx_struct_assembly_auth_evidence.id                     1 
_pdbx_struct_assembly_auth_evidence.assembly_id            1 
_pdbx_struct_assembly_auth_evidence.experimental_support   'gel filtration' 
_pdbx_struct_assembly_auth_evidence.details                ? 
# 
loop_
_pdbx_struct_oper_list.id 
_pdbx_struct_oper_list.type 
_pdbx_struct_oper_list.name 
_pdbx_struct_oper_list.symmetry_operation 
_pdbx_struct_oper_list.matrix[1][1] 
_pdbx_struct_oper_list.matrix[1][2] 
_pdbx_struct_oper_list.matrix[1][3] 
_pdbx_struct_oper_list.vector[1] 
_pdbx_struct_oper_list.matrix[2][1] 
_pdbx_struct_oper_list.matrix[2][2] 
_pdbx_struct_oper_list.matrix[2][3] 
_pdbx_struct_oper_list.vector[2] 
_pdbx_struct_oper_list.matrix[3][1] 
_pdbx_struct_oper_list.matrix[3][2] 
_pdbx_struct_oper_list.matrix[3][3] 
_pdbx_struct_oper_list.vector[3] 
1 'identity operation'         1_555 x,y,z       1.0000000000  0.0000000000  0.0000000000  0.0000000000   0.0000000000  1.0000000000  0.0000000000 0.0000000000  0.0000000000  0.0000000000 1.0000000000 0.0000000000  
2 'crystal symmetry operation' 3_557 -x,y,-z+5/2 -0.8706404387 -0.0527944936 -0.4890786929 -22.3167193654 -0.0527944936 -0.9784534013 0.1996038151 14.1590190723 -0.4890786929 0.1996038151 0.8490938400 -7.4311134809 
# 
loop_
_struct_conf.conf_type_id 
_struct_conf.id 
_struct_conf.pdbx_PDB_helix_id 
_struct_conf.beg_label_comp_id 
_struct_conf.beg_label_asym_id 
_struct_conf.beg_label_seq_id 
_struct_conf.pdbx_beg_PDB_ins_code 
_struct_conf.end_label_comp_id 
_struct_conf.end_label_asym_id 
_struct_conf.end_label_seq_id 
_struct_conf.pdbx_end_PDB_ins_code 
_struct_conf.beg_auth_comp_id 
_struct_conf.beg_auth_asym_id 
_struct_conf.beg_auth_seq_id 
_struct_conf.end_auth_comp_id 
_struct_conf.end_auth_asym_id 
_struct_conf.end_auth_seq_id 
_struct_conf.pdbx_PDB_helix_class 
_struct_conf.details 
_struct_conf.pdbx_PDB_helix_length 
HELX_P HELX_P1 AA1 ASP A 2   ? GLY A 22  ? ASP A 172 GLY A 192 1 ? 21 
HELX_P HELX_P2 AA2 SER A 32  ? HIS A 54  ? SER A 202 HIS A 224 1 ? 23 
HELX_P HELX_P3 AA3 HIS A 54  ? ASP A 66  ? HIS A 224 ASP A 236 1 ? 13 
HELX_P HELX_P4 AA4 ASN A 69  ? SER A 75  ? ASN A 239 SER A 245 1 ? 7  
HELX_P HELX_P5 AA5 SER A 75  ? PHE A 84  ? SER A 245 PHE A 254 1 ? 10 
HELX_P HELX_P6 AA6 ASN A 90  ? ILE A 111 ? ASN A 260 ILE A 281 1 ? 22 
HELX_P HELX_P7 AA7 GLN A 113 ? SER A 115 ? GLN A 283 SER A 285 5 ? 3  
HELX_P HELX_P8 AA8 CYS A 116 ? GLN A 139 ? CYS A 286 GLN A 309 1 ? 24 
HELX_P HELX_P9 AA9 ARG A 140 ? HIS A 150 ? ARG A 310 HIS A 320 1 ? 11 
# 
_struct_conf_type.id          HELX_P 
_struct_conf_type.criteria    ? 
_struct_conf_type.reference   ? 
# 
_struct_site.id                   AC1 
_struct_site.pdbx_evidence_code   Software 
_struct_site.pdbx_auth_asym_id    A 
_struct_site.pdbx_auth_comp_id    Q4S 
_struct_site.pdbx_auth_seq_id     401 
_struct_site.pdbx_auth_ins_code   ? 
_struct_site.pdbx_num_residues    15 
_struct_site.details              'binding site for residue Q4S A 401' 
# 
loop_
_struct_site_gen.id 
_struct_site_gen.site_id 
_struct_site_gen.pdbx_num_res 
_struct_site_gen.label_comp_id 
_struct_site_gen.label_asym_id 
_struct_site_gen.label_seq_id 
_struct_site_gen.pdbx_auth_ins_code 
_struct_site_gen.auth_comp_id 
_struct_site_gen.auth_asym_id 
_struct_site_gen.auth_seq_id 
_struct_site_gen.label_atom_id 
_struct_site_gen.label_alt_id 
_struct_site_gen.symmetry 
_struct_site_gen.details 
1  AC1 15 HIS A 54  ? HIS A 224 . ? 1_555 ? 
2  AC1 15 ALA A 57  ? ALA A 227 . ? 1_555 ? 
3  AC1 15 PHE A 58  ? PHE A 228 . ? 1_555 ? 
4  AC1 15 MET A 61  ? MET A 231 . ? 1_555 ? 
5  AC1 15 MET A 80  ? MET A 250 . ? 1_555 ? 
6  AC1 15 VAL A 83  ? VAL A 253 . ? 1_555 ? 
7  AC1 15 ARG A 93  ? ARG A 263 . ? 1_555 ? 
8  AC1 15 THR A 96  ? THR A 266 . ? 1_555 ? 
9  AC1 15 LEU A 97  ? LEU A 267 . ? 1_555 ? 
10 AC1 15 PHE A 100 ? PHE A 270 . ? 1_555 ? 
11 AC1 15 LEU A 120 ? LEU A 290 . ? 1_555 ? 
12 AC1 15 HOH C .   ? HOH A 505 . ? 1_555 ? 
13 AC1 15 HOH C .   ? HOH A 511 . ? 1_555 ? 
14 AC1 15 HOH C .   ? HOH A 545 . ? 1_555 ? 
15 AC1 15 HOH C .   ? HOH A 546 . ? 1_555 ? 
# 
loop_
_pdbx_validate_torsion.id 
_pdbx_validate_torsion.PDB_model_num 
_pdbx_validate_torsion.auth_comp_id 
_pdbx_validate_torsion.auth_asym_id 
_pdbx_validate_torsion.auth_seq_id 
_pdbx_validate_torsion.PDB_ins_code 
_pdbx_validate_torsion.label_alt_id 
_pdbx_validate_torsion.phi 
_pdbx_validate_torsion.psi 
1 1 ASP A 236 ? ? 54.33   70.02 
2 1 GLN A 283 ? ? -108.41 41.99 
# 
_pdbx_struct_special_symmetry.id              1 
_pdbx_struct_special_symmetry.PDB_model_num   1 
_pdbx_struct_special_symmetry.auth_asym_id    A 
_pdbx_struct_special_symmetry.auth_comp_id    HOH 
_pdbx_struct_special_symmetry.auth_seq_id     556 
_pdbx_struct_special_symmetry.PDB_ins_code    ? 
_pdbx_struct_special_symmetry.label_asym_id   C 
_pdbx_struct_special_symmetry.label_comp_id   HOH 
_pdbx_struct_special_symmetry.label_seq_id    . 
# 
_pdbx_entry_details.entry_id                 6UDI 
_pdbx_entry_details.has_ligand_of_interest   Y 
_pdbx_entry_details.compound_details         ? 
_pdbx_entry_details.source_details           ? 
_pdbx_entry_details.nonpolymer_details       ? 
_pdbx_entry_details.sequence_details         ? 
# 
loop_
_pdbx_unobs_or_zero_occ_residues.id 
_pdbx_unobs_or_zero_occ_residues.PDB_model_num 
_pdbx_unobs_or_zero_occ_residues.polymer_flag 
_pdbx_unobs_or_zero_occ_residues.occupancy_flag 
_pdbx_unobs_or_zero_occ_residues.auth_asym_id 
_pdbx_unobs_or_zero_occ_residues.auth_comp_id 
_pdbx_unobs_or_zero_occ_residues.auth_seq_id 
_pdbx_unobs_or_zero_occ_residues.PDB_ins_code 
_pdbx_unobs_or_zero_occ_residues.label_asym_id 
_pdbx_unobs_or_zero_occ_residues.label_comp_id 
_pdbx_unobs_or_zero_occ_residues.label_seq_id 
1 1 Y 1 A GLU 171 ? A GLU 1   
2 1 Y 1 A GLY 327 ? A GLY 157 
# 
loop_
_chem_comp_atom.comp_id 
_chem_comp_atom.atom_id 
_chem_comp_atom.type_symbol 
_chem_comp_atom.pdbx_aromatic_flag 
_chem_comp_atom.pdbx_stereo_config 
_chem_comp_atom.pdbx_ordinal 
ALA N    N  N N 1   
ALA CA   C  N S 2   
ALA C    C  N N 3   
ALA O    O  N N 4   
ALA CB   C  N N 5   
ALA OXT  O  N N 6   
ALA H    H  N N 7   
ALA H2   H  N N 8   
ALA HA   H  N N 9   
ALA HB1  H  N N 10  
ALA HB2  H  N N 11  
ALA HB3  H  N N 12  
ALA HXT  H  N N 13  
ARG N    N  N N 14  
ARG CA   C  N S 15  
ARG C    C  N N 16  
ARG O    O  N N 17  
ARG CB   C  N N 18  
ARG CG   C  N N 19  
ARG CD   C  N N 20  
ARG NE   N  N N 21  
ARG CZ   C  N N 22  
ARG NH1  N  N N 23  
ARG NH2  N  N N 24  
ARG OXT  O  N N 25  
ARG H    H  N N 26  
ARG H2   H  N N 27  
ARG HA   H  N N 28  
ARG HB2  H  N N 29  
ARG HB3  H  N N 30  
ARG HG2  H  N N 31  
ARG HG3  H  N N 32  
ARG HD2  H  N N 33  
ARG HD3  H  N N 34  
ARG HE   H  N N 35  
ARG HH11 H  N N 36  
ARG HH12 H  N N 37  
ARG HH21 H  N N 38  
ARG HH22 H  N N 39  
ARG HXT  H  N N 40  
ASN N    N  N N 41  
ASN CA   C  N S 42  
ASN C    C  N N 43  
ASN O    O  N N 44  
ASN CB   C  N N 45  
ASN CG   C  N N 46  
ASN OD1  O  N N 47  
ASN ND2  N  N N 48  
ASN OXT  O  N N 49  
ASN H    H  N N 50  
ASN H2   H  N N 51  
ASN HA   H  N N 52  
ASN HB2  H  N N 53  
ASN HB3  H  N N 54  
ASN HD21 H  N N 55  
ASN HD22 H  N N 56  
ASN HXT  H  N N 57  
ASP N    N  N N 58  
ASP CA   C  N S 59  
ASP C    C  N N 60  
ASP O    O  N N 61  
ASP CB   C  N N 62  
ASP CG   C  N N 63  
ASP OD1  O  N N 64  
ASP OD2  O  N N 65  
ASP OXT  O  N N 66  
ASP H    H  N N 67  
ASP H2   H  N N 68  
ASP HA   H  N N 69  
ASP HB2  H  N N 70  
ASP HB3  H  N N 71  
ASP HD2  H  N N 72  
ASP HXT  H  N N 73  
CYS N    N  N N 74  
CYS CA   C  N R 75  
CYS C    C  N N 76  
CYS O    O  N N 77  
CYS CB   C  N N 78  
CYS SG   S  N N 79  
CYS OXT  O  N N 80  
CYS H    H  N N 81  
CYS H2   H  N N 82  
CYS HA   H  N N 83  
CYS HB2  H  N N 84  
CYS HB3  H  N N 85  
CYS HG   H  N N 86  
CYS HXT  H  N N 87  
GLN N    N  N N 88  
GLN CA   C  N S 89  
GLN C    C  N N 90  
GLN O    O  N N 91  
GLN CB   C  N N 92  
GLN CG   C  N N 93  
GLN CD   C  N N 94  
GLN OE1  O  N N 95  
GLN NE2  N  N N 96  
GLN OXT  O  N N 97  
GLN H    H  N N 98  
GLN H2   H  N N 99  
GLN HA   H  N N 100 
GLN HB2  H  N N 101 
GLN HB3  H  N N 102 
GLN HG2  H  N N 103 
GLN HG3  H  N N 104 
GLN HE21 H  N N 105 
GLN HE22 H  N N 106 
GLN HXT  H  N N 107 
GLU N    N  N N 108 
GLU CA   C  N S 109 
GLU C    C  N N 110 
GLU O    O  N N 111 
GLU CB   C  N N 112 
GLU CG   C  N N 113 
GLU CD   C  N N 114 
GLU OE1  O  N N 115 
GLU OE2  O  N N 116 
GLU OXT  O  N N 117 
GLU H    H  N N 118 
GLU H2   H  N N 119 
GLU HA   H  N N 120 
GLU HB2  H  N N 121 
GLU HB3  H  N N 122 
GLU HG2  H  N N 123 
GLU HG3  H  N N 124 
GLU HE2  H  N N 125 
GLU HXT  H  N N 126 
GLY N    N  N N 127 
GLY CA   C  N N 128 
GLY C    C  N N 129 
GLY O    O  N N 130 
GLY OXT  O  N N 131 
GLY H    H  N N 132 
GLY H2   H  N N 133 
GLY HA2  H  N N 134 
GLY HA3  H  N N 135 
GLY HXT  H  N N 136 
HIS N    N  N N 137 
HIS CA   C  N S 138 
HIS C    C  N N 139 
HIS O    O  N N 140 
HIS CB   C  N N 141 
HIS CG   C  Y N 142 
HIS ND1  N  Y N 143 
HIS CD2  C  Y N 144 
HIS CE1  C  Y N 145 
HIS NE2  N  Y N 146 
HIS OXT  O  N N 147 
HIS H    H  N N 148 
HIS H2   H  N N 149 
HIS HA   H  N N 150 
HIS HB2  H  N N 151 
HIS HB3  H  N N 152 
HIS HD1  H  N N 153 
HIS HD2  H  N N 154 
HIS HE1  H  N N 155 
HIS HE2  H  N N 156 
HIS HXT  H  N N 157 
HOH O    O  N N 158 
HOH H1   H  N N 159 
HOH H2   H  N N 160 
ILE N    N  N N 161 
ILE CA   C  N S 162 
ILE C    C  N N 163 
ILE O    O  N N 164 
ILE CB   C  N S 165 
ILE CG1  C  N N 166 
ILE CG2  C  N N 167 
ILE CD1  C  N N 168 
ILE OXT  O  N N 169 
ILE H    H  N N 170 
ILE H2   H  N N 171 
ILE HA   H  N N 172 
ILE HB   H  N N 173 
ILE HG12 H  N N 174 
ILE HG13 H  N N 175 
ILE HG21 H  N N 176 
ILE HG22 H  N N 177 
ILE HG23 H  N N 178 
ILE HD11 H  N N 179 
ILE HD12 H  N N 180 
ILE HD13 H  N N 181 
ILE HXT  H  N N 182 
LEU N    N  N N 183 
LEU CA   C  N S 184 
LEU C    C  N N 185 
LEU O    O  N N 186 
LEU CB   C  N N 187 
LEU CG   C  N N 188 
LEU CD1  C  N N 189 
LEU CD2  C  N N 190 
LEU OXT  O  N N 191 
LEU H    H  N N 192 
LEU H2   H  N N 193 
LEU HA   H  N N 194 
LEU HB2  H  N N 195 
LEU HB3  H  N N 196 
LEU HG   H  N N 197 
LEU HD11 H  N N 198 
LEU HD12 H  N N 199 
LEU HD13 H  N N 200 
LEU HD21 H  N N 201 
LEU HD22 H  N N 202 
LEU HD23 H  N N 203 
LEU HXT  H  N N 204 
LYS N    N  N N 205 
LYS CA   C  N S 206 
LYS C    C  N N 207 
LYS O    O  N N 208 
LYS CB   C  N N 209 
LYS CG   C  N N 210 
LYS CD   C  N N 211 
LYS CE   C  N N 212 
LYS NZ   N  N N 213 
LYS OXT  O  N N 214 
LYS H    H  N N 215 
LYS H2   H  N N 216 
LYS HA   H  N N 217 
LYS HB2  H  N N 218 
LYS HB3  H  N N 219 
LYS HG2  H  N N 220 
LYS HG3  H  N N 221 
LYS HD2  H  N N 222 
LYS HD3  H  N N 223 
LYS HE2  H  N N 224 
LYS HE3  H  N N 225 
LYS HZ1  H  N N 226 
LYS HZ2  H  N N 227 
LYS HZ3  H  N N 228 
LYS HXT  H  N N 229 
MET N    N  N N 230 
MET CA   C  N S 231 
MET C    C  N N 232 
MET O    O  N N 233 
MET CB   C  N N 234 
MET CG   C  N N 235 
MET SD   S  N N 236 
MET CE   C  N N 237 
MET OXT  O  N N 238 
MET H    H  N N 239 
MET H2   H  N N 240 
MET HA   H  N N 241 
MET HB2  H  N N 242 
MET HB3  H  N N 243 
MET HG2  H  N N 244 
MET HG3  H  N N 245 
MET HE1  H  N N 246 
MET HE2  H  N N 247 
MET HE3  H  N N 248 
MET HXT  H  N N 249 
PHE N    N  N N 250 
PHE CA   C  N S 251 
PHE C    C  N N 252 
PHE O    O  N N 253 
PHE CB   C  N N 254 
PHE CG   C  Y N 255 
PHE CD1  C  Y N 256 
PHE CD2  C  Y N 257 
PHE CE1  C  Y N 258 
PHE CE2  C  Y N 259 
PHE CZ   C  Y N 260 
PHE OXT  O  N N 261 
PHE H    H  N N 262 
PHE H2   H  N N 263 
PHE HA   H  N N 264 
PHE HB2  H  N N 265 
PHE HB3  H  N N 266 
PHE HD1  H  N N 267 
PHE HD2  H  N N 268 
PHE HE1  H  N N 269 
PHE HE2  H  N N 270 
PHE HZ   H  N N 271 
PHE HXT  H  N N 272 
PRO N    N  N N 273 
PRO CA   C  N S 274 
PRO C    C  N N 275 
PRO O    O  N N 276 
PRO CB   C  N N 277 
PRO CG   C  N N 278 
PRO CD   C  N N 279 
PRO OXT  O  N N 280 
PRO H    H  N N 281 
PRO HA   H  N N 282 
PRO HB2  H  N N 283 
PRO HB3  H  N N 284 
PRO HG2  H  N N 285 
PRO HG3  H  N N 286 
PRO HD2  H  N N 287 
PRO HD3  H  N N 288 
PRO HXT  H  N N 289 
Q4S C4   C  N N 290 
Q4S C3   C  N N 291 
Q4S C2   C  N N 292 
Q4S C13  C  Y N 293 
Q4S C18  C  Y N 294 
Q4S C17  C  Y N 295 
Q4S CL1  CL N N 296 
Q4S C16  C  Y N 297 
Q4S C15  C  Y N 298 
Q4S C14  C  Y N 299 
Q4S C1   C  N S 300 
Q4S C12  C  N N 301 
Q4S C11  C  N N 302 
Q4S O1   O  N N 303 
Q4S C10  C  Y N 304 
Q4S C5   C  Y N 305 
Q4S C6   C  Y N 306 
Q4S C7   C  Y N 307 
Q4S C8   C  Y N 308 
Q4S C9   C  Y N 309 
Q4S N1   N  N N 310 
Q4S C19  C  N N 311 
Q4S C20  C  N R 312 
Q4S C31  C  N N 313 
Q4S C30  C  N N 314 
Q4S C21  C  N R 315 
Q4S C22  C  N S 316 
Q4S O4   O  N N 317 
Q4S C34  C  N N 318 
Q4S C29  C  N N 319 
Q4S C28  C  N N 320 
Q4S C27  C  N N 321 
Q4S C26  C  N N 322 
Q4S N2   N  N N 323 
Q4S C32  C  N N 324 
Q4S C25  C  N N 325 
Q4S O3   O  N N 326 
Q4S C24  C  N N 327 
Q4S C23  C  N R 328 
Q4S O2   O  N N 329 
Q4S C33  C  N N 330 
Q4S O5   O  N N 331 
Q4S N3   N  N N 332 
Q4S S1   S  N N 333 
Q4S O6   O  N N 334 
Q4S O7   O  N N 335 
Q4S N4   N  N N 336 
Q4S C36  C  N N 337 
Q4S C35  C  N N 338 
Q4S H1   H  N N 339 
Q4S H2   H  N N 340 
Q4S H3   H  N N 341 
Q4S H4   H  N N 342 
Q4S H5   H  N N 343 
Q4S H6   H  N N 344 
Q4S H7   H  N N 345 
Q4S H8   H  N N 346 
Q4S H9   H  N N 347 
Q4S H10  H  N N 348 
Q4S H11  H  N N 349 
Q4S H12  H  N N 350 
Q4S H13  H  N N 351 
Q4S H14  H  N N 352 
Q4S H15  H  N N 353 
Q4S H16  H  N N 354 
Q4S H17  H  N N 355 
Q4S H18  H  N N 356 
Q4S H19  H  N N 357 
Q4S H20  H  N N 358 
Q4S H21  H  N N 359 
Q4S H22  H  N N 360 
Q4S H23  H  N N 361 
Q4S H24  H  N N 362 
Q4S H25  H  N N 363 
Q4S H26  H  N N 364 
Q4S H27  H  N N 365 
Q4S H28  H  N N 366 
Q4S H29  H  N N 367 
Q4S H30  H  N N 368 
Q4S H31  H  N N 369 
Q4S H32  H  N N 370 
Q4S H33  H  N N 371 
Q4S H34  H  N N 372 
Q4S H35  H  N N 373 
Q4S H36  H  N N 374 
Q4S H37  H  N N 375 
Q4S H38  H  N N 376 
Q4S H39  H  N N 377 
Q4S H40  H  N N 378 
Q4S H41  H  N N 379 
Q4S H42  H  N N 380 
Q4S H43  H  N N 381 
Q4S H44  H  N N 382 
Q4S H45  H  N N 383 
Q4S H46  H  N N 384 
Q4S H47  H  N N 385 
SER N    N  N N 386 
SER CA   C  N S 387 
SER C    C  N N 388 
SER O    O  N N 389 
SER CB   C  N N 390 
SER OG   O  N N 391 
SER OXT  O  N N 392 
SER H    H  N N 393 
SER H2   H  N N 394 
SER HA   H  N N 395 
SER HB2  H  N N 396 
SER HB3  H  N N 397 
SER HG   H  N N 398 
SER HXT  H  N N 399 
THR N    N  N N 400 
THR CA   C  N S 401 
THR C    C  N N 402 
THR O    O  N N 403 
THR CB   C  N R 404 
THR OG1  O  N N 405 
THR CG2  C  N N 406 
THR OXT  O  N N 407 
THR H    H  N N 408 
THR H2   H  N N 409 
THR HA   H  N N 410 
THR HB   H  N N 411 
THR HG1  H  N N 412 
THR HG21 H  N N 413 
THR HG22 H  N N 414 
THR HG23 H  N N 415 
THR HXT  H  N N 416 
TRP N    N  N N 417 
TRP CA   C  N S 418 
TRP C    C  N N 419 
TRP O    O  N N 420 
TRP CB   C  N N 421 
TRP CG   C  Y N 422 
TRP CD1  C  Y N 423 
TRP CD2  C  Y N 424 
TRP NE1  N  Y N 425 
TRP CE2  C  Y N 426 
TRP CE3  C  Y N 427 
TRP CZ2  C  Y N 428 
TRP CZ3  C  Y N 429 
TRP CH2  C  Y N 430 
TRP OXT  O  N N 431 
TRP H    H  N N 432 
TRP H2   H  N N 433 
TRP HA   H  N N 434 
TRP HB2  H  N N 435 
TRP HB3  H  N N 436 
TRP HD1  H  N N 437 
TRP HE1  H  N N 438 
TRP HE3  H  N N 439 
TRP HZ2  H  N N 440 
TRP HZ3  H  N N 441 
TRP HH2  H  N N 442 
TRP HXT  H  N N 443 
TYR N    N  N N 444 
TYR CA   C  N S 445 
TYR C    C  N N 446 
TYR O    O  N N 447 
TYR CB   C  N N 448 
TYR CG   C  Y N 449 
TYR CD1  C  Y N 450 
TYR CD2  C  Y N 451 
TYR CE1  C  Y N 452 
TYR CE2  C  Y N 453 
TYR CZ   C  Y N 454 
TYR OH   O  N N 455 
TYR OXT  O  N N 456 
TYR H    H  N N 457 
TYR H2   H  N N 458 
TYR HA   H  N N 459 
TYR HB2  H  N N 460 
TYR HB3  H  N N 461 
TYR HD1  H  N N 462 
TYR HD2  H  N N 463 
TYR HE1  H  N N 464 
TYR HE2  H  N N 465 
TYR HH   H  N N 466 
TYR HXT  H  N N 467 
VAL N    N  N N 468 
VAL CA   C  N S 469 
VAL C    C  N N 470 
VAL O    O  N N 471 
VAL CB   C  N N 472 
VAL CG1  C  N N 473 
VAL CG2  C  N N 474 
VAL OXT  O  N N 475 
VAL H    H  N N 476 
VAL H2   H  N N 477 
VAL HA   H  N N 478 
VAL HB   H  N N 479 
VAL HG11 H  N N 480 
VAL HG12 H  N N 481 
VAL HG13 H  N N 482 
VAL HG21 H  N N 483 
VAL HG22 H  N N 484 
VAL HG23 H  N N 485 
VAL HXT  H  N N 486 
# 
loop_
_chem_comp_bond.comp_id 
_chem_comp_bond.atom_id_1 
_chem_comp_bond.atom_id_2 
_chem_comp_bond.value_order 
_chem_comp_bond.pdbx_aromatic_flag 
_chem_comp_bond.pdbx_stereo_config 
_chem_comp_bond.pdbx_ordinal 
ALA N   CA   sing N N 1   
ALA N   H    sing N N 2   
ALA N   H2   sing N N 3   
ALA CA  C    sing N N 4   
ALA CA  CB   sing N N 5   
ALA CA  HA   sing N N 6   
ALA C   O    doub N N 7   
ALA C   OXT  sing N N 8   
ALA CB  HB1  sing N N 9   
ALA CB  HB2  sing N N 10  
ALA CB  HB3  sing N N 11  
ALA OXT HXT  sing N N 12  
ARG N   CA   sing N N 13  
ARG N   H    sing N N 14  
ARG N   H2   sing N N 15  
ARG CA  C    sing N N 16  
ARG CA  CB   sing N N 17  
ARG CA  HA   sing N N 18  
ARG C   O    doub N N 19  
ARG C   OXT  sing N N 20  
ARG CB  CG   sing N N 21  
ARG CB  HB2  sing N N 22  
ARG CB  HB3  sing N N 23  
ARG CG  CD   sing N N 24  
ARG CG  HG2  sing N N 25  
ARG CG  HG3  sing N N 26  
ARG CD  NE   sing N N 27  
ARG CD  HD2  sing N N 28  
ARG CD  HD3  sing N N 29  
ARG NE  CZ   sing N N 30  
ARG NE  HE   sing N N 31  
ARG CZ  NH1  sing N N 32  
ARG CZ  NH2  doub N N 33  
ARG NH1 HH11 sing N N 34  
ARG NH1 HH12 sing N N 35  
ARG NH2 HH21 sing N N 36  
ARG NH2 HH22 sing N N 37  
ARG OXT HXT  sing N N 38  
ASN N   CA   sing N N 39  
ASN N   H    sing N N 40  
ASN N   H2   sing N N 41  
ASN CA  C    sing N N 42  
ASN CA  CB   sing N N 43  
ASN CA  HA   sing N N 44  
ASN C   O    doub N N 45  
ASN C   OXT  sing N N 46  
ASN CB  CG   sing N N 47  
ASN CB  HB2  sing N N 48  
ASN CB  HB3  sing N N 49  
ASN CG  OD1  doub N N 50  
ASN CG  ND2  sing N N 51  
ASN ND2 HD21 sing N N 52  
ASN ND2 HD22 sing N N 53  
ASN OXT HXT  sing N N 54  
ASP N   CA   sing N N 55  
ASP N   H    sing N N 56  
ASP N   H2   sing N N 57  
ASP CA  C    sing N N 58  
ASP CA  CB   sing N N 59  
ASP CA  HA   sing N N 60  
ASP C   O    doub N N 61  
ASP C   OXT  sing N N 62  
ASP CB  CG   sing N N 63  
ASP CB  HB2  sing N N 64  
ASP CB  HB3  sing N N 65  
ASP CG  OD1  doub N N 66  
ASP CG  OD2  sing N N 67  
ASP OD2 HD2  sing N N 68  
ASP OXT HXT  sing N N 69  
CYS N   CA   sing N N 70  
CYS N   H    sing N N 71  
CYS N   H2   sing N N 72  
CYS CA  C    sing N N 73  
CYS CA  CB   sing N N 74  
CYS CA  HA   sing N N 75  
CYS C   O    doub N N 76  
CYS C   OXT  sing N N 77  
CYS CB  SG   sing N N 78  
CYS CB  HB2  sing N N 79  
CYS CB  HB3  sing N N 80  
CYS SG  HG   sing N N 81  
CYS OXT HXT  sing N N 82  
GLN N   CA   sing N N 83  
GLN N   H    sing N N 84  
GLN N   H2   sing N N 85  
GLN CA  C    sing N N 86  
GLN CA  CB   sing N N 87  
GLN CA  HA   sing N N 88  
GLN C   O    doub N N 89  
GLN C   OXT  sing N N 90  
GLN CB  CG   sing N N 91  
GLN CB  HB2  sing N N 92  
GLN CB  HB3  sing N N 93  
GLN CG  CD   sing N N 94  
GLN CG  HG2  sing N N 95  
GLN CG  HG3  sing N N 96  
GLN CD  OE1  doub N N 97  
GLN CD  NE2  sing N N 98  
GLN NE2 HE21 sing N N 99  
GLN NE2 HE22 sing N N 100 
GLN OXT HXT  sing N N 101 
GLU N   CA   sing N N 102 
GLU N   H    sing N N 103 
GLU N   H2   sing N N 104 
GLU CA  C    sing N N 105 
GLU CA  CB   sing N N 106 
GLU CA  HA   sing N N 107 
GLU C   O    doub N N 108 
GLU C   OXT  sing N N 109 
GLU CB  CG   sing N N 110 
GLU CB  HB2  sing N N 111 
GLU CB  HB3  sing N N 112 
GLU CG  CD   sing N N 113 
GLU CG  HG2  sing N N 114 
GLU CG  HG3  sing N N 115 
GLU CD  OE1  doub N N 116 
GLU CD  OE2  sing N N 117 
GLU OE2 HE2  sing N N 118 
GLU OXT HXT  sing N N 119 
GLY N   CA   sing N N 120 
GLY N   H    sing N N 121 
GLY N   H2   sing N N 122 
GLY CA  C    sing N N 123 
GLY CA  HA2  sing N N 124 
GLY CA  HA3  sing N N 125 
GLY C   O    doub N N 126 
GLY C   OXT  sing N N 127 
GLY OXT HXT  sing N N 128 
HIS N   CA   sing N N 129 
HIS N   H    sing N N 130 
HIS N   H2   sing N N 131 
HIS CA  C    sing N N 132 
HIS CA  CB   sing N N 133 
HIS CA  HA   sing N N 134 
HIS C   O    doub N N 135 
HIS C   OXT  sing N N 136 
HIS CB  CG   sing N N 137 
HIS CB  HB2  sing N N 138 
HIS CB  HB3  sing N N 139 
HIS CG  ND1  sing Y N 140 
HIS CG  CD2  doub Y N 141 
HIS ND1 CE1  doub Y N 142 
HIS ND1 HD1  sing N N 143 
HIS CD2 NE2  sing Y N 144 
HIS CD2 HD2  sing N N 145 
HIS CE1 NE2  sing Y N 146 
HIS CE1 HE1  sing N N 147 
HIS NE2 HE2  sing N N 148 
HIS OXT HXT  sing N N 149 
HOH O   H1   sing N N 150 
HOH O   H2   sing N N 151 
ILE N   CA   sing N N 152 
ILE N   H    sing N N 153 
ILE N   H2   sing N N 154 
ILE CA  C    sing N N 155 
ILE CA  CB   sing N N 156 
ILE CA  HA   sing N N 157 
ILE C   O    doub N N 158 
ILE C   OXT  sing N N 159 
ILE CB  CG1  sing N N 160 
ILE CB  CG2  sing N N 161 
ILE CB  HB   sing N N 162 
ILE CG1 CD1  sing N N 163 
ILE CG1 HG12 sing N N 164 
ILE CG1 HG13 sing N N 165 
ILE CG2 HG21 sing N N 166 
ILE CG2 HG22 sing N N 167 
ILE CG2 HG23 sing N N 168 
ILE CD1 HD11 sing N N 169 
ILE CD1 HD12 sing N N 170 
ILE CD1 HD13 sing N N 171 
ILE OXT HXT  sing N N 172 
LEU N   CA   sing N N 173 
LEU N   H    sing N N 174 
LEU N   H2   sing N N 175 
LEU CA  C    sing N N 176 
LEU CA  CB   sing N N 177 
LEU CA  HA   sing N N 178 
LEU C   O    doub N N 179 
LEU C   OXT  sing N N 180 
LEU CB  CG   sing N N 181 
LEU CB  HB2  sing N N 182 
LEU CB  HB3  sing N N 183 
LEU CG  CD1  sing N N 184 
LEU CG  CD2  sing N N 185 
LEU CG  HG   sing N N 186 
LEU CD1 HD11 sing N N 187 
LEU CD1 HD12 sing N N 188 
LEU CD1 HD13 sing N N 189 
LEU CD2 HD21 sing N N 190 
LEU CD2 HD22 sing N N 191 
LEU CD2 HD23 sing N N 192 
LEU OXT HXT  sing N N 193 
LYS N   CA   sing N N 194 
LYS N   H    sing N N 195 
LYS N   H2   sing N N 196 
LYS CA  C    sing N N 197 
LYS CA  CB   sing N N 198 
LYS CA  HA   sing N N 199 
LYS C   O    doub N N 200 
LYS C   OXT  sing N N 201 
LYS CB  CG   sing N N 202 
LYS CB  HB2  sing N N 203 
LYS CB  HB3  sing N N 204 
LYS CG  CD   sing N N 205 
LYS CG  HG2  sing N N 206 
LYS CG  HG3  sing N N 207 
LYS CD  CE   sing N N 208 
LYS CD  HD2  sing N N 209 
LYS CD  HD3  sing N N 210 
LYS CE  NZ   sing N N 211 
LYS CE  HE2  sing N N 212 
LYS CE  HE3  sing N N 213 
LYS NZ  HZ1  sing N N 214 
LYS NZ  HZ2  sing N N 215 
LYS NZ  HZ3  sing N N 216 
LYS OXT HXT  sing N N 217 
MET N   CA   sing N N 218 
MET N   H    sing N N 219 
MET N   H2   sing N N 220 
MET CA  C    sing N N 221 
MET CA  CB   sing N N 222 
MET CA  HA   sing N N 223 
MET C   O    doub N N 224 
MET C   OXT  sing N N 225 
MET CB  CG   sing N N 226 
MET CB  HB2  sing N N 227 
MET CB  HB3  sing N N 228 
MET CG  SD   sing N N 229 
MET CG  HG2  sing N N 230 
MET CG  HG3  sing N N 231 
MET SD  CE   sing N N 232 
MET CE  HE1  sing N N 233 
MET CE  HE2  sing N N 234 
MET CE  HE3  sing N N 235 
MET OXT HXT  sing N N 236 
PHE N   CA   sing N N 237 
PHE N   H    sing N N 238 
PHE N   H2   sing N N 239 
PHE CA  C    sing N N 240 
PHE CA  CB   sing N N 241 
PHE CA  HA   sing N N 242 
PHE C   O    doub N N 243 
PHE C   OXT  sing N N 244 
PHE CB  CG   sing N N 245 
PHE CB  HB2  sing N N 246 
PHE CB  HB3  sing N N 247 
PHE CG  CD1  doub Y N 248 
PHE CG  CD2  sing Y N 249 
PHE CD1 CE1  sing Y N 250 
PHE CD1 HD1  sing N N 251 
PHE CD2 CE2  doub Y N 252 
PHE CD2 HD2  sing N N 253 
PHE CE1 CZ   doub Y N 254 
PHE CE1 HE1  sing N N 255 
PHE CE2 CZ   sing Y N 256 
PHE CE2 HE2  sing N N 257 
PHE CZ  HZ   sing N N 258 
PHE OXT HXT  sing N N 259 
PRO N   CA   sing N N 260 
PRO N   CD   sing N N 261 
PRO N   H    sing N N 262 
PRO CA  C    sing N N 263 
PRO CA  CB   sing N N 264 
PRO CA  HA   sing N N 265 
PRO C   O    doub N N 266 
PRO C   OXT  sing N N 267 
PRO CB  CG   sing N N 268 
PRO CB  HB2  sing N N 269 
PRO CB  HB3  sing N N 270 
PRO CG  CD   sing N N 271 
PRO CG  HG2  sing N N 272 
PRO CG  HG3  sing N N 273 
PRO CD  HD2  sing N N 274 
PRO CD  HD3  sing N N 275 
PRO OXT HXT  sing N N 276 
Q4S CL1 C17  sing N N 277 
Q4S C17 C16  doub Y N 278 
Q4S C17 C18  sing Y N 279 
Q4S C16 C15  sing Y N 280 
Q4S C18 C13  doub Y N 281 
Q4S C15 C14  doub Y N 282 
Q4S C13 C14  sing Y N 283 
Q4S C13 C2   sing N N 284 
Q4S C11 O1   sing N N 285 
Q4S C11 C1   sing N N 286 
Q4S C14 C1   sing N N 287 
Q4S C2  C3   sing N N 288 
Q4S O1  C10  sing N N 289 
Q4S C4  C1   sing N N 290 
Q4S C4  C3   sing N N 291 
Q4S C1  C12  sing N N 292 
Q4S C5  C10  doub Y N 293 
Q4S C5  C6   sing Y N 294 
Q4S C10 C9   sing Y N 295 
Q4S C6  C7   doub Y N 296 
Q4S C12 N1   sing N N 297 
Q4S C9  N1   sing N N 298 
Q4S C9  C8   doub Y N 299 
Q4S N1  C19  sing N N 300 
Q4S C7  C8   sing Y N 301 
Q4S C7  C23  sing N N 302 
Q4S O5  C33  doub N N 303 
Q4S O2  C23  sing N N 304 
Q4S C19 C20  sing N N 305 
Q4S O6  S1   doub N N 306 
Q4S C23 C33  sing N N 307 
Q4S C23 C24  sing N N 308 
Q4S C33 N3   sing N N 309 
Q4S N3  S1   sing N N 310 
Q4S C20 C31  sing N N 311 
Q4S C20 C21  sing N N 312 
Q4S S1  O7   doub N N 313 
Q4S S1  N4   sing N N 314 
Q4S C24 C25  sing N N 315 
Q4S C31 C30  sing N N 316 
Q4S C35 N4   sing N N 317 
Q4S O3  C25  doub N N 318 
Q4S C21 C30  sing N N 319 
Q4S C21 C22  sing N N 320 
Q4S N4  C36  sing N N 321 
Q4S C25 N2   sing N N 322 
Q4S C22 C29  sing N N 323 
Q4S C22 O4   sing N N 324 
Q4S N2  C26  sing N N 325 
Q4S N2  C32  sing N N 326 
Q4S C26 C27  sing N N 327 
Q4S C29 C28  doub N E 328 
Q4S C28 C27  sing N N 329 
Q4S O4  C34  sing N N 330 
Q4S C4  H1   sing N N 331 
Q4S C4  H2   sing N N 332 
Q4S C3  H3   sing N N 333 
Q4S C3  H4   sing N N 334 
Q4S C2  H5   sing N N 335 
Q4S C2  H6   sing N N 336 
Q4S C18 H7   sing N N 337 
Q4S C16 H8   sing N N 338 
Q4S C15 H9   sing N N 339 
Q4S C12 H10  sing N N 340 
Q4S C12 H11  sing N N 341 
Q4S C11 H12  sing N N 342 
Q4S C11 H13  sing N N 343 
Q4S C5  H14  sing N N 344 
Q4S C6  H15  sing N N 345 
Q4S C8  H16  sing N N 346 
Q4S C19 H17  sing N N 347 
Q4S C19 H18  sing N N 348 
Q4S C20 H19  sing N N 349 
Q4S C31 H20  sing N N 350 
Q4S C31 H21  sing N N 351 
Q4S C30 H22  sing N N 352 
Q4S C30 H23  sing N N 353 
Q4S C21 H24  sing N N 354 
Q4S C22 H25  sing N N 355 
Q4S C34 H26  sing N N 356 
Q4S C34 H27  sing N N 357 
Q4S C34 H28  sing N N 358 
Q4S C29 H29  sing N N 359 
Q4S C28 H30  sing N N 360 
Q4S C27 H31  sing N N 361 
Q4S C27 H32  sing N N 362 
Q4S C26 H33  sing N N 363 
Q4S C26 H34  sing N N 364 
Q4S C32 H35  sing N N 365 
Q4S C32 H36  sing N N 366 
Q4S C32 H37  sing N N 367 
Q4S C24 H38  sing N N 368 
Q4S C24 H39  sing N N 369 
Q4S O2  H40  sing N N 370 
Q4S N3  H41  sing N N 371 
Q4S C36 H42  sing N N 372 
Q4S C36 H43  sing N N 373 
Q4S C36 H44  sing N N 374 
Q4S C35 H45  sing N N 375 
Q4S C35 H46  sing N N 376 
Q4S C35 H47  sing N N 377 
SER N   CA   sing N N 378 
SER N   H    sing N N 379 
SER N   H2   sing N N 380 
SER CA  C    sing N N 381 
SER CA  CB   sing N N 382 
SER CA  HA   sing N N 383 
SER C   O    doub N N 384 
SER C   OXT  sing N N 385 
SER CB  OG   sing N N 386 
SER CB  HB2  sing N N 387 
SER CB  HB3  sing N N 388 
SER OG  HG   sing N N 389 
SER OXT HXT  sing N N 390 
THR N   CA   sing N N 391 
THR N   H    sing N N 392 
THR N   H2   sing N N 393 
THR CA  C    sing N N 394 
THR CA  CB   sing N N 395 
THR CA  HA   sing N N 396 
THR C   O    doub N N 397 
THR C   OXT  sing N N 398 
THR CB  OG1  sing N N 399 
THR CB  CG2  sing N N 400 
THR CB  HB   sing N N 401 
THR OG1 HG1  sing N N 402 
THR CG2 HG21 sing N N 403 
THR CG2 HG22 sing N N 404 
THR CG2 HG23 sing N N 405 
THR OXT HXT  sing N N 406 
TRP N   CA   sing N N 407 
TRP N   H    sing N N 408 
TRP N   H2   sing N N 409 
TRP CA  C    sing N N 410 
TRP CA  CB   sing N N 411 
TRP CA  HA   sing N N 412 
TRP C   O    doub N N 413 
TRP C   OXT  sing N N 414 
TRP CB  CG   sing N N 415 
TRP CB  HB2  sing N N 416 
TRP CB  HB3  sing N N 417 
TRP CG  CD1  doub Y N 418 
TRP CG  CD2  sing Y N 419 
TRP CD1 NE1  sing Y N 420 
TRP CD1 HD1  sing N N 421 
TRP CD2 CE2  doub Y N 422 
TRP CD2 CE3  sing Y N 423 
TRP NE1 CE2  sing Y N 424 
TRP NE1 HE1  sing N N 425 
TRP CE2 CZ2  sing Y N 426 
TRP CE3 CZ3  doub Y N 427 
TRP CE3 HE3  sing N N 428 
TRP CZ2 CH2  doub Y N 429 
TRP CZ2 HZ2  sing N N 430 
TRP CZ3 CH2  sing Y N 431 
TRP CZ3 HZ3  sing N N 432 
TRP CH2 HH2  sing N N 433 
TRP OXT HXT  sing N N 434 
TYR N   CA   sing N N 435 
TYR N   H    sing N N 436 
TYR N   H2   sing N N 437 
TYR CA  C    sing N N 438 
TYR CA  CB   sing N N 439 
TYR CA  HA   sing N N 440 
TYR C   O    doub N N 441 
TYR C   OXT  sing N N 442 
TYR CB  CG   sing N N 443 
TYR CB  HB2  sing N N 444 
TYR CB  HB3  sing N N 445 
TYR CG  CD1  doub Y N 446 
TYR CG  CD2  sing Y N 447 
TYR CD1 CE1  sing Y N 448 
TYR CD1 HD1  sing N N 449 
TYR CD2 CE2  doub Y N 450 
TYR CD2 HD2  sing N N 451 
TYR CE1 CZ   doub Y N 452 
TYR CE1 HE1  sing N N 453 
TYR CE2 CZ   sing Y N 454 
TYR CE2 HE2  sing N N 455 
TYR CZ  OH   sing N N 456 
TYR OH  HH   sing N N 457 
TYR OXT HXT  sing N N 458 
VAL N   CA   sing N N 459 
VAL N   H    sing N N 460 
VAL N   H2   sing N N 461 
VAL CA  C    sing N N 462 
VAL CA  CB   sing N N 463 
VAL CA  HA   sing N N 464 
VAL C   O    doub N N 465 
VAL C   OXT  sing N N 466 
VAL CB  CG1  sing N N 467 
VAL CB  CG2  sing N N 468 
VAL CB  HB   sing N N 469 
VAL CG1 HG11 sing N N 470 
VAL CG1 HG12 sing N N 471 
VAL CG1 HG13 sing N N 472 
VAL CG2 HG21 sing N N 473 
VAL CG2 HG22 sing N N 474 
VAL CG2 HG23 sing N N 475 
VAL OXT HXT  sing N N 476 
# 
_pdbx_entity_instance_feature.ordinal        1 
_pdbx_entity_instance_feature.comp_id        Q4S 
_pdbx_entity_instance_feature.asym_id        ? 
_pdbx_entity_instance_feature.seq_num        ? 
_pdbx_entity_instance_feature.auth_comp_id   Q4S 
_pdbx_entity_instance_feature.auth_asym_id   ? 
_pdbx_entity_instance_feature.auth_seq_num   ? 
_pdbx_entity_instance_feature.feature_type   'SUBJECT OF INVESTIGATION' 
_pdbx_entity_instance_feature.details        ? 
# 
_atom_sites.entry_id                    6UDI 
_atom_sites.Cartn_transf_matrix[1][1]   ? 
_atom_sites.Cartn_transf_matrix[1][2]   ? 
_atom_sites.Cartn_transf_matrix[1][3]   ? 
_atom_sites.Cartn_transf_matrix[2][1]   ? 
_atom_sites.Cartn_transf_matrix[2][2]   ? 
_atom_sites.Cartn_transf_matrix[2][3]   ? 
_atom_sites.Cartn_transf_matrix[3][1]   ? 
_atom_sites.Cartn_transf_matrix[3][2]   ? 
_atom_sites.Cartn_transf_matrix[3][3]   ? 
_atom_sites.Cartn_transf_vector[1]      ? 
_atom_sites.Cartn_transf_vector[2]      ? 
_atom_sites.Cartn_transf_vector[3]      ? 
_atom_sites.fract_transf_matrix[1][1]   -0.00071239 
_atom_sites.fract_transf_matrix[1][2]   -0.02270543 
_atom_sites.fract_transf_matrix[1][3]   0.00226255 
_atom_sites.fract_transf_matrix[2][1]   -0.00283620 
_atom_sites.fract_transf_matrix[2][2]   0.00115752 
_atom_sites.fract_transf_matrix[2][3]   0.01072302 
_atom_sites.fract_transf_matrix[3][1]   -0.01140897 
_atom_sites.fract_transf_matrix[3][2]   0.00005665 
_atom_sites.fract_transf_matrix[3][3]   -0.00302375 
_atom_sites.fract_transf_vector[1]      0.161201 
_atom_sites.fract_transf_vector[2]      0.143850 
_atom_sites.fract_transf_vector[3]      1.111070 
_atom_sites.solution_primary            ? 
_atom_sites.solution_secondary          ? 
_atom_sites.solution_hydrogens          ? 
_atom_sites.special_details             ? 
# 
loop_
_atom_type.symbol 
C  
CL 
N  
O  
S  
# 
loop_
_atom_site.group_PDB 
_atom_site.id 
_atom_site.type_symbol 
_atom_site.label_atom_id 
_atom_site.label_alt_id 
_atom_site.label_comp_id 
_atom_site.label_asym_id 
_atom_site.label_entity_id 
_atom_site.label_seq_id 
_atom_site.pdbx_PDB_ins_code 
_atom_site.Cartn_x 
_atom_site.Cartn_y 
_atom_site.Cartn_z 
_atom_site.occupancy 
_atom_site.B_iso_or_equiv 
_atom_site.pdbx_formal_charge 
_atom_site.auth_seq_id 
_atom_site.auth_comp_id 
_atom_site.auth_asym_id 
_atom_site.auth_atom_id 
_atom_site.pdbx_PDB_model_num 
ATOM   1    N  N   . ASP A 1 2   ? 17.767  4.197   7.286   1.00 30.31 ? 172 ASP A N   1 
ATOM   2    C  CA  . ASP A 1 2   ? 16.796  4.629   6.229   1.00 28.51 ? 172 ASP A CA  1 
ATOM   3    C  C   . ASP A 1 2   ? 15.390  4.802   6.825   1.00 26.26 ? 172 ASP A C   1 
ATOM   4    O  O   . ASP A 1 2   ? 14.563  3.876   6.809   1.00 24.74 ? 172 ASP A O   1 
ATOM   5    C  CB  . ASP A 1 2   ? 16.792  3.610   5.087   1.00 26.58 ? 172 ASP A CB  1 
ATOM   6    C  CG  . ASP A 1 2   ? 16.100  4.123   3.827   1.00 23.41 ? 172 ASP A CG  1 
ATOM   7    O  OD1 . ASP A 1 2   ? 15.383  5.135   3.877   1.00 22.68 ? 172 ASP A OD1 1 
ATOM   8    O  OD2 . ASP A 1 2   ? 16.259  3.476   2.770   1.00 23.06 ? 172 ASP A OD2 1 
ATOM   9    N  N   . GLU A 1 3   ? 15.125  5.996   7.346   1.00 27.92 ? 173 GLU A N   1 
ATOM   10   C  CA  . GLU A 1 3   ? 13.892  6.242   8.088   1.00 31.30 ? 173 GLU A CA  1 
ATOM   11   C  C   . GLU A 1 3   ? 12.669  6.177   7.181   1.00 27.73 ? 173 GLU A C   1 
ATOM   12   O  O   . GLU A 1 3   ? 11.623  5.682   7.589   1.00 24.73 ? 173 GLU A O   1 
ATOM   13   C  CB  . GLU A 1 3   ? 13.940  7.600   8.797   1.00 36.60 ? 173 GLU A CB  1 
ATOM   14   C  CG  . GLU A 1 3   ? 12.642  8.000   9.488   1.00 44.62 ? 173 GLU A CG  1 
ATOM   15   C  CD  . GLU A 1 3   ? 12.226  7.025   10.578  1.00 52.46 ? 173 GLU A CD  1 
ATOM   16   O  OE1 . GLU A 1 3   ? 12.785  7.111   11.695  1.00 62.14 ? 173 GLU A OE1 1 
ATOM   17   O  OE2 . GLU A 1 3   ? 11.338  6.180   10.320  1.00 54.90 ? 173 GLU A OE2 1 
ATOM   18   N  N   . LEU A 1 4   ? 12.798  6.718   5.975   1.00 24.74 ? 174 LEU A N   1 
ATOM   19   C  CA  . LEU A 1 4   ? 11.704  6.695   5.014   1.00 24.60 ? 174 LEU A CA  1 
ATOM   20   C  C   . LEU A 1 4   ? 11.329  5.263   4.606   1.00 22.29 ? 174 LEU A C   1 
ATOM   21   O  O   . LEU A 1 4   ? 10.151  4.946   4.534   1.00 22.37 ? 174 LEU A O   1 
ATOM   22   C  CB  . LEU A 1 4   ? 12.035  7.556   3.788   1.00 24.30 ? 174 LEU A CB  1 
ATOM   23   C  CG  . LEU A 1 4   ? 10.999  7.526   2.652   1.00 25.50 ? 174 LEU A CG  1 
ATOM   24   C  CD1 . LEU A 1 4   ? 9.636   8.028   3.129   1.00 22.83 ? 174 LEU A CD1 1 
ATOM   25   C  CD2 . LEU A 1 4   ? 11.487  8.330   1.455   1.00 24.66 ? 174 LEU A CD2 1 
ATOM   26   N  N   . TYR A 1 5   ? 12.313  4.399   4.353   1.00 22.46 ? 175 TYR A N   1 
ATOM   27   C  CA  . TYR A 1 5   ? 12.021  3.006   4.042   1.00 22.82 ? 175 TYR A CA  1 
ATOM   28   C  C   . TYR A 1 5   ? 11.310  2.307   5.204   1.00 24.91 ? 175 TYR A C   1 
ATOM   29   O  O   . TYR A 1 5   ? 10.281  1.658   5.012   1.00 23.69 ? 175 TYR A O   1 
ATOM   30   C  CB  . TYR A 1 5   ? 13.278  2.213   3.669   1.00 24.17 ? 175 TYR A CB  1 
ATOM   31   C  CG  . TYR A 1 5   ? 12.932  0.807   3.220   1.00 25.46 ? 175 TYR A CG  1 
ATOM   32   C  CD1 . TYR A 1 5   ? 12.657  0.539   1.885   1.00 26.46 ? 175 TYR A CD1 1 
ATOM   33   C  CD2 . TYR A 1 5   ? 12.833  -0.243  4.138   1.00 27.14 ? 175 TYR A CD2 1 
ATOM   34   C  CE1 . TYR A 1 5   ? 12.307  -0.727  1.469   1.00 26.78 ? 175 TYR A CE1 1 
ATOM   35   C  CE2 . TYR A 1 5   ? 12.493  -1.527  3.729   1.00 29.37 ? 175 TYR A CE2 1 
ATOM   36   C  CZ  . TYR A 1 5   ? 12.231  -1.763  2.395   1.00 29.40 ? 175 TYR A CZ  1 
ATOM   37   O  OH  . TYR A 1 5   ? 11.875  -3.023  1.986   1.00 33.43 ? 175 TYR A OH  1 
ATOM   38   N  N   . ARG A 1 6   ? 11.872  2.432   6.398   1.00 25.59 ? 176 ARG A N   1 
ATOM   39   C  CA  . ARG A 1 6   ? 11.331  1.755   7.581   1.00 28.43 ? 176 ARG A CA  1 
ATOM   40   C  C   . ARG A 1 6   ? 9.873   2.165   7.828   1.00 26.05 ? 176 ARG A C   1 
ATOM   41   O  O   . ARG A 1 6   ? 8.995   1.317   8.055   1.00 25.32 ? 176 ARG A O   1 
ATOM   42   C  CB  . ARG A 1 6   ? 12.181  2.099   8.809   1.00 33.08 ? 176 ARG A CB  1 
ATOM   43   C  CG  . ARG A 1 6   ? 11.806  1.330   10.080  1.00 40.09 ? 176 ARG A CG  1 
ATOM   44   C  CD  . ARG A 1 6   ? 12.050  2.155   11.345  1.00 44.54 ? 176 ARG A CD  1 
ATOM   45   N  NE  . ARG A 1 6   ? 11.217  3.360   11.378  1.00 49.68 ? 176 ARG A NE  1 
ATOM   46   C  CZ  . ARG A 1 6   ? 9.912   3.390   11.666  1.00 51.82 ? 176 ARG A CZ  1 
ATOM   47   N  NH1 . ARG A 1 6   ? 9.245   2.276   11.969  1.00 51.98 ? 176 ARG A NH1 1 
ATOM   48   N  NH2 . ARG A 1 6   ? 9.266   4.555   11.657  1.00 51.29 ? 176 ARG A NH2 1 
ATOM   49   N  N   . GLN A 1 7   ? 9.633   3.472   7.786   1.00 25.21 ? 177 GLN A N   1 
ATOM   50   C  CA  . GLN A 1 7   ? 8.303   4.029   8.020   1.00 26.88 ? 177 GLN A CA  1 
ATOM   51   C  C   . GLN A 1 7   ? 7.324   3.567   6.936   1.00 24.92 ? 177 GLN A C   1 
ATOM   52   O  O   . GLN A 1 7   ? 6.197   3.166   7.231   1.00 22.60 ? 177 GLN A O   1 
ATOM   53   C  CB  . GLN A 1 7   ? 8.373   5.560   8.069   1.00 27.69 ? 177 GLN A CB  1 
ATOM   54   C  CG  . GLN A 1 7   ? 7.015   6.243   8.123   1.00 27.95 ? 177 GLN A CG  1 
ATOM   55   C  CD  . GLN A 1 7   ? 7.115   7.732   8.366   1.00 28.71 ? 177 GLN A CD  1 
ATOM   56   O  OE1 . GLN A 1 7   ? 7.905   8.423   7.726   1.00 29.55 ? 177 GLN A OE1 1 
ATOM   57   N  NE2 . GLN A 1 7   ? 6.299   8.240   9.287   1.00 29.10 ? 177 GLN A NE2 1 
ATOM   58   N  N   . SER A 1 8   ? 7.765   3.634   5.681   1.00 23.75 ? 178 SER A N   1 
ATOM   59   C  CA  . SER A 1 8   ? 6.970   3.147   4.557   1.00 21.54 ? 178 SER A CA  1 
ATOM   60   C  C   . SER A 1 8   ? 6.576   1.680   4.730   1.00 22.16 ? 178 SER A C   1 
ATOM   61   O  O   . SER A 1 8   ? 5.403   1.330   4.550   1.00 22.30 ? 178 SER A O   1 
ATOM   62   C  CB  . SER A 1 8   ? 7.731   3.341   3.249   1.00 19.43 ? 178 SER A CB  1 
ATOM   63   O  OG  . SER A 1 8   ? 7.928   4.722   3.003   1.00 18.04 ? 178 SER A OG  1 
ATOM   64   N  N   . LEU A 1 9   ? 7.542   0.838   5.100   1.00 22.07 ? 179 LEU A N   1 
ATOM   65   C  CA  . LEU A 1 9   ? 7.288   -0.598  5.264   1.00 23.83 ? 179 LEU A CA  1 
ATOM   66   C  C   . LEU A 1 9   ? 6.264   -0.870  6.358   1.00 24.98 ? 179 LEU A C   1 
ATOM   67   O  O   . LEU A 1 9   ? 5.386   -1.727  6.209   1.00 24.86 ? 179 LEU A O   1 
ATOM   68   C  CB  . LEU A 1 9   ? 8.582   -1.351  5.596   1.00 23.97 ? 179 LEU A CB  1 
ATOM   69   C  CG  . LEU A 1 9   ? 8.483   -2.882  5.705   1.00 24.27 ? 179 LEU A CG  1 
ATOM   70   C  CD1 . LEU A 1 9   ? 7.916   -3.530  4.437   1.00 24.43 ? 179 LEU A CD1 1 
ATOM   71   C  CD2 . LEU A 1 9   ? 9.845   -3.480  6.054   1.00 25.11 ? 179 LEU A CD2 1 
ATOM   72   N  N   . GLU A 1 10  ? 6.400   -0.153  7.465   1.00 26.18 ? 180 GLU A N   1 
ATOM   73   C  CA  . GLU A 1 10  ? 5.478   -0.279  8.583   1.00 28.17 ? 180 GLU A CA  1 
ATOM   74   C  C   . GLU A 1 10  ? 4.051   0.068   8.164   1.00 26.03 ? 180 GLU A C   1 
ATOM   75   O  O   . GLU A 1 10  ? 3.124   -0.678  8.443   1.00 24.67 ? 180 GLU A O   1 
ATOM   76   C  CB  . GLU A 1 10  ? 5.906   0.649   9.719   1.00 30.73 ? 180 GLU A CB  1 
ATOM   77   C  CG  . GLU A 1 10  ? 5.002   0.566   10.931  1.00 35.87 ? 180 GLU A CG  1 
ATOM   78   C  CD  . GLU A 1 10  ? 5.741   0.799   12.226  1.00 41.54 ? 180 GLU A CD  1 
ATOM   79   O  OE1 . GLU A 1 10  ? 6.290   1.912   12.407  1.00 49.38 ? 180 GLU A OE1 1 
ATOM   80   O  OE2 . GLU A 1 10  ? 5.767   -0.130  13.059  1.00 45.47 ? 180 GLU A OE2 1 
ATOM   81   N  N   . ILE A 1 11  ? 3.892   1.198   7.487   1.00 24.05 ? 181 ILE A N   1 
ATOM   82   C  CA  . ILE A 1 11  ? 2.565   1.677   7.087   1.00 22.90 ? 181 ILE A CA  1 
ATOM   83   C  C   . ILE A 1 11  ? 1.930   0.688   6.100   1.00 22.97 ? 181 ILE A C   1 
ATOM   84   O  O   . ILE A 1 11  ? 0.773   0.286   6.256   1.00 23.25 ? 181 ILE A O   1 
ATOM   85   C  CB  . ILE A 1 11  ? 2.640   3.086   6.459   1.00 22.82 ? 181 ILE A CB  1 
ATOM   86   C  CG1 . ILE A 1 11  ? 3.047   4.134   7.498   1.00 24.47 ? 181 ILE A CG1 1 
ATOM   87   C  CG2 . ILE A 1 11  ? 1.295   3.494   5.862   1.00 23.88 ? 181 ILE A CG2 1 
ATOM   88   C  CD1 . ILE A 1 11  ? 3.454   5.462   6.881   1.00 22.21 ? 181 ILE A CD1 1 
ATOM   89   N  N   . ILE A 1 12  ? 2.704   0.281   5.101   1.00 22.09 ? 182 ILE A N   1 
ATOM   90   C  CA  . ILE A 1 12  ? 2.210   -0.596  4.052   1.00 20.79 ? 182 ILE A CA  1 
ATOM   91   C  C   . ILE A 1 12  ? 1.893   -1.982  4.622   1.00 22.80 ? 182 ILE A C   1 
ATOM   92   O  O   . ILE A 1 12  ? 0.839   -2.546  4.321   1.00 22.24 ? 182 ILE A O   1 
ATOM   93   C  CB  . ILE A 1 12  ? 3.192   -0.662  2.855   1.00 19.76 ? 182 ILE A CB  1 
ATOM   94   C  CG1 . ILE A 1 12  ? 3.198   0.676   2.111   1.00 20.58 ? 182 ILE A CG1 1 
ATOM   95   C  CG2 . ILE A 1 12  ? 2.806   -1.756  1.869   1.00 19.11 ? 182 ILE A CG2 1 
ATOM   96   C  CD1 . ILE A 1 12  ? 4.303   0.811   1.080   1.00 19.59 ? 182 ILE A CD1 1 
ATOM   97   N  N   . SER A 1 13  ? 2.781   -2.498  5.471   1.00 22.73 ? 183 SER A N   1 
ATOM   98   C  CA  . SER A 1 13  ? 2.618   -3.827  6.060   1.00 24.53 ? 183 SER A CA  1 
ATOM   99   C  C   . SER A 1 13  ? 1.371   -3.916  6.902   1.00 23.86 ? 183 SER A C   1 
ATOM   100  O  O   . SER A 1 13  ? 0.618   -4.881  6.782   1.00 26.69 ? 183 SER A O   1 
ATOM   101  C  CB  . SER A 1 13  ? 3.822   -4.209  6.941   1.00 25.09 ? 183 SER A CB  1 
ATOM   102  O  OG  . SER A 1 13  ? 4.980   -4.371  6.155   1.00 30.31 ? 183 SER A OG  1 
ATOM   103  N  N   . ARG A 1 14  ? 1.172   -2.922  7.761   1.00 25.36 ? 184 ARG A N   1 
ATOM   104  C  CA  . ARG A 1 14  ? -0.002  -2.873  8.620   1.00 26.13 ? 184 ARG A CA  1 
ATOM   105  C  C   . ARG A 1 14  ? -1.304  -2.814  7.808   1.00 25.50 ? 184 ARG A C   1 
ATOM   106  O  O   . ARG A 1 14  ? -2.248  -3.561  8.083   1.00 22.10 ? 184 ARG A O   1 
ATOM   107  C  CB  . ARG A 1 14  ? 0.091   -1.692  9.576   1.00 28.82 ? 184 ARG A CB  1 
ATOM   108  C  CG  . ARG A 1 14  ? 1.070   -1.958  10.704  1.00 34.22 ? 184 ARG A CG  1 
ATOM   109  C  CD  . ARG A 1 14  ? 1.050   -0.866  11.754  1.00 36.05 ? 184 ARG A CD  1 
ATOM   110  N  NE  . ARG A 1 14  ? 2.059   -1.144  12.776  1.00 37.19 ? 184 ARG A NE  1 
ATOM   111  C  CZ  . ARG A 1 14  ? 1.826   -1.350  14.073  1.00 36.91 ? 184 ARG A CZ  1 
ATOM   112  N  NH1 . ARG A 1 14  ? 0.597   -1.290  14.581  1.00 34.95 ? 184 ARG A NH1 1 
ATOM   113  N  NH2 . ARG A 1 14  ? 2.851   -1.598  14.879  1.00 35.31 ? 184 ARG A NH2 1 
ATOM   114  N  N   . TYR A 1 15  ? -1.334  -1.952  6.795   1.00 23.70 ? 185 TYR A N   1 
ATOM   115  C  CA  . TYR A 1 15  ? -2.513  -1.827  5.943   1.00 24.11 ? 185 TYR A CA  1 
ATOM   116  C  C   . TYR A 1 15  ? -2.822  -3.147  5.256   1.00 23.24 ? 185 TYR A C   1 
ATOM   117  O  O   . TYR A 1 15  ? -3.949  -3.623  5.344   1.00 23.89 ? 185 TYR A O   1 
ATOM   118  C  CB  . TYR A 1 15  ? -2.351  -0.704  4.915   1.00 24.74 ? 185 TYR A CB  1 
ATOM   119  C  CG  . TYR A 1 15  ? -3.584  -0.480  4.048   1.00 24.45 ? 185 TYR A CG  1 
ATOM   120  C  CD1 . TYR A 1 15  ? -4.811  -0.148  4.620   1.00 25.98 ? 185 TYR A CD1 1 
ATOM   121  C  CD2 . TYR A 1 15  ? -3.519  -0.586  2.661   1.00 24.17 ? 185 TYR A CD2 1 
ATOM   122  C  CE1 . TYR A 1 15  ? -5.939  0.056   3.844   1.00 25.16 ? 185 TYR A CE1 1 
ATOM   123  C  CE2 . TYR A 1 15  ? -4.642  -0.372  1.869   1.00 24.79 ? 185 TYR A CE2 1 
ATOM   124  C  CZ  . TYR A 1 15  ? -5.847  -0.053  2.460   1.00 25.33 ? 185 TYR A CZ  1 
ATOM   125  O  OH  . TYR A 1 15  ? -6.969  0.164   1.681   1.00 24.29 ? 185 TYR A OH  1 
ATOM   126  N  N   . LEU A 1 16  ? -1.834  -3.743  4.588   1.00 22.26 ? 186 LEU A N   1 
ATOM   127  C  CA  . LEU A 1 16  ? -2.048  -5.056  3.951   1.00 23.15 ? 186 LEU A CA  1 
ATOM   128  C  C   . LEU A 1 16  ? -2.531  -6.164  4.927   1.00 26.06 ? 186 LEU A C   1 
ATOM   129  O  O   . LEU A 1 16  ? -3.471  -6.901  4.618   1.00 24.65 ? 186 LEU A O   1 
ATOM   130  C  CB  . LEU A 1 16  ? -0.818  -5.515  3.183   1.00 22.34 ? 186 LEU A CB  1 
ATOM   131  C  CG  . LEU A 1 16  ? -0.783  -5.057  1.715   1.00 22.41 ? 186 LEU A CG  1 
ATOM   132  C  CD1 . LEU A 1 16  ? -0.824  -3.539  1.588   1.00 22.38 ? 186 LEU A CD1 1 
ATOM   133  C  CD2 . LEU A 1 16  ? 0.430   -5.641  1.015   1.00 22.44 ? 186 LEU A CD2 1 
ATOM   134  N  N   . ARG A 1 17  ? -1.914  -6.253  6.099   1.00 29.18 ? 187 ARG A N   1 
ATOM   135  C  CA  . ARG A 1 17  ? -2.312  -7.242  7.107   1.00 31.33 ? 187 ARG A CA  1 
ATOM   136  C  C   . ARG A 1 17  ? -3.726  -7.006  7.653   1.00 31.98 ? 187 ARG A C   1 
ATOM   137  O  O   . ARG A 1 17  ? -4.511  -7.946  7.829   1.00 29.58 ? 187 ARG A O   1 
ATOM   138  C  CB  . ARG A 1 17  ? -1.312  -7.248  8.269   1.00 33.97 ? 187 ARG A CB  1 
ATOM   139  C  CG  . ARG A 1 17  ? -0.001  -7.935  7.929   1.00 39.56 ? 187 ARG A CG  1 
ATOM   140  C  CD  . ARG A 1 17  ? 0.913   -8.088  9.137   1.00 43.00 ? 187 ARG A CD  1 
ATOM   141  N  NE  . ARG A 1 17  ? 1.814   -6.948  9.305   1.00 47.88 ? 187 ARG A NE  1 
ATOM   142  C  CZ  . ARG A 1 17  ? 1.685   -5.973  10.211  1.00 51.31 ? 187 ARG A CZ  1 
ATOM   143  N  NH1 . ARG A 1 17  ? 0.674   -5.952  11.088  1.00 49.48 ? 187 ARG A NH1 1 
ATOM   144  N  NH2 . ARG A 1 17  ? 2.593   -4.999  10.243  1.00 48.55 ? 187 ARG A NH2 1 
ATOM   145  N  N   . GLU A 1 18  ? -4.015  -5.746  7.951   1.00 31.58 ? 188 GLU A N   1 
ATOM   146  C  CA  . GLU A 1 18  ? -5.305  -5.303  8.475   1.00 31.45 ? 188 GLU A CA  1 
ATOM   147  C  C   . GLU A 1 18  ? -6.418  -5.598  7.452   1.00 33.26 ? 188 GLU A C   1 
ATOM   148  O  O   . GLU A 1 18  ? -7.487  -6.123  7.803   1.00 30.46 ? 188 GLU A O   1 
ATOM   149  C  CB  . GLU A 1 18  ? -5.162  -3.811  8.773   1.00 35.20 ? 188 GLU A CB  1 
ATOM   150  C  CG  . GLU A 1 18  ? -6.333  -3.045  9.318   1.00 38.94 ? 188 GLU A CG  1 
ATOM   151  C  CD  . GLU A 1 18  ? -5.968  -1.573  9.474   1.00 41.26 ? 188 GLU A CD  1 
ATOM   152  O  OE1 . GLU A 1 18  ? -5.195  -1.243  10.402  1.00 37.75 ? 188 GLU A OE1 1 
ATOM   153  O  OE2 . GLU A 1 18  ? -6.434  -0.732  8.663   1.00 39.29 ? 188 GLU A OE2 1 
ATOM   154  N  N   . GLN A 1 19  ? -6.134  -5.302  6.182   1.00 29.38 ? 189 GLN A N   1 
ATOM   155  C  CA  . GLN A 1 19  ? -7.062  -5.577  5.082   1.00 29.55 ? 189 GLN A CA  1 
ATOM   156  C  C   . GLN A 1 19  ? -7.338  -7.065  4.922   1.00 32.43 ? 189 GLN A C   1 
ATOM   157  O  O   . GLN A 1 19  ? -8.483  -7.469  4.722   1.00 34.39 ? 189 GLN A O   1 
ATOM   158  C  CB  . GLN A 1 19  ? -6.514  -5.005  3.770   1.00 26.62 ? 189 GLN A CB  1 
ATOM   159  C  CG  . GLN A 1 19  ? -6.596  -3.490  3.699   1.00 25.51 ? 189 GLN A CG  1 
ATOM   160  C  CD  . GLN A 1 19  ? -7.967  -3.015  3.241   1.00 25.43 ? 189 GLN A CD  1 
ATOM   161  O  OE1 . GLN A 1 19  ? -8.386  -3.299  2.117   1.00 24.45 ? 189 GLN A OE1 1 
ATOM   162  N  NE2 . GLN A 1 19  ? -8.673  -2.295  4.113   1.00 25.00 ? 189 GLN A NE2 1 
ATOM   163  N  N   . ALA A 1 20  ? -6.288  -7.875  5.016   1.00 34.02 ? 190 ALA A N   1 
ATOM   164  C  CA  . ALA A 1 20  ? -6.410  -9.318  4.874   1.00 35.69 ? 190 ALA A CA  1 
ATOM   165  C  C   . ALA A 1 20  ? -7.098  -9.995  6.067   1.00 36.16 ? 190 ALA A C   1 
ATOM   166  O  O   . ALA A 1 20  ? -7.849  -10.941 5.870   1.00 37.12 ? 190 ALA A O   1 
ATOM   167  C  CB  . ALA A 1 20  ? -5.044  -9.945  4.638   1.00 35.75 ? 190 ALA A CB  1 
ATOM   168  N  N   . THR A 1 21  ? -6.844  -9.523  7.286   1.00 36.05 ? 191 THR A N   1 
ATOM   169  C  CA  . THR A 1 21  ? -7.334  -10.210 8.500   1.00 36.55 ? 191 THR A CA  1 
ATOM   170  C  C   . THR A 1 21  ? -8.612  -9.605  9.079   1.00 38.07 ? 191 THR A C   1 
ATOM   171  O  O   . THR A 1 21  ? -9.330  -10.271 9.824   1.00 40.56 ? 191 THR A O   1 
ATOM   172  C  CB  . THR A 1 21  ? -6.276  -10.208 9.622   1.00 36.89 ? 191 THR A CB  1 
ATOM   173  O  OG1 . THR A 1 21  ? -6.026  -8.863  10.050  1.00 37.48 ? 191 THR A OG1 1 
ATOM   174  C  CG2 . THR A 1 21  ? -4.986  -10.836 9.156   1.00 36.12 ? 191 THR A CG2 1 
ATOM   175  N  N   . GLY A 1 22  ? -8.876  -8.342  8.758   1.00 38.39 ? 192 GLY A N   1 
ATOM   176  C  CA  . GLY A 1 22  ? -10.015 -7.614  9.310   1.00 39.16 ? 192 GLY A CA  1 
ATOM   177  C  C   . GLY A 1 22  ? -9.830  -7.165  10.751  1.00 40.35 ? 192 GLY A C   1 
ATOM   178  O  O   . GLY A 1 22  ? -10.775 -6.683  11.372  1.00 41.27 ? 192 GLY A O   1 
ATOM   179  N  N   . ALA A 1 23  ? -8.613  -7.302  11.275  1.00 41.83 ? 193 ALA A N   1 
ATOM   180  C  CA  . ALA A 1 23  ? -8.307  -6.954  12.662  1.00 40.90 ? 193 ALA A CA  1 
ATOM   181  C  C   . ALA A 1 23  ? -7.196  -5.909  12.724  1.00 41.20 ? 193 ALA A C   1 
ATOM   182  O  O   . ALA A 1 23  ? -6.253  -5.948  11.935  1.00 43.31 ? 193 ALA A O   1 
ATOM   183  C  CB  . ALA A 1 23  ? -7.904  -8.200  13.440  1.00 40.69 ? 193 ALA A CB  1 
ATOM   184  N  N   . LYS A 1 24  ? -7.317  -4.984  13.670  1.00 42.33 ? 194 LYS A N   1 
ATOM   185  C  CA  . LYS A 1 24  ? -6.336  -3.916  13.864  1.00 45.24 ? 194 LYS A CA  1 
ATOM   186  C  C   . LYS A 1 24  ? -5.141  -4.409  14.688  1.00 44.18 ? 194 LYS A C   1 
ATOM   187  O  O   . LYS A 1 24  ? -5.319  -5.035  15.732  1.00 42.22 ? 194 LYS A O   1 
ATOM   188  C  CB  . LYS A 1 24  ? -7.005  -2.744  14.581  1.00 49.07 ? 194 LYS A CB  1 
ATOM   189  C  CG  . LYS A 1 24  ? -6.177  -1.471  14.631  1.00 54.37 ? 194 LYS A CG  1 
ATOM   190  C  CD  . LYS A 1 24  ? -6.981  -0.287  15.155  1.00 58.40 ? 194 LYS A CD  1 
ATOM   191  C  CE  . LYS A 1 24  ? -8.137  0.067   14.229  1.00 64.06 ? 194 LYS A CE  1 
ATOM   192  N  NZ  . LYS A 1 24  ? -8.633  1.458   14.424  1.00 68.37 ? 194 LYS A NZ  1 
ATOM   193  N  N   . ASP A 1 25  ? -3.927  -4.129  14.217  1.00 41.71 ? 195 ASP A N   1 
ATOM   194  C  CA  . ASP A 1 25  ? -2.708  -4.456  14.973  1.00 39.24 ? 195 ASP A CA  1 
ATOM   195  C  C   . ASP A 1 25  ? -2.556  -3.459  16.114  1.00 37.40 ? 195 ASP A C   1 
ATOM   196  O  O   . ASP A 1 25  ? -2.495  -2.255  15.891  1.00 37.59 ? 195 ASP A O   1 
ATOM   197  C  CB  . ASP A 1 25  ? -1.483  -4.411  14.063  1.00 39.10 ? 195 ASP A CB  1 
ATOM   198  C  CG  . ASP A 1 25  ? -0.205  -4.912  14.742  1.00 41.34 ? 195 ASP A CG  1 
ATOM   199  O  OD1 . ASP A 1 25  ? -0.136  -4.981  15.989  1.00 38.43 ? 195 ASP A OD1 1 
ATOM   200  O  OD2 . ASP A 1 25  ? 0.752   -5.221  14.002  1.00 42.24 ? 195 ASP A OD2 1 
ATOM   201  N  N   . THR A 1 26  ? -2.487  -3.970  17.336  1.00 35.91 ? 196 THR A N   1 
ATOM   202  C  CA  . THR A 1 26  ? -2.485  -3.127  18.536  1.00 37.16 ? 196 THR A CA  1 
ATOM   203  C  C   . THR A 1 26  ? -1.088  -2.665  18.995  1.00 36.75 ? 196 THR A C   1 
ATOM   204  O  O   . THR A 1 26  ? -0.976  -1.816  19.892  1.00 37.43 ? 196 THR A O   1 
ATOM   205  C  CB  . THR A 1 26  ? -3.168  -3.867  19.708  1.00 39.48 ? 196 THR A CB  1 
ATOM   206  O  OG1 . THR A 1 26  ? -3.055  -3.085  20.902  1.00 46.88 ? 196 THR A OG1 1 
ATOM   207  C  CG2 . THR A 1 26  ? -2.530  -5.217  19.930  1.00 36.12 ? 196 THR A CG2 1 
ATOM   208  N  N   . LYS A 1 27  ? -0.035  -3.222  18.400  1.00 33.90 ? 197 LYS A N   1 
ATOM   209  C  CA  . LYS A 1 27  ? 1.336   -2.850  18.756  1.00 34.55 ? 197 LYS A CA  1 
ATOM   210  C  C   . LYS A 1 27  ? 1.598   -1.399  18.381  1.00 34.32 ? 197 LYS A C   1 
ATOM   211  O  O   . LYS A 1 27  ? 1.064   -0.920  17.383  1.00 29.87 ? 197 LYS A O   1 
ATOM   212  C  CB  . LYS A 1 27  ? 2.352   -3.722  18.014  1.00 37.81 ? 197 LYS A CB  1 
ATOM   213  C  CG  . LYS A 1 27  ? 2.353   -5.194  18.388  1.00 42.05 ? 197 LYS A CG  1 
ATOM   214  C  CD  . LYS A 1 27  ? 3.265   -5.970  17.443  1.00 44.38 ? 197 LYS A CD  1 
ATOM   215  C  CE  . LYS A 1 27  ? 2.936   -7.449  17.409  1.00 47.28 ? 197 LYS A CE  1 
ATOM   216  N  NZ  . LYS A 1 27  ? 3.548   -8.090  16.215  1.00 51.33 ? 197 LYS A NZ  1 
ATOM   217  N  N   . PRO A 1 28  ? 2.429   -0.693  19.168  1.00 34.76 ? 198 PRO A N   1 
ATOM   218  C  CA  . PRO A 1 28  ? 2.807   0.667   18.776  1.00 37.13 ? 198 PRO A CA  1 
ATOM   219  C  C   . PRO A 1 28  ? 3.612   0.717   17.486  1.00 38.11 ? 198 PRO A C   1 
ATOM   220  O  O   . PRO A 1 28  ? 4.279   -0.255  17.119  1.00 32.61 ? 198 PRO A O   1 
ATOM   221  C  CB  . PRO A 1 28  ? 3.689   1.154   19.939  1.00 36.89 ? 198 PRO A CB  1 
ATOM   222  C  CG  . PRO A 1 28  ? 3.424   0.217   21.066  1.00 36.47 ? 198 PRO A CG  1 
ATOM   223  C  CD  . PRO A 1 28  ? 3.026   -1.085  20.456  1.00 35.85 ? 198 PRO A CD  1 
ATOM   224  N  N   . MET A 1 29  ? 3.546   1.858   16.810  1.00 41.83 ? 199 MET A N   1 
ATOM   225  C  CA  . MET A 1 29  ? 4.412   2.132   15.670  1.00 46.50 ? 199 MET A CA  1 
ATOM   226  C  C   . MET A 1 29  ? 5.825   2.342   16.195  1.00 51.06 ? 199 MET A C   1 
ATOM   227  O  O   . MET A 1 29  ? 6.013   2.680   17.365  1.00 51.45 ? 199 MET A O   1 
ATOM   228  C  CB  . MET A 1 29  ? 3.958   3.406   14.955  1.00 48.37 ? 199 MET A CB  1 
ATOM   229  C  CG  . MET A 1 29  ? 2.537   3.364   14.412  1.00 52.31 ? 199 MET A CG  1 
ATOM   230  S  SD  . MET A 1 29  ? 2.397   2.298   12.974  1.00 60.11 ? 199 MET A SD  1 
ATOM   231  C  CE  . MET A 1 29  ? 0.762   2.738   12.390  1.00 51.65 ? 199 MET A CE  1 
ATOM   232  N  N   . GLY A 1 30  ? 6.819   2.153   15.335  1.00 58.22 ? 200 GLY A N   1 
ATOM   233  C  CA  . GLY A 1 30  ? 8.203   2.471   15.686  1.00 63.87 ? 200 GLY A CA  1 
ATOM   234  C  C   . GLY A 1 30  ? 8.415   3.977   15.738  1.00 66.85 ? 200 GLY A C   1 
ATOM   235  O  O   . GLY A 1 30  ? 7.768   4.683   16.515  1.00 70.78 ? 200 GLY A O   1 
ATOM   236  N  N   . ARG A 1 31  ? 9.315   4.475   14.896  1.00 71.53 ? 201 ARG A N   1 
ATOM   237  C  CA  . ARG A 1 31  ? 9.616   5.906   14.849  1.00 72.04 ? 201 ARG A CA  1 
ATOM   238  C  C   . ARG A 1 31  ? 8.495   6.687   14.158  1.00 66.15 ? 201 ARG A C   1 
ATOM   239  O  O   . ARG A 1 31  ? 7.702   6.115   13.397  1.00 61.51 ? 201 ARG A O   1 
ATOM   240  C  CB  . ARG A 1 31  ? 10.941  6.142   14.115  1.00 79.43 ? 201 ARG A CB  1 
ATOM   241  C  CG  . ARG A 1 31  ? 11.807  7.250   14.704  1.00 83.63 ? 201 ARG A CG  1 
ATOM   242  C  CD  . ARG A 1 31  ? 13.211  6.746   14.991  1.00 88.41 ? 201 ARG A CD  1 
ATOM   243  N  NE  . ARG A 1 31  ? 13.186  5.666   15.984  1.00 94.49 ? 201 ARG A NE  1 
ATOM   244  C  CZ  . ARG A 1 31  ? 13.434  4.375   15.743  1.00 95.76 ? 201 ARG A CZ  1 
ATOM   245  N  NH1 . ARG A 1 31  ? 13.375  3.506   16.747  1.00 96.93 ? 201 ARG A NH1 1 
ATOM   246  N  NH2 . ARG A 1 31  ? 13.738  3.937   14.523  1.00 96.51 ? 201 ARG A NH2 1 
ATOM   247  N  N   . SER A 1 32  ? 8.445   7.991   14.429  1.00 59.72 ? 202 SER A N   1 
ATOM   248  C  CA  . SER A 1 32  ? 7.460   8.897   13.824  1.00 56.51 ? 202 SER A CA  1 
ATOM   249  C  C   . SER A 1 32  ? 6.044   8.335   13.938  1.00 49.70 ? 202 SER A C   1 
ATOM   250  O  O   . SER A 1 32  ? 5.300   8.287   12.952  1.00 42.12 ? 202 SER A O   1 
ATOM   251  C  CB  . SER A 1 32  ? 7.811   9.163   12.355  1.00 57.10 ? 202 SER A CB  1 
ATOM   252  O  OG  . SER A 1 32  ? 9.114   9.696   12.234  1.00 60.50 ? 202 SER A OG  1 
ATOM   253  N  N   . GLY A 1 33  ? 5.693   7.913   15.153  1.00 45.80 ? 203 GLY A N   1 
ATOM   254  C  CA  . GLY A 1 33  ? 4.432   7.225   15.424  1.00 44.80 ? 203 GLY A CA  1 
ATOM   255  C  C   . GLY A 1 33  ? 3.187   7.985   15.001  1.00 42.12 ? 203 GLY A C   1 
ATOM   256  O  O   . GLY A 1 33  ? 2.301   7.416   14.353  1.00 40.58 ? 203 GLY A O   1 
ATOM   257  N  N   . ALA A 1 34  ? 3.117   9.265   15.360  1.00 37.60 ? 204 ALA A N   1 
ATOM   258  C  CA  . ALA A 1 34  ? 1.928   10.075  15.073  1.00 37.90 ? 204 ALA A CA  1 
ATOM   259  C  C   . ALA A 1 34  ? 1.648   10.138  13.572  1.00 36.85 ? 204 ALA A C   1 
ATOM   260  O  O   . ALA A 1 34  ? 0.510   9.930   13.139  1.00 34.10 ? 204 ALA A O   1 
ATOM   261  C  CB  . ALA A 1 34  ? 2.068   11.481  15.650  1.00 36.63 ? 204 ALA A CB  1 
ATOM   262  N  N   . THR A 1 35  ? 2.682   10.426  12.783  1.00 35.65 ? 205 THR A N   1 
ATOM   263  C  CA  . THR A 1 35  ? 2.532   10.495  11.329  1.00 34.33 ? 205 THR A CA  1 
ATOM   264  C  C   . THR A 1 35  ? 2.134   9.127   10.769  1.00 32.53 ? 205 THR A C   1 
ATOM   265  O  O   . THR A 1 35  ? 1.187   9.038   9.991   1.00 30.81 ? 205 THR A O   1 
ATOM   266  C  CB  . THR A 1 35  ? 3.815   11.006  10.633  1.00 36.57 ? 205 THR A CB  1 
ATOM   267  O  OG1 . THR A 1 35  ? 4.005   12.389  10.954  1.00 37.19 ? 205 THR A OG1 1 
ATOM   268  C  CG2 . THR A 1 35  ? 3.706   10.857  9.115   1.00 34.25 ? 205 THR A CG2 1 
ATOM   269  N  N   . SER A 1 36  ? 2.828   8.071   11.193  1.00 29.87 ? 206 SER A N   1 
ATOM   270  C  CA  . SER A 1 36  ? 2.556   6.717   10.696  1.00 31.51 ? 206 SER A CA  1 
ATOM   271  C  C   . SER A 1 36  ? 1.125   6.272   10.997  1.00 31.89 ? 206 SER A C   1 
ATOM   272  O  O   . SER A 1 36  ? 0.488   5.626   10.158  1.00 29.84 ? 206 SER A O   1 
ATOM   273  C  CB  . SER A 1 36  ? 3.550   5.712   11.278  1.00 32.32 ? 206 SER A CB  1 
ATOM   274  O  OG  . SER A 1 36  ? 4.852   5.968   10.785  1.00 33.25 ? 206 SER A OG  1 
ATOM   275  N  N   . ARG A 1 37  ? 0.628   6.630   12.181  1.00 30.41 ? 207 ARG A N   1 
ATOM   276  C  CA  . ARG A 1 37  ? -0.764  6.360   12.566  1.00 33.84 ? 207 ARG A CA  1 
ATOM   277  C  C   . ARG A 1 37  ? -1.747  7.108   11.683  1.00 30.10 ? 207 ARG A C   1 
ATOM   278  O  O   . ARG A 1 37  ? -2.753  6.546   11.258  1.00 31.02 ? 207 ARG A O   1 
ATOM   279  C  CB  . ARG A 1 37  ? -1.035  6.751   14.031  1.00 37.21 ? 207 ARG A CB  1 
ATOM   280  C  CG  . ARG A 1 37  ? -0.579  5.739   15.066  1.00 41.96 ? 207 ARG A CG  1 
ATOM   281  C  CD  . ARG A 1 37  ? -1.225  5.987   16.432  1.00 44.75 ? 207 ARG A CD  1 
ATOM   282  N  NE  . ARG A 1 37  ? -0.721  7.204   17.074  1.00 46.93 ? 207 ARG A NE  1 
ATOM   283  C  CZ  . ARG A 1 37  ? 0.470   7.323   17.663  1.00 47.64 ? 207 ARG A CZ  1 
ATOM   284  N  NH1 . ARG A 1 37  ? 1.319   6.301   17.708  1.00 52.41 ? 207 ARG A NH1 1 
ATOM   285  N  NH2 . ARG A 1 37  ? 0.824   8.479   18.206  1.00 48.55 ? 207 ARG A NH2 1 
ATOM   286  N  N   . LYS A 1 38  ? -1.475  8.385   11.431  1.00 32.02 ? 208 LYS A N   1 
ATOM   287  C  CA  . LYS A 1 38  ? -2.339  9.181   10.559  1.00 31.53 ? 208 LYS A CA  1 
ATOM   288  C  C   . LYS A 1 38  ? -2.252  8.699   9.107   1.00 29.52 ? 208 LYS A C   1 
ATOM   289  O  O   . LYS A 1 38  ? -3.251  8.742   8.378   1.00 27.92 ? 208 LYS A O   1 
ATOM   290  C  CB  . LYS A 1 38  ? -1.993  10.666  10.651  1.00 33.91 ? 208 LYS A CB  1 
ATOM   291  C  CG  . LYS A 1 38  ? -2.401  11.306  11.972  1.00 38.54 ? 208 LYS A CG  1 
ATOM   292  C  CD  . LYS A 1 38  ? -1.978  12.766  12.032  1.00 41.03 ? 208 LYS A CD  1 
ATOM   293  C  CE  . LYS A 1 38  ? -2.465  13.433  13.309  1.00 45.30 ? 208 LYS A CE  1 
ATOM   294  N  NZ  . LYS A 1 38  ? -1.840  14.771  13.502  1.00 46.29 ? 208 LYS A NZ  1 
ATOM   295  N  N   . ALA A 1 39  ? -1.066  8.244   8.696   1.00 25.64 ? 209 ALA A N   1 
ATOM   296  C  CA  . ALA A 1 39  ? -0.879  7.699   7.352   1.00 26.53 ? 209 ALA A CA  1 
ATOM   297  C  C   . ALA A 1 39  ? -1.752  6.463   7.160   1.00 27.19 ? 209 ALA A C   1 
ATOM   298  O  O   . ALA A 1 39  ? -2.487  6.361   6.169   1.00 24.44 ? 209 ALA A O   1 
ATOM   299  C  CB  . ALA A 1 39  ? 0.586   7.367   7.101   1.00 26.04 ? 209 ALA A CB  1 
ATOM   300  N  N   . LEU A 1 40  ? -1.677  5.539   8.118   1.00 26.62 ? 210 LEU A N   1 
ATOM   301  C  CA  . LEU A 1 40  ? -2.485  4.321   8.109   1.00 27.84 ? 210 LEU A CA  1 
ATOM   302  C  C   . LEU A 1 40  ? -3.977  4.633   8.074   1.00 29.27 ? 210 LEU A C   1 
ATOM   303  O  O   . LEU A 1 40  ? -4.722  3.990   7.327   1.00 29.71 ? 210 LEU A O   1 
ATOM   304  C  CB  . LEU A 1 40  ? -2.150  3.450   9.332   1.00 30.06 ? 210 LEU A CB  1 
ATOM   305  C  CG  . LEU A 1 40  ? -2.901  2.126   9.488   1.00 31.60 ? 210 LEU A CG  1 
ATOM   306  C  CD1 . LEU A 1 40  ? -2.882  1.319   8.195   1.00 30.47 ? 210 LEU A CD1 1 
ATOM   307  C  CD2 . LEU A 1 40  ? -2.308  1.315   10.638  1.00 31.91 ? 210 LEU A CD2 1 
ATOM   308  N  N   . GLU A 1 41  ? -4.410  5.620   8.862   1.00 29.36 ? 211 GLU A N   1 
ATOM   309  C  CA  . GLU A 1 41  ? -5.819  6.047   8.880   1.00 30.76 ? 211 GLU A CA  1 
ATOM   310  C  C   . GLU A 1 41  ? -6.267  6.605   7.524   1.00 29.36 ? 211 GLU A C   1 
ATOM   311  O  O   . GLU A 1 41  ? -7.384  6.331   7.062   1.00 28.24 ? 211 GLU A O   1 
ATOM   312  C  CB  . GLU A 1 41  ? -6.060  7.076   9.996   1.00 34.02 ? 211 GLU A CB  1 
ATOM   313  C  CG  . GLU A 1 41  ? -6.024  6.462   11.388  1.00 38.53 ? 211 GLU A CG  1 
ATOM   314  C  CD  . GLU A 1 41  ? -5.871  7.469   12.527  1.00 45.47 ? 211 GLU A CD  1 
ATOM   315  O  OE1 . GLU A 1 41  ? -5.826  8.701   12.288  1.00 48.22 ? 211 GLU A OE1 1 
ATOM   316  O  OE2 . GLU A 1 41  ? -5.794  7.013   13.690  1.00 46.88 ? 211 GLU A OE2 1 
ATOM   317  N  N   . THR A 1 42  ? -5.394  7.382   6.891   1.00 27.35 ? 212 THR A N   1 
ATOM   318  C  CA  . THR A 1 42  ? -5.652  7.930   5.559   1.00 26.18 ? 212 THR A CA  1 
ATOM   319  C  C   . THR A 1 42  ? -5.830  6.811   4.541   1.00 27.44 ? 212 THR A C   1 
ATOM   320  O  O   . THR A 1 42  ? -6.810  6.806   3.784   1.00 28.16 ? 212 THR A O   1 
ATOM   321  C  CB  . THR A 1 42  ? -4.512  8.861   5.120   1.00 24.97 ? 212 THR A CB  1 
ATOM   322  O  OG1 . THR A 1 42  ? -4.410  9.941   6.045   1.00 26.39 ? 212 THR A OG1 1 
ATOM   323  C  CG2 . THR A 1 42  ? -4.750  9.411   3.719   1.00 24.90 ? 212 THR A CG2 1 
ATOM   324  N  N   . LEU A 1 43  ? -4.898  5.860   4.534   1.00 27.43 ? 213 LEU A N   1 
ATOM   325  C  CA  . LEU A 1 43  ? -4.992  4.683   3.663   1.00 29.11 ? 213 LEU A CA  1 
ATOM   326  C  C   . LEU A 1 43  ? -6.294  3.908   3.834   1.00 33.85 ? 213 LEU A C   1 
ATOM   327  O  O   . LEU A 1 43  ? -6.850  3.424   2.844   1.00 35.86 ? 213 LEU A O   1 
ATOM   328  C  CB  . LEU A 1 43  ? -3.823  3.724   3.888   1.00 29.33 ? 213 LEU A CB  1 
ATOM   329  C  CG  . LEU A 1 43  ? -2.539  3.983   3.113   1.00 30.36 ? 213 LEU A CG  1 
ATOM   330  C  CD1 . LEU A 1 43  ? -1.517  2.916   3.482   1.00 28.79 ? 213 LEU A CD1 1 
ATOM   331  C  CD2 . LEU A 1 43  ? -2.787  3.999   1.604   1.00 26.92 ? 213 LEU A CD2 1 
ATOM   332  N  N   . ARG A 1 44  ? -6.760  3.763   5.075   1.00 34.00 ? 214 ARG A N   1 
ATOM   333  C  CA  . ARG A 1 44  ? -8.049  3.108   5.341   1.00 39.19 ? 214 ARG A CA  1 
ATOM   334  C  C   . ARG A 1 44  ? -9.187  3.835   4.639   1.00 40.44 ? 214 ARG A C   1 
ATOM   335  O  O   . ARG A 1 44  ? -10.033 3.216   4.006   1.00 42.74 ? 214 ARG A O   1 
ATOM   336  C  CB  . ARG A 1 44  ? -8.363  3.078   6.834   1.00 39.87 ? 214 ARG A CB  1 
ATOM   337  C  CG  . ARG A 1 44  ? -7.591  2.057   7.644   1.00 40.41 ? 214 ARG A CG  1 
ATOM   338  C  CD  . ARG A 1 44  ? -7.870  2.277   9.124   1.00 42.38 ? 214 ARG A CD  1 
ATOM   339  N  NE  . ARG A 1 44  ? -6.983  1.485   9.970   1.00 40.47 ? 214 ARG A NE  1 
ATOM   340  C  CZ  . ARG A 1 44  ? -6.609  1.822   11.202  1.00 40.96 ? 214 ARG A CZ  1 
ATOM   341  N  NH1 . ARG A 1 44  ? -7.022  2.958   11.762  1.00 41.44 ? 214 ARG A NH1 1 
ATOM   342  N  NH2 . ARG A 1 44  ? -5.801  1.014   11.880  1.00 41.67 ? 214 ARG A NH2 1 
ATOM   343  N  N   . ARG A 1 45  ? -9.207  5.154   4.780   1.00 38.32 ? 215 ARG A N   1 
ATOM   344  C  CA  . ARG A 1 45  ? -10.219 5.980   4.154   1.00 41.00 ? 215 ARG A CA  1 
ATOM   345  C  C   . ARG A 1 45  ? -10.085 5.919   2.629   1.00 40.51 ? 215 ARG A C   1 
ATOM   346  O  O   . ARG A 1 45  ? -11.031 5.541   1.934   1.00 43.44 ? 215 ARG A O   1 
ATOM   347  C  CB  . ARG A 1 45  ? -10.105 7.422   4.676   1.00 41.59 ? 215 ARG A CB  1 
ATOM   348  C  CG  . ARG A 1 45  ? -11.089 8.415   4.079   1.00 44.01 ? 215 ARG A CG  1 
ATOM   349  C  CD  . ARG A 1 45  ? -11.195 9.689   4.916   1.00 45.20 ? 215 ARG A CD  1 
ATOM   350  N  NE  . ARG A 1 45  ? -9.888  10.234  5.300   1.00 45.49 ? 215 ARG A NE  1 
ATOM   351  C  CZ  . ARG A 1 45  ? -9.139  11.056  4.558   1.00 47.08 ? 215 ARG A CZ  1 
ATOM   352  N  NH1 . ARG A 1 45  ? -9.540  11.453  3.352   1.00 47.05 ? 215 ARG A NH1 1 
ATOM   353  N  NH2 . ARG A 1 45  ? -7.967  11.482  5.031   1.00 45.27 ? 215 ARG A NH2 1 
ATOM   354  N  N   . VAL A 1 46  ? -8.902  6.234   2.115   1.00 33.82 ? 216 VAL A N   1 
ATOM   355  C  CA  . VAL A 1 46  ? -8.725  6.435   0.675   1.00 33.99 ? 216 VAL A CA  1 
ATOM   356  C  C   . VAL A 1 46  ? -8.547  5.135   -0.112  1.00 33.94 ? 216 VAL A C   1 
ATOM   357  O  O   . VAL A 1 46  ? -9.051  5.017   -1.232  1.00 31.35 ? 216 VAL A O   1 
ATOM   358  C  CB  . VAL A 1 46  ? -7.564  7.400   0.381   1.00 34.62 ? 216 VAL A CB  1 
ATOM   359  C  CG1 . VAL A 1 46  ? -7.416  7.623   -1.117  1.00 33.45 ? 216 VAL A CG1 1 
ATOM   360  C  CG2 . VAL A 1 46  ? -7.803  8.728   1.084   1.00 34.31 ? 216 VAL A CG2 1 
ATOM   361  N  N   . GLY A 1 47  ? -7.846  4.161   0.467   1.00 31.30 ? 217 GLY A N   1 
ATOM   362  C  CA  . GLY A 1 47  ? -7.588  2.894   -0.215  1.00 29.56 ? 217 GLY A CA  1 
ATOM   363  C  C   . GLY A 1 47  ? -8.820  2.024   -0.414  1.00 28.42 ? 217 GLY A C   1 
ATOM   364  O  O   . GLY A 1 47  ? -8.968  1.368   -1.446  1.00 25.69 ? 217 GLY A O   1 
ATOM   365  N  N   . ASP A 1 48  ? -9.706  2.008   0.573   1.00 29.16 ? 218 ASP A N   1 
ATOM   366  C  CA  . ASP A 1 48  ? -10.934 1.218   0.488   1.00 33.10 ? 218 ASP A CA  1 
ATOM   367  C  C   . ASP A 1 48  ? -11.816 1.719   -0.672  1.00 29.73 ? 218 ASP A C   1 
ATOM   368  O  O   . ASP A 1 48  ? -12.421 0.925   -1.395  1.00 30.22 ? 218 ASP A O   1 
ATOM   369  C  CB  . ASP A 1 48  ? -11.706 1.261   1.814   1.00 37.66 ? 218 ASP A CB  1 
ATOM   370  C  CG  . ASP A 1 48  ? -10.926 0.629   2.992   1.00 44.60 ? 218 ASP A CG  1 
ATOM   371  O  OD1 . ASP A 1 48  ? -9.661  0.638   2.992   1.00 42.63 ? 218 ASP A OD1 1 
ATOM   372  O  OD2 . ASP A 1 48  ? -11.593 0.139   3.935   1.00 45.89 ? 218 ASP A OD2 1 
ATOM   373  N  N   . GLY A 1 49  ? -11.866 3.037   -0.851  1.00 29.64 ? 219 GLY A N   1 
ATOM   374  C  CA  . GLY A 1 49  ? -12.622 3.643   -1.937  1.00 28.78 ? 219 GLY A CA  1 
ATOM   375  C  C   . GLY A 1 49  ? -12.049 3.316   -3.306  1.00 26.76 ? 219 GLY A C   1 
ATOM   376  O  O   . GLY A 1 49  ? -12.789 3.053   -4.257  1.00 27.23 ? 219 GLY A O   1 
ATOM   377  N  N   . VAL A 1 50  ? -10.725 3.332   -3.412  1.00 24.96 ? 220 VAL A N   1 
ATOM   378  C  CA  . VAL A 1 50  ? -10.070 2.974   -4.667  1.00 23.08 ? 220 VAL A CA  1 
ATOM   379  C  C   . VAL A 1 50  ? -10.420 1.548   -5.079  1.00 20.35 ? 220 VAL A C   1 
ATOM   380  O  O   . VAL A 1 50  ? -10.749 1.296   -6.245  1.00 20.80 ? 220 VAL A O   1 
ATOM   381  C  CB  . VAL A 1 50  ? -8.543  3.129   -4.567  1.00 23.67 ? 220 VAL A CB  1 
ATOM   382  C  CG1 . VAL A 1 50  ? -7.868  2.510   -5.786  1.00 23.13 ? 220 VAL A CG1 1 
ATOM   383  C  CG2 . VAL A 1 50  ? -8.198  4.607   -4.425  1.00 23.91 ? 220 VAL A CG2 1 
ATOM   384  N  N   . GLN A 1 51  ? -10.370 0.621   -4.128  1.00 20.97 ? 221 GLN A N   1 
ATOM   385  C  CA  . GLN A 1 51  ? -10.660 -0.795  -4.410  1.00 21.49 ? 221 GLN A CA  1 
ATOM   386  C  C   . GLN A 1 51  ? -12.105 -0.997  -4.914  1.00 21.77 ? 221 GLN A C   1 
ATOM   387  O  O   . GLN A 1 51  ? -12.363 -1.856  -5.756  1.00 23.03 ? 221 GLN A O   1 
ATOM   388  C  CB  . GLN A 1 51  ? -10.428 -1.640  -3.152  1.00 21.07 ? 221 GLN A CB  1 
ATOM   389  C  CG  . GLN A 1 51  ? -8.961  -1.726  -2.723  1.00 22.51 ? 221 GLN A CG  1 
ATOM   390  C  CD  . GLN A 1 51  ? -8.756  -2.577  -1.480  1.00 24.30 ? 221 GLN A CD  1 
ATOM   391  O  OE1 . GLN A 1 51  ? -8.980  -3.782  -1.511  1.00 26.52 ? 221 GLN A OE1 1 
ATOM   392  N  NE2 . GLN A 1 51  ? -8.341  -1.951  -0.385  1.00 23.23 ? 221 GLN A NE2 1 
ATOM   393  N  N   . ARG A 1 52  ? -13.028 -0.212  -4.377  1.00 22.43 ? 222 ARG A N   1 
ATOM   394  C  CA  . ARG A 1 52  ? -14.442 -0.279  -4.761  1.00 24.19 ? 222 ARG A CA  1 
ATOM   395  C  C   . ARG A 1 52  ? -14.688 0.476   -6.084  1.00 22.18 ? 222 ARG A C   1 
ATOM   396  O  O   . ARG A 1 52  ? -15.316 -0.059  -7.003  1.00 22.27 ? 222 ARG A O   1 
ATOM   397  C  CB  . ARG A 1 52  ? -15.309 0.284   -3.639  1.00 28.14 ? 222 ARG A CB  1 
ATOM   398  C  CG  . ARG A 1 52  ? -15.214 -0.494  -2.320  1.00 33.04 ? 222 ARG A CG  1 
ATOM   399  C  CD  . ARG A 1 52  ? -16.175 -1.667  -2.292  1.00 40.30 ? 222 ARG A CD  1 
ATOM   400  N  NE  . ARG A 1 52  ? -15.757 -2.752  -3.178  1.00 48.01 ? 222 ARG A NE  1 
ATOM   401  C  CZ  . ARG A 1 52  ? -16.551 -3.718  -3.640  1.00 50.97 ? 222 ARG A CZ  1 
ATOM   402  N  NH1 . ARG A 1 52  ? -17.845 -3.769  -3.313  1.00 54.71 ? 222 ARG A NH1 1 
ATOM   403  N  NH2 . ARG A 1 52  ? -16.045 -4.645  -4.449  1.00 50.26 ? 222 ARG A NH2 1 
ATOM   404  N  N   . ASN A 1 53  ? -14.165 1.694   -6.192  1.00 20.98 ? 223 ASN A N   1 
ATOM   405  C  CA  . ASN A 1 53  ? -14.299 2.472   -7.434  1.00 21.34 ? 223 ASN A CA  1 
ATOM   406  C  C   . ASN A 1 53  ? -13.767 1.747   -8.666  1.00 23.45 ? 223 ASN A C   1 
ATOM   407  O  O   . ASN A 1 53  ? -14.262 1.968   -9.764  1.00 23.57 ? 223 ASN A O   1 
ATOM   408  C  CB  . ASN A 1 53  ? -13.612 3.841   -7.315  1.00 21.70 ? 223 ASN A CB  1 
ATOM   409  C  CG  . ASN A 1 53  ? -14.388 4.822   -6.461  1.00 23.80 ? 223 ASN A CG  1 
ATOM   410  O  OD1 . ASN A 1 53  ? -15.613 4.716   -6.316  1.00 24.04 ? 223 ASN A OD1 1 
ATOM   411  N  ND2 . ASN A 1 53  ? -13.680 5.799   -5.893  1.00 24.34 ? 223 ASN A ND2 1 
ATOM   412  N  N   . HIS A 1 54  ? -12.764 0.881   -8.480  1.00 22.71 ? 224 HIS A N   1 
ATOM   413  C  CA  . HIS A 1 54  ? -12.146 0.136   -9.571  1.00 22.40 ? 224 HIS A CA  1 
ATOM   414  C  C   . HIS A 1 54  ? -12.249 -1.353  -9.388  1.00 23.20 ? 224 HIS A C   1 
ATOM   415  O  O   . HIS A 1 54  ? -11.406 -2.114  -9.864  1.00 24.09 ? 224 HIS A O   1 
ATOM   416  C  CB  . HIS A 1 54  ? -10.708 0.606   -9.715  1.00 22.00 ? 224 HIS A CB  1 
ATOM   417  C  CG  . HIS A 1 54  ? -10.618 2.086   -9.969  1.00 22.44 ? 224 HIS A CG  1 
ATOM   418  N  ND1 . HIS A 1 54  ? -10.923 2.627   -11.164 1.00 21.49 ? 224 HIS A ND1 1 
ATOM   419  C  CD2 . HIS A 1 54  ? -10.322 3.143   -9.121  1.00 24.07 ? 224 HIS A CD2 1 
ATOM   420  C  CE1 . HIS A 1 54  ? -10.790 3.963   -11.092 1.00 25.26 ? 224 HIS A CE1 1 
ATOM   421  N  NE2 . HIS A 1 54  ? -10.432 4.280   -9.843  1.00 24.51 ? 224 HIS A NE2 1 
ATOM   422  N  N   . GLU A 1 55  ? -13.324 -1.775  -8.730  1.00 23.78 ? 225 GLU A N   1 
ATOM   423  C  CA  . GLU A 1 55  ? -13.604 -3.184  -8.457  1.00 26.70 ? 225 GLU A CA  1 
ATOM   424  C  C   . GLU A 1 55  ? -13.369 -4.095  -9.655  1.00 24.80 ? 225 GLU A C   1 
ATOM   425  O  O   . GLU A 1 55  ? -12.634 -5.080  -9.570  1.00 26.18 ? 225 GLU A O   1 
ATOM   426  C  CB  . GLU A 1 55  ? -15.067 -3.326  -8.018  1.00 31.11 ? 225 GLU A CB  1 
ATOM   427  C  CG  . GLU A 1 55  ? -15.519 -4.764  -7.823  1.00 35.69 ? 225 GLU A CG  1 
ATOM   428  C  CD  . GLU A 1 55  ? -17.004 -4.885  -7.546  1.00 38.07 ? 225 GLU A CD  1 
ATOM   429  O  OE1 . GLU A 1 55  ? -17.828 -4.618  -8.455  1.00 39.54 ? 225 GLU A OE1 1 
ATOM   430  O  OE2 . GLU A 1 55  ? -17.337 -5.255  -6.410  1.00 38.21 ? 225 GLU A OE2 1 
ATOM   431  N  N   . THR A 1 56  ? -14.013 -3.780  -10.769 1.00 24.08 ? 226 THR A N   1 
ATOM   432  C  CA  . THR A 1 56  ? -13.987 -4.666  -11.938 1.00 24.77 ? 226 THR A CA  1 
ATOM   433  C  C   . THR A 1 56  ? -12.591 -4.778  -12.546 1.00 21.70 ? 226 THR A C   1 
ATOM   434  O  O   . THR A 1 56  ? -12.140 -5.863  -12.911 1.00 21.57 ? 226 THR A O   1 
ATOM   435  C  CB  . THR A 1 56  ? -14.989 -4.175  -13.005 1.00 28.15 ? 226 THR A CB  1 
ATOM   436  O  OG1 . THR A 1 56  ? -16.256 -3.932  -12.376 1.00 31.48 ? 226 THR A OG1 1 
ATOM   437  C  CG2 . THR A 1 56  ? -15.155 -5.202  -14.114 1.00 28.55 ? 226 THR A CG2 1 
ATOM   438  N  N   . ALA A 1 57  ? -11.909 -3.648  -12.663 1.00 21.55 ? 227 ALA A N   1 
ATOM   439  C  CA  . ALA A 1 57  ? -10.530 -3.613  -13.157 1.00 19.76 ? 227 ALA A CA  1 
ATOM   440  C  C   . ALA A 1 57  ? -9.568  -4.362  -12.224 1.00 20.03 ? 227 ALA A C   1 
ATOM   441  O  O   . ALA A 1 57  ? -8.680  -5.101  -12.683 1.00 20.99 ? 227 ALA A O   1 
ATOM   442  C  CB  . ALA A 1 57  ? -10.090 -2.169  -13.340 1.00 17.78 ? 227 ALA A CB  1 
ATOM   443  N  N   . PHE A 1 58  ? -9.743  -4.166  -10.921 1.00 19.79 ? 228 PHE A N   1 
ATOM   444  C  CA  . PHE A 1 58  ? -8.943  -4.870  -9.920  1.00 21.12 ? 228 PHE A CA  1 
ATOM   445  C  C   . PHE A 1 58  ? -9.115  -6.390  -10.027 1.00 23.07 ? 228 PHE A C   1 
ATOM   446  O  O   . PHE A 1 58  ? -8.126  -7.126  -10.075 1.00 22.24 ? 228 PHE A O   1 
ATOM   447  C  CB  . PHE A 1 58  ? -9.279  -4.387  -8.510  1.00 21.18 ? 228 PHE A CB  1 
ATOM   448  C  CG  . PHE A 1 58  ? -8.493  -3.164  -8.067  1.00 20.23 ? 228 PHE A CG  1 
ATOM   449  C  CD1 . PHE A 1 58  ? -8.109  -2.185  -8.973  1.00 20.18 ? 228 PHE A CD1 1 
ATOM   450  C  CD2 . PHE A 1 58  ? -8.146  -3.001  -6.722  1.00 21.61 ? 228 PHE A CD2 1 
ATOM   451  C  CE1 . PHE A 1 58  ? -7.383  -1.068  -8.559  1.00 20.74 ? 228 PHE A CE1 1 
ATOM   452  C  CE2 . PHE A 1 58  ? -7.427  -1.893  -6.302  1.00 21.40 ? 228 PHE A CE2 1 
ATOM   453  C  CZ  . PHE A 1 58  ? -7.048  -0.923  -7.220  1.00 21.37 ? 228 PHE A CZ  1 
ATOM   454  N  N   . GLN A 1 59  ? -10.366 -6.842  -10.095 1.00 23.55 ? 229 GLN A N   1 
ATOM   455  C  CA  . GLN A 1 59  ? -10.670 -8.264  -10.254 1.00 24.77 ? 229 GLN A CA  1 
ATOM   456  C  C   . GLN A 1 59  ? -10.029 -8.818  -11.515 1.00 23.63 ? 229 GLN A C   1 
ATOM   457  O  O   . GLN A 1 59  ? -9.447  -9.902  -11.503 1.00 23.75 ? 229 GLN A O   1 
ATOM   458  C  CB  . GLN A 1 59  ? -12.185 -8.480  -10.334 1.00 27.86 ? 229 GLN A CB  1 
ATOM   459  C  CG  . GLN A 1 59  ? -12.955 -8.164  -9.064  1.00 32.41 ? 229 GLN A CG  1 
ATOM   460  C  CD  . GLN A 1 59  ? -14.473 -8.183  -9.256  1.00 38.02 ? 229 GLN A CD  1 
ATOM   461  O  OE1 . GLN A 1 59  ? -14.980 -8.395  -10.368 1.00 45.97 ? 229 GLN A OE1 1 
ATOM   462  N  NE2 . GLN A 1 59  ? -15.207 -7.962  -8.165  1.00 37.47 ? 229 GLN A NE2 1 
ATOM   463  N  N   . GLY A 1 60  ? -10.151 -8.068  -12.606 1.00 24.50 ? 230 GLY A N   1 
ATOM   464  C  CA  . GLY A 1 60  ? -9.601  -8.474  -13.899 1.00 26.64 ? 230 GLY A CA  1 
ATOM   465  C  C   . GLY A 1 60  ? -8.091  -8.619  -13.888 1.00 26.46 ? 230 GLY A C   1 
ATOM   466  O  O   . GLY A 1 60  ? -7.553  -9.586  -14.418 1.00 27.51 ? 230 GLY A O   1 
ATOM   467  N  N   . MET A 1 61  ? -7.404  -7.662  -13.269 1.00 28.15 ? 231 MET A N   1 
ATOM   468  C  CA  . MET A 1 61  ? -5.947  -7.703  -13.171 1.00 27.51 ? 231 MET A CA  1 
ATOM   469  C  C   . MET A 1 61  ? -5.486  -8.859  -12.284 1.00 26.46 ? 231 MET A C   1 
ATOM   470  O  O   . MET A 1 61  ? -4.498  -9.531  -12.608 1.00 29.95 ? 231 MET A O   1 
ATOM   471  C  CB  . MET A 1 61  ? -5.399  -6.363  -12.648 1.00 28.29 ? 231 MET A CB  1 
ATOM   472  C  CG  . MET A 1 61  ? -3.878  -6.317  -12.483 1.00 29.38 ? 231 MET A CG  1 
ATOM   473  S  SD  . MET A 1 61  ? -2.949  -6.669  -13.996 1.00 33.52 ? 231 MET A SD  1 
ATOM   474  C  CE  . MET A 1 61  ? -3.309  -5.203  -14.957 1.00 35.55 ? 231 MET A CE  1 
ATOM   475  N  N   . LEU A 1 62  ? -6.182  -9.075  -11.168 1.00 25.32 ? 232 LEU A N   1 
ATOM   476  C  CA  . LEU A 1 62  ? -5.899  -10.204 -10.270 1.00 26.34 ? 232 LEU A CA  1 
ATOM   477  C  C   . LEU A 1 62  ? -6.042  -11.554 -10.985 1.00 28.63 ? 232 LEU A C   1 
ATOM   478  O  O   . LEU A 1 62  ? -5.167  -12.425 -10.882 1.00 30.90 ? 232 LEU A O   1 
ATOM   479  C  CB  . LEU A 1 62  ? -6.825  -10.165 -9.053  1.00 25.78 ? 232 LEU A CB  1 
ATOM   480  C  CG  . LEU A 1 62  ? -6.632  -11.225 -7.963  1.00 26.29 ? 232 LEU A CG  1 
ATOM   481  C  CD1 . LEU A 1 62  ? -5.262  -11.101 -7.295  1.00 24.15 ? 232 LEU A CD1 1 
ATOM   482  C  CD2 . LEU A 1 62  ? -7.746  -11.127 -6.932  1.00 25.19 ? 232 LEU A CD2 1 
ATOM   483  N  N   . ARG A 1 63  ? -7.143  -11.719 -11.710 1.00 29.01 ? 233 ARG A N   1 
ATOM   484  C  CA  . ARG A 1 63  ? -7.367  -12.906 -12.533 1.00 32.39 ? 233 ARG A CA  1 
ATOM   485  C  C   . ARG A 1 63  ? -6.273  -13.083 -13.594 1.00 33.07 ? 233 ARG A C   1 
ATOM   486  O  O   . ARG A 1 63  ? -5.791  -14.196 -13.811 1.00 37.44 ? 233 ARG A O   1 
ATOM   487  C  CB  . ARG A 1 63  ? -8.758  -12.844 -13.192 1.00 34.65 ? 233 ARG A CB  1 
ATOM   488  C  CG  . ARG A 1 63  ? -9.003  -13.926 -14.228 1.00 38.61 ? 233 ARG A CG  1 
ATOM   489  C  CD  . ARG A 1 63  ? -10.479 -14.102 -14.551 1.00 42.27 ? 233 ARG A CD  1 
ATOM   490  N  NE  . ARG A 1 63  ? -10.660 -15.232 -15.460 1.00 44.81 ? 233 ARG A NE  1 
ATOM   491  C  CZ  . ARG A 1 63  ? -10.527 -15.176 -16.786 1.00 48.25 ? 233 ARG A CZ  1 
ATOM   492  N  NH1 . ARG A 1 63  ? -10.235 -14.029 -17.402 1.00 51.13 ? 233 ARG A NH1 1 
ATOM   493  N  NH2 . ARG A 1 63  ? -10.699 -16.278 -17.508 1.00 48.34 ? 233 ARG A NH2 1 
ATOM   494  N  N   . LYS A 1 64  ? -5.873  -11.996 -14.244 1.00 33.99 ? 234 LYS A N   1 
ATOM   495  C  CA  . LYS A 1 64  ? -4.795  -12.049 -15.239 1.00 34.82 ? 234 LYS A CA  1 
ATOM   496  C  C   . LYS A 1 64  ? -3.444  -12.480 -14.628 1.00 35.59 ? 234 LYS A C   1 
ATOM   497  O  O   . LYS A 1 64  ? -2.706  -13.252 -15.238 1.00 34.19 ? 234 LYS A O   1 
ATOM   498  C  CB  . LYS A 1 64  ? -4.652  -10.697 -15.945 1.00 39.42 ? 234 LYS A CB  1 
ATOM   499  C  CG  . LYS A 1 64  ? -3.696  -10.709 -17.123 1.00 44.67 ? 234 LYS A CG  1 
ATOM   500  C  CD  . LYS A 1 64  ? -3.346  -9.304  -17.590 1.00 48.59 ? 234 LYS A CD  1 
ATOM   501  C  CE  . LYS A 1 64  ? -2.147  -9.322  -18.529 1.00 50.61 ? 234 LYS A CE  1 
ATOM   502  N  NZ  . LYS A 1 64  ? -1.946  -8.015  -19.214 1.00 52.37 ? 234 LYS A NZ  1 
ATOM   503  N  N   . LEU A 1 65  ? -3.138  -11.998 -13.424 1.00 33.25 ? 235 LEU A N   1 
ATOM   504  C  CA  . LEU A 1 65  ? -1.865  -12.310 -12.759 1.00 34.48 ? 235 LEU A CA  1 
ATOM   505  C  C   . LEU A 1 65  ? -1.773  -13.754 -12.248 1.00 36.90 ? 235 LEU A C   1 
ATOM   506  O  O   . LEU A 1 65  ? -0.677  -14.307 -12.169 1.00 35.56 ? 235 LEU A O   1 
ATOM   507  C  CB  . LEU A 1 65  ? -1.614  -11.335 -11.601 1.00 33.07 ? 235 LEU A CB  1 
ATOM   508  C  CG  . LEU A 1 65  ? -1.348  -9.883  -12.015 1.00 30.91 ? 235 LEU A CG  1 
ATOM   509  C  CD1 . LEU A 1 65  ? -1.454  -8.938  -10.825 1.00 30.98 ? 235 LEU A CD1 1 
ATOM   510  C  CD2 . LEU A 1 65  ? 0.007   -9.760  -12.693 1.00 32.53 ? 235 LEU A CD2 1 
ATOM   511  N  N   . ASP A 1 66  ? -2.912  -14.337 -11.870 1.00 39.85 ? 236 ASP A N   1 
ATOM   512  C  CA  . ASP A 1 66  ? -2.981  -15.749 -11.461 1.00 43.42 ? 236 ASP A CA  1 
ATOM   513  C  C   . ASP A 1 66  ? -1.985  -16.062 -10.342 1.00 44.97 ? 236 ASP A C   1 
ATOM   514  O  O   . ASP A 1 66  ? -0.993  -16.769 -10.544 1.00 44.95 ? 236 ASP A O   1 
ATOM   515  C  CB  . ASP A 1 66  ? -2.741  -16.654 -12.678 1.00 43.64 ? 236 ASP A CB  1 
ATOM   516  C  CG  . ASP A 1 66  ? -3.094  -18.112 -12.411 1.00 49.46 ? 236 ASP A CG  1 
ATOM   517  O  OD1 . ASP A 1 66  ? -3.772  -18.404 -11.397 1.00 47.92 ? 236 ASP A OD1 1 
ATOM   518  O  OD2 . ASP A 1 66  ? -2.688  -18.966 -13.231 1.00 52.55 ? 236 ASP A OD2 1 
ATOM   519  N  N   . ILE A 1 67  ? -2.269  -15.528 -9.159  1.00 44.33 ? 237 ILE A N   1 
ATOM   520  C  CA  . ILE A 1 67  ? -1.344  -15.574 -8.036  1.00 45.33 ? 237 ILE A CA  1 
ATOM   521  C  C   . ILE A 1 67  ? -1.704  -16.743 -7.120  1.00 49.08 ? 237 ILE A C   1 
ATOM   522  O  O   . ILE A 1 67  ? -2.761  -16.740 -6.477  1.00 50.96 ? 237 ILE A O   1 
ATOM   523  C  CB  . ILE A 1 67  ? -1.381  -14.252 -7.235  1.00 42.30 ? 237 ILE A CB  1 
ATOM   524  C  CG1 . ILE A 1 67  ? -1.150  -13.057 -8.169  1.00 41.13 ? 237 ILE A CG1 1 
ATOM   525  C  CG2 . ILE A 1 67  ? -0.340  -14.279 -6.125  1.00 41.24 ? 237 ILE A CG2 1 
ATOM   526  C  CD1 . ILE A 1 67  ? -1.275  -11.707 -7.492  1.00 39.11 ? 237 ILE A CD1 1 
ATOM   527  N  N   . LYS A 1 68  ? -0.824  -17.741 -7.073  1.00 54.22 ? 238 LYS A N   1 
ATOM   528  C  CA  . LYS A 1 68  ? -1.082  -18.977 -6.323  1.00 56.73 ? 238 LYS A CA  1 
ATOM   529  C  C   . LYS A 1 68  ? -0.137  -19.198 -5.141  1.00 56.30 ? 238 LYS A C   1 
ATOM   530  O  O   . LYS A 1 68  ? -0.540  -19.779 -4.132  1.00 59.72 ? 238 LYS A O   1 
ATOM   531  C  CB  . LYS A 1 68  ? -0.998  -20.181 -7.265  1.00 60.62 ? 238 LYS A CB  1 
ATOM   532  C  CG  . LYS A 1 68  ? -2.124  -20.240 -8.285  1.00 62.28 ? 238 LYS A CG  1 
ATOM   533  C  CD  . LYS A 1 68  ? -1.775  -21.131 -9.468  1.00 64.98 ? 238 LYS A CD  1 
ATOM   534  C  CE  . LYS A 1 68  ? -0.700  -20.511 -10.349 1.00 67.22 ? 238 LYS A CE  1 
ATOM   535  N  NZ  . LYS A 1 68  ? -0.714  -21.079 -11.726 1.00 71.53 ? 238 LYS A NZ  1 
ATOM   536  N  N   . ASN A 1 69  ? 1.103   -18.729 -5.257  1.00 54.10 ? 239 ASN A N   1 
ATOM   537  C  CA  . ASN A 1 69  ? 2.157   -19.113 -4.320  1.00 55.54 ? 239 ASN A CA  1 
ATOM   538  C  C   . ASN A 1 69  ? 3.271   -18.065 -4.206  1.00 54.96 ? 239 ASN A C   1 
ATOM   539  O  O   . ASN A 1 69  ? 3.179   -16.984 -4.794  1.00 50.65 ? 239 ASN A O   1 
ATOM   540  C  CB  . ASN A 1 69  ? 2.732   -20.461 -4.768  1.00 55.65 ? 239 ASN A CB  1 
ATOM   541  C  CG  . ASN A 1 69  ? 3.210   -20.435 -6.207  1.00 57.72 ? 239 ASN A CG  1 
ATOM   542  O  OD1 . ASN A 1 69  ? 4.090   -19.653 -6.567  1.00 58.02 ? 239 ASN A OD1 1 
ATOM   543  N  ND2 . ASN A 1 69  ? 2.625   -21.288 -7.042  1.00 54.06 ? 239 ASN A ND2 1 
ATOM   544  N  N   . GLU A 1 70  ? 4.313   -18.402 -3.443  1.00 57.11 ? 240 GLU A N   1 
ATOM   545  C  CA  . GLU A 1 70  ? 5.462   -17.524 -3.203  1.00 57.54 ? 240 GLU A CA  1 
ATOM   546  C  C   . GLU A 1 70  ? 6.141   -17.025 -4.479  1.00 55.14 ? 240 GLU A C   1 
ATOM   547  O  O   . GLU A 1 70  ? 6.445   -15.839 -4.595  1.00 53.32 ? 240 GLU A O   1 
ATOM   548  C  CB  . GLU A 1 70  ? 6.497   -18.245 -2.332  1.00 63.44 ? 240 GLU A CB  1 
ATOM   549  C  CG  . GLU A 1 70  ? 7.701   -17.391 -1.951  1.00 69.38 ? 240 GLU A CG  1 
ATOM   550  C  CD  . GLU A 1 70  ? 8.567   -18.022 -0.872  1.00 74.91 ? 240 GLU A CD  1 
ATOM   551  O  OE1 . GLU A 1 70  ? 8.548   -19.266 -0.734  1.00 77.49 ? 240 GLU A OE1 1 
ATOM   552  O  OE2 . GLU A 1 70  ? 9.273   -17.270 -0.163  1.00 74.95 ? 240 GLU A OE2 1 
ATOM   553  N  N   . ASP A 1 71  ? 6.386   -17.932 -5.422  1.00 53.75 ? 241 ASP A N   1 
ATOM   554  C  CA  . ASP A 1 71  ? 7.098   -17.595 -6.660  1.00 54.13 ? 241 ASP A CA  1 
ATOM   555  C  C   . ASP A 1 71  ? 6.316   -16.603 -7.526  1.00 50.87 ? 241 ASP A C   1 
ATOM   556  O  O   . ASP A 1 71  ? 6.911   -15.729 -8.155  1.00 47.30 ? 241 ASP A O   1 
ATOM   557  C  CB  . ASP A 1 71  ? 7.401   -18.859 -7.479  1.00 57.82 ? 241 ASP A CB  1 
ATOM   558  C  CG  . ASP A 1 71  ? 8.267   -19.871 -6.722  1.00 60.70 ? 241 ASP A CG  1 
ATOM   559  O  OD1 . ASP A 1 71  ? 8.836   -19.529 -5.660  1.00 55.52 ? 241 ASP A OD1 1 
ATOM   560  O  OD2 . ASP A 1 71  ? 8.373   -21.022 -7.197  1.00 64.94 ? 241 ASP A OD2 1 
ATOM   561  N  N   . ASP A 1 72  ? 4.990   -16.754 -7.565  1.00 48.45 ? 242 ASP A N   1 
ATOM   562  C  CA  . ASP A 1 72  ? 4.114   -15.811 -8.271  1.00 46.31 ? 242 ASP A CA  1 
ATOM   563  C  C   . ASP A 1 72  ? 4.154   -14.437 -7.613  1.00 41.13 ? 242 ASP A C   1 
ATOM   564  O  O   . ASP A 1 72  ? 4.199   -13.423 -8.300  1.00 42.65 ? 242 ASP A O   1 
ATOM   565  C  CB  . ASP A 1 72  ? 2.657   -16.303 -8.287  1.00 47.93 ? 242 ASP A CB  1 
ATOM   566  C  CG  . ASP A 1 72  ? 2.436   -17.512 -9.194  1.00 50.16 ? 242 ASP A CG  1 
ATOM   567  O  OD1 . ASP A 1 72  ? 3.095   -17.619 -10.252 1.00 49.36 ? 242 ASP A OD1 1 
ATOM   568  O  OD2 . ASP A 1 72  ? 1.569   -18.345 -8.849  1.00 50.26 ? 242 ASP A OD2 1 
ATOM   569  N  N   . VAL A 1 73  ? 4.121   -14.411 -6.283  1.00 37.91 ? 243 VAL A N   1 
ATOM   570  C  CA  . VAL A 1 73  ? 4.183   -13.160 -5.529  1.00 38.97 ? 243 VAL A CA  1 
ATOM   571  C  C   . VAL A 1 73  ? 5.522   -12.450 -5.767  1.00 41.48 ? 243 VAL A C   1 
ATOM   572  O  O   . VAL A 1 73  ? 5.555   -11.234 -5.950  1.00 37.00 ? 243 VAL A O   1 
ATOM   573  C  CB  . VAL A 1 73  ? 3.943   -13.387 -4.018  1.00 39.31 ? 243 VAL A CB  1 
ATOM   574  C  CG1 . VAL A 1 73  ? 4.216   -12.118 -3.225  1.00 37.71 ? 243 VAL A CG1 1 
ATOM   575  C  CG2 . VAL A 1 73  ? 2.513   -13.874 -3.772  1.00 40.09 ? 243 VAL A CG2 1 
ATOM   576  N  N   . LYS A 1 74  ? 6.613   -13.214 -5.800  1.00 43.14 ? 244 LYS A N   1 
ATOM   577  C  CA  . LYS A 1 74  ? 7.936   -12.658 -6.098  1.00 46.44 ? 244 LYS A CA  1 
ATOM   578  C  C   . LYS A 1 74  ? 8.014   -12.038 -7.499  1.00 41.30 ? 244 LYS A C   1 
ATOM   579  O  O   . LYS A 1 74  ? 8.725   -11.056 -7.708  1.00 42.38 ? 244 LYS A O   1 
ATOM   580  C  CB  . LYS A 1 74  ? 9.016   -13.733 -5.944  1.00 53.00 ? 244 LYS A CB  1 
ATOM   581  C  CG  . LYS A 1 74  ? 9.339   -14.070 -4.500  1.00 58.15 ? 244 LYS A CG  1 
ATOM   582  C  CD  . LYS A 1 74  ? 10.403  -15.153 -4.405  1.00 63.57 ? 244 LYS A CD  1 
ATOM   583  C  CE  . LYS A 1 74  ? 10.811  -15.402 -2.960  1.00 68.46 ? 244 LYS A CE  1 
ATOM   584  N  NZ  . LYS A 1 74  ? 12.058  -16.211 -2.861  1.00 71.73 ? 244 LYS A NZ  1 
ATOM   585  N  N   . SER A 1 75  ? 7.271   -12.602 -8.447  1.00 39.28 ? 245 SER A N   1 
ATOM   586  C  CA  . SER A 1 75  ? 7.242   -12.087 -9.820  1.00 38.31 ? 245 SER A CA  1 
ATOM   587  C  C   . SER A 1 75  ? 6.554   -10.715 -9.967  1.00 34.35 ? 245 SER A C   1 
ATOM   588  O  O   . SER A 1 75  ? 6.709   -10.062 -10.990 1.00 34.76 ? 245 SER A O   1 
ATOM   589  C  CB  . SER A 1 75  ? 6.547   -13.088 -10.747 1.00 40.30 ? 245 SER A CB  1 
ATOM   590  O  OG  . SER A 1 75  ? 5.160   -13.167 -10.462 1.00 42.97 ? 245 SER A OG  1 
ATOM   591  N  N   . LEU A 1 76  ? 5.797   -10.292 -8.956  1.00 30.77 ? 246 LEU A N   1 
ATOM   592  C  CA  . LEU A 1 76  ? 5.033   -9.041  -9.046  1.00 29.50 ? 246 LEU A CA  1 
ATOM   593  C  C   . LEU A 1 76  ? 5.876   -7.771  -9.071  1.00 26.85 ? 246 LEU A C   1 
ATOM   594  O  O   . LEU A 1 76  ? 5.436   -6.758  -9.607  1.00 24.34 ? 246 LEU A O   1 
ATOM   595  C  CB  . LEU A 1 76  ? 4.025   -8.945  -7.900  1.00 27.89 ? 246 LEU A CB  1 
ATOM   596  C  CG  . LEU A 1 76  ? 2.907   -9.989  -7.952  1.00 26.87 ? 246 LEU A CG  1 
ATOM   597  C  CD1 . LEU A 1 76  ? 2.068   -9.910  -6.687  1.00 26.41 ? 246 LEU A CD1 1 
ATOM   598  C  CD2 . LEU A 1 76  ? 2.053   -9.803  -9.198  1.00 27.68 ? 246 LEU A CD2 1 
ATOM   599  N  N   . SER A 1 77  ? 7.073   -7.792  -8.489  1.00 27.06 ? 247 SER A N   1 
ATOM   600  C  CA  . SER A 1 77  ? 7.875   -6.568  -8.466  1.00 26.73 ? 247 SER A CA  1 
ATOM   601  C  C   . SER A 1 77  ? 8.189   -6.096  -9.897  1.00 25.07 ? 247 SER A C   1 
ATOM   602  O  O   . SER A 1 77  ? 8.107   -4.901  -10.197 1.00 23.07 ? 247 SER A O   1 
ATOM   603  C  CB  . SER A 1 77  ? 9.137   -6.730  -7.608  1.00 30.46 ? 247 SER A CB  1 
ATOM   604  O  OG  . SER A 1 77  ? 10.154  -7.394  -8.322  1.00 35.16 ? 247 SER A OG  1 
ATOM   605  N  N   . ARG A 1 78  ? 8.493   -7.030  -10.793 1.00 24.29 ? 248 ARG A N   1 
ATOM   606  C  CA  . ARG A 1 78  ? 8.707   -6.691  -12.199 1.00 26.16 ? 248 ARG A CA  1 
ATOM   607  C  C   . ARG A 1 78  ? 7.479   -6.017  -12.820 1.00 23.82 ? 248 ARG A C   1 
ATOM   608  O  O   . ARG A 1 78  ? 7.614   -5.071  -13.594 1.00 21.31 ? 248 ARG A O   1 
ATOM   609  C  CB  . ARG A 1 78  ? 9.064   -7.943  -13.007 1.00 31.82 ? 248 ARG A CB  1 
ATOM   610  C  CG  . ARG A 1 78  ? 9.369   -7.665  -14.468 1.00 39.31 ? 248 ARG A CG  1 
ATOM   611  C  CD  . ARG A 1 78  ? 9.645   -8.940  -15.258 1.00 47.52 ? 248 ARG A CD  1 
ATOM   612  N  NE  . ARG A 1 78  ? 9.989   -8.650  -16.651 1.00 54.96 ? 248 ARG A NE  1 
ATOM   613  C  CZ  . ARG A 1 78  ? 10.167  -9.568  -17.602 1.00 61.48 ? 248 ARG A CZ  1 
ATOM   614  N  NH1 . ARG A 1 78  ? 10.036  -10.867 -17.336 1.00 60.13 ? 248 ARG A NH1 1 
ATOM   615  N  NH2 . ARG A 1 78  ? 10.482  -9.185  -18.834 1.00 64.32 ? 248 ARG A NH2 1 
ATOM   616  N  N   . VAL A 1 79  ? 6.285   -6.513  -12.487 1.00 22.35 ? 249 VAL A N   1 
ATOM   617  C  CA  . VAL A 1 79  ? 5.058   -5.937  -13.023 1.00 22.36 ? 249 VAL A CA  1 
ATOM   618  C  C   . VAL A 1 79  ? 4.813   -4.554  -12.408 1.00 21.67 ? 249 VAL A C   1 
ATOM   619  O  O   . VAL A 1 79  ? 4.408   -3.623  -13.110 1.00 22.34 ? 249 VAL A O   1 
ATOM   620  C  CB  . VAL A 1 79  ? 3.828   -6.848  -12.796 1.00 25.01 ? 249 VAL A CB  1 
ATOM   621  C  CG1 . VAL A 1 79  ? 2.632   -6.315  -13.579 1.00 24.17 ? 249 VAL A CG1 1 
ATOM   622  C  CG2 . VAL A 1 79  ? 4.124   -8.289  -13.223 1.00 25.03 ? 249 VAL A CG2 1 
ATOM   623  N  N   . MET A 1 80  ? 5.087   -4.404  -11.112 1.00 20.23 ? 250 MET A N   1 
ATOM   624  C  CA  . MET A 1 80  ? 4.924   -3.093  -10.454 1.00 21.03 ? 250 MET A CA  1 
ATOM   625  C  C   . MET A 1 80  ? 5.853   -2.034  -11.059 1.00 20.95 ? 250 MET A C   1 
ATOM   626  O  O   . MET A 1 80  ? 5.448   -0.896  -11.298 1.00 20.24 ? 250 MET A O   1 
ATOM   627  C  CB  . MET A 1 80  ? 5.181   -3.196  -8.952  1.00 22.36 ? 250 MET A CB  1 
ATOM   628  C  CG  . MET A 1 80  ? 4.132   -3.982  -8.181  1.00 23.28 ? 250 MET A CG  1 
ATOM   629  S  SD  . MET A 1 80  ? 4.404   -3.919  -6.400  1.00 29.61 ? 250 MET A SD  1 
ATOM   630  C  CE  . MET A 1 80  ? 5.481   -5.320  -6.130  1.00 26.88 ? 250 MET A CE  1 
ATOM   631  N  N   . ILE A 1 81  ? 7.109   -2.405  -11.287 1.00 21.39 ? 251 ILE A N   1 
ATOM   632  C  CA  . ILE A 1 81  ? 8.053   -1.504  -11.949 1.00 22.82 ? 251 ILE A CA  1 
ATOM   633  C  C   . ILE A 1 81  ? 7.538   -1.106  -13.338 1.00 21.02 ? 251 ILE A C   1 
ATOM   634  O  O   . ILE A 1 81  ? 7.631   0.052   -13.740 1.00 21.43 ? 251 ILE A O   1 
ATOM   635  C  CB  . ILE A 1 81  ? 9.456   -2.144  -12.061 1.00 24.92 ? 251 ILE A CB  1 
ATOM   636  C  CG1 . ILE A 1 81  ? 10.085  -2.316  -10.669 1.00 26.28 ? 251 ILE A CG1 1 
ATOM   637  C  CG2 . ILE A 1 81  ? 10.354  -1.306  -12.947 1.00 25.58 ? 251 ILE A CG2 1 
ATOM   638  C  CD1 . ILE A 1 81  ? 10.356  -1.011  -9.954  1.00 28.14 ? 251 ILE A CD1 1 
ATOM   639  N  N   . HIS A 1 82  ? 6.991   -2.076  -14.059 1.00 20.79 ? 252 HIS A N   1 
ATOM   640  C  CA  . HIS A 1 82  ? 6.438   -1.856  -15.394 1.00 22.12 ? 252 HIS A CA  1 
ATOM   641  C  C   . HIS A 1 82  ? 5.297   -0.868  -15.349 1.00 21.13 ? 252 HIS A C   1 
ATOM   642  O  O   . HIS A 1 82  ? 5.312   0.139   -16.063 1.00 22.00 ? 252 HIS A O   1 
ATOM   643  C  CB  . HIS A 1 82  ? 5.976   -3.197  -15.977 1.00 25.49 ? 252 HIS A CB  1 
ATOM   644  C  CG  . HIS A 1 82  ? 5.606   -3.148  -17.436 1.00 29.87 ? 252 HIS A CG  1 
ATOM   645  N  ND1 . HIS A 1 82  ? 6.365   -3.716  -18.390 1.00 35.74 ? 252 HIS A ND1 1 
ATOM   646  C  CD2 . HIS A 1 82  ? 4.515   -2.585  -18.086 1.00 33.33 ? 252 HIS A CD2 1 
ATOM   647  C  CE1 . HIS A 1 82  ? 5.793   -3.516  -19.595 1.00 34.90 ? 252 HIS A CE1 1 
ATOM   648  N  NE2 . HIS A 1 82  ? 4.664   -2.821  -19.406 1.00 34.13 ? 252 HIS A NE2 1 
ATOM   649  N  N   . VAL A 1 83  ? 4.321   -1.115  -14.483 1.00 19.48 ? 253 VAL A N   1 
ATOM   650  C  CA  . VAL A 1 83  ? 3.092   -0.318  -14.483 1.00 19.82 ? 253 VAL A CA  1 
ATOM   651  C  C   . VAL A 1 83  ? 3.190   0.962   -13.652 1.00 19.16 ? 253 VAL A C   1 
ATOM   652  O  O   . VAL A 1 83  ? 2.870   2.055   -14.146 1.00 18.79 ? 253 VAL A O   1 
ATOM   653  C  CB  . VAL A 1 83  ? 1.883   -1.171  -14.042 1.00 19.19 ? 253 VAL A CB  1 
ATOM   654  C  CG1 . VAL A 1 83  ? 0.648   -0.305  -13.861 1.00 18.76 ? 253 VAL A CG1 1 
ATOM   655  C  CG2 . VAL A 1 83  ? 1.631   -2.267  -15.071 1.00 20.38 ? 253 VAL A CG2 1 
ATOM   656  N  N   . PHE A 1 84  ? 3.629   0.836   -12.400 1.00 19.28 ? 254 PHE A N   1 
ATOM   657  C  CA  . PHE A 1 84  ? 3.734   1.994   -11.501 1.00 18.71 ? 254 PHE A CA  1 
ATOM   658  C  C   . PHE A 1 84  ? 4.956   2.886   -11.748 1.00 19.05 ? 254 PHE A C   1 
ATOM   659  O  O   . PHE A 1 84  ? 4.794   4.088   -11.957 1.00 17.06 ? 254 PHE A O   1 
ATOM   660  C  CB  . PHE A 1 84  ? 3.719   1.556   -10.032 1.00 18.30 ? 254 PHE A CB  1 
ATOM   661  C  CG  . PHE A 1 84  ? 4.047   2.665   -9.084  1.00 18.09 ? 254 PHE A CG  1 
ATOM   662  C  CD1 . PHE A 1 84  ? 3.115   3.644   -8.809  1.00 17.41 ? 254 PHE A CD1 1 
ATOM   663  C  CD2 . PHE A 1 84  ? 5.306   2.755   -8.507  1.00 17.51 ? 254 PHE A CD2 1 
ATOM   664  C  CE1 . PHE A 1 84  ? 3.414   4.680   -7.949  1.00 18.70 ? 254 PHE A CE1 1 
ATOM   665  C  CE2 . PHE A 1 84  ? 5.614   3.786   -7.644  1.00 18.16 ? 254 PHE A CE2 1 
ATOM   666  C  CZ  . PHE A 1 84  ? 4.669   4.754   -7.366  1.00 19.49 ? 254 PHE A CZ  1 
ATOM   667  N  N   . SER A 1 85  ? 6.174   2.325   -11.696 1.00 19.04 ? 255 SER A N   1 
ATOM   668  C  CA  . SER A 1 85  ? 7.387   3.150   -11.791 1.00 18.92 ? 255 SER A CA  1 
ATOM   669  C  C   . SER A 1 85  ? 7.495   3.907   -13.110 1.00 19.74 ? 255 SER A C   1 
ATOM   670  O  O   . SER A 1 85  ? 7.869   5.081   -13.124 1.00 18.63 ? 255 SER A O   1 
ATOM   671  C  CB  . SER A 1 85  ? 8.666   2.319   -11.572 1.00 18.69 ? 255 SER A CB  1 
ATOM   672  O  OG  . SER A 1 85  ? 8.634   1.702   -10.305 1.00 19.46 ? 255 SER A OG  1 
ATOM   673  N  N   . ASP A 1 86  ? 7.136   3.241   -14.205 1.00 19.66 ? 256 ASP A N   1 
ATOM   674  C  CA  . ASP A 1 86  ? 7.294   3.799   -15.538 1.00 20.92 ? 256 ASP A CA  1 
ATOM   675  C  C   . ASP A 1 86  ? 6.059   4.600   -15.894 1.00 23.13 ? 256 ASP A C   1 
ATOM   676  O  O   . ASP A 1 86  ? 5.250   4.194   -16.726 1.00 22.99 ? 256 ASP A O   1 
ATOM   677  C  CB  . ASP A 1 86  ? 7.515   2.678   -16.545 1.00 22.17 ? 256 ASP A CB  1 
ATOM   678  C  CG  . ASP A 1 86  ? 7.949   3.177   -17.908 1.00 23.66 ? 256 ASP A CG  1 
ATOM   679  O  OD1 . ASP A 1 86  ? 8.388   4.339   -18.039 1.00 24.74 ? 256 ASP A OD1 1 
ATOM   680  O  OD2 . ASP A 1 86  ? 7.868   2.376   -18.862 1.00 24.04 ? 256 ASP A OD2 1 
ATOM   681  N  N   . GLY A 1 87  ? 5.921   5.741   -15.242 1.00 24.09 ? 257 GLY A N   1 
ATOM   682  C  CA  . GLY A 1 87  ? 4.791   6.639   -15.471 1.00 25.53 ? 257 GLY A CA  1 
ATOM   683  C  C   . GLY A 1 87  ? 4.942   7.814   -14.534 1.00 25.76 ? 257 GLY A C   1 
ATOM   684  O  O   . GLY A 1 87  ? 5.875   7.851   -13.732 1.00 24.80 ? 257 GLY A O   1 
ATOM   685  N  N   . VAL A 1 88  ? 4.030   8.773   -14.629 1.00 23.22 ? 258 VAL A N   1 
ATOM   686  C  CA  . VAL A 1 88  ? 4.073   9.953   -13.780 1.00 24.02 ? 258 VAL A CA  1 
ATOM   687  C  C   . VAL A 1 88  ? 3.887   9.547   -12.319 1.00 21.73 ? 258 VAL A C   1 
ATOM   688  O  O   . VAL A 1 88  ? 3.325   8.494   -12.021 1.00 22.85 ? 258 VAL A O   1 
ATOM   689  C  CB  . VAL A 1 88  ? 2.980   10.975  -14.192 1.00 26.44 ? 258 VAL A CB  1 
ATOM   690  C  CG1 . VAL A 1 88  ? 1.591   10.409  -13.926 1.00 28.09 ? 258 VAL A CG1 1 
ATOM   691  C  CG2 . VAL A 1 88  ? 3.174   12.301  -13.467 1.00 28.11 ? 258 VAL A CG2 1 
ATOM   692  N  N   . THR A 1 89  ? 4.354   10.379  -11.403 1.00 20.46 ? 259 THR A N   1 
ATOM   693  C  CA  . THR A 1 89  ? 4.177   10.123  -9.986  1.00 20.54 ? 259 THR A CA  1 
ATOM   694  C  C   . THR A 1 89  ? 3.253   11.164  -9.367  1.00 20.52 ? 259 THR A C   1 
ATOM   695  O  O   . THR A 1 89  ? 3.486   12.377  -9.496  1.00 19.61 ? 259 THR A O   1 
ATOM   696  C  CB  . THR A 1 89  ? 5.524   10.146  -9.239  1.00 22.35 ? 259 THR A CB  1 
ATOM   697  O  OG1 . THR A 1 89  ? 6.478   9.370   -9.967  1.00 23.17 ? 259 THR A OG1 1 
ATOM   698  C  CG2 . THR A 1 89  ? 5.366   9.575   -7.836  1.00 21.12 ? 259 THR A CG2 1 
ATOM   699  N  N   . ASN A 1 90  ? 2.192   10.679  -8.721  1.00 18.44 ? 260 ASN A N   1 
ATOM   700  C  CA  . ASN A 1 90  ? 1.345   11.514  -7.878  1.00 18.42 ? 260 ASN A CA  1 
ATOM   701  C  C   . ASN A 1 90  ? 0.772   10.630  -6.776  1.00 17.91 ? 260 ASN A C   1 
ATOM   702  O  O   . ASN A 1 90  ? 0.872   9.389   -6.852  1.00 14.30 ? 260 ASN A O   1 
ATOM   703  C  CB  . ASN A 1 90  ? 0.262   12.239  -8.705  1.00 19.23 ? 260 ASN A CB  1 
ATOM   704  C  CG  . ASN A 1 90  ? -0.586  11.285  -9.531  1.00 20.32 ? 260 ASN A CG  1 
ATOM   705  O  OD1 . ASN A 1 90  ? -1.212  10.377  -8.984  1.00 20.01 ? 260 ASN A OD1 1 
ATOM   706  N  ND2 . ASN A 1 90  ? -0.624  11.498  -10.851 1.00 18.01 ? 260 ASN A ND2 1 
ATOM   707  N  N   . TRP A 1 91  ? 0.218   11.253  -5.737  1.00 16.62 ? 261 TRP A N   1 
ATOM   708  C  CA  . TRP A 1 91  ? -0.297  10.499  -4.603  1.00 17.29 ? 261 TRP A CA  1 
ATOM   709  C  C   . TRP A 1 91  ? -1.353  9.500   -4.991  1.00 16.99 ? 261 TRP A C   1 
ATOM   710  O  O   . TRP A 1 91  ? -1.407  8.422   -4.417  1.00 16.45 ? 261 TRP A O   1 
ATOM   711  C  CB  . TRP A 1 91  ? -0.799  11.430  -3.493  1.00 17.06 ? 261 TRP A CB  1 
ATOM   712  C  CG  . TRP A 1 91  ? 0.330   12.076  -2.711  1.00 18.54 ? 261 TRP A CG  1 
ATOM   713  C  CD1 . TRP A 1 91  ? 0.585   13.437  -2.549  1.00 18.86 ? 261 TRP A CD1 1 
ATOM   714  C  CD2 . TRP A 1 91  ? 1.408   11.395  -1.963  1.00 19.49 ? 261 TRP A CD2 1 
ATOM   715  N  NE1 . TRP A 1 91  ? 1.702   13.636  -1.786  1.00 19.17 ? 261 TRP A NE1 1 
ATOM   716  C  CE2 . TRP A 1 91  ? 2.246   12.456  -1.404  1.00 19.44 ? 261 TRP A CE2 1 
ATOM   717  C  CE3 . TRP A 1 91  ? 1.741   10.068  -1.709  1.00 19.10 ? 261 TRP A CE3 1 
ATOM   718  C  CZ2 . TRP A 1 91  ? 3.365   12.178  -0.630  1.00 20.86 ? 261 TRP A CZ2 1 
ATOM   719  C  CZ3 . TRP A 1 91  ? 2.877   9.799   -0.931  1.00 21.37 ? 261 TRP A CZ3 1 
ATOM   720  C  CH2 . TRP A 1 91  ? 3.662   10.831  -0.397  1.00 19.32 ? 261 TRP A CH2 1 
ATOM   721  N  N   . GLY A 1 92  ? -2.169  9.837   -5.991  1.00 16.61 ? 262 GLY A N   1 
ATOM   722  C  CA  . GLY A 1 92  ? -3.212  8.936   -6.502  1.00 17.80 ? 262 GLY A CA  1 
ATOM   723  C  C   . GLY A 1 92  ? -2.687  7.602   -7.018  1.00 17.69 ? 262 GLY A C   1 
ATOM   724  O  O   . GLY A 1 92  ? -3.239  6.553   -6.701  1.00 16.41 ? 262 GLY A O   1 
ATOM   725  N  N   . ARG A 1 93  ? -1.602  7.644   -7.784  1.00 17.42 ? 263 ARG A N   1 
ATOM   726  C  CA  . ARG A 1 93  ? -0.982  6.432   -8.312  1.00 17.83 ? 263 ARG A CA  1 
ATOM   727  C  C   . ARG A 1 93  ? -0.290  5.630   -7.201  1.00 17.87 ? 263 ARG A C   1 
ATOM   728  O  O   . ARG A 1 93  ? -0.256  4.405   -7.270  1.00 17.13 ? 263 ARG A O   1 
ATOM   729  C  CB  . ARG A 1 93  ? -0.005  6.762   -9.442  1.00 17.99 ? 263 ARG A CB  1 
ATOM   730  C  CG  . ARG A 1 93  ? -0.667  7.482   -10.605 1.00 18.80 ? 263 ARG A CG  1 
ATOM   731  C  CD  . ARG A 1 93  ? 0.174   7.445   -11.868 1.00 19.10 ? 263 ARG A CD  1 
ATOM   732  N  NE  . ARG A 1 93  ? 0.190   6.084   -12.399 1.00 18.34 ? 263 ARG A NE  1 
ATOM   733  C  CZ  . ARG A 1 93  ? 1.269   5.340   -12.619 1.00 20.14 ? 263 ARG A CZ  1 
ATOM   734  N  NH1 . ARG A 1 93  ? 1.105   4.104   -13.092 1.00 19.27 ? 263 ARG A NH1 1 
ATOM   735  N  NH2 . ARG A 1 93  ? 2.508   5.816   -12.405 1.00 21.18 ? 263 ARG A NH2 1 
ATOM   736  N  N   . ILE A 1 94  ? 0.213   6.318   -6.168  1.00 17.81 ? 264 ILE A N   1 
ATOM   737  C  CA  . ILE A 1 94  ? 0.810   5.633   -5.016  1.00 17.13 ? 264 ILE A CA  1 
ATOM   738  C  C   . ILE A 1 94  ? -0.259  4.902   -4.189  1.00 16.97 ? 264 ILE A C   1 
ATOM   739  O  O   . ILE A 1 94  ? -0.050  3.752   -3.772  1.00 15.73 ? 264 ILE A O   1 
ATOM   740  C  CB  . ILE A 1 94  ? 1.643   6.599   -4.145  1.00 17.47 ? 264 ILE A CB  1 
ATOM   741  C  CG1 . ILE A 1 94  ? 2.910   7.014   -4.910  1.00 17.99 ? 264 ILE A CG1 1 
ATOM   742  C  CG2 . ILE A 1 94  ? 1.981   5.939   -2.809  1.00 17.26 ? 264 ILE A CG2 1 
ATOM   743  C  CD1 . ILE A 1 94  ? 3.594   8.279   -4.429  1.00 18.49 ? 264 ILE A CD1 1 
ATOM   744  N  N   . VAL A 1 95  ? -1.407  5.552   -3.977  1.00 17.41 ? 265 VAL A N   1 
ATOM   745  C  CA  . VAL A 1 95  ? -2.562  4.906   -3.336  1.00 17.50 ? 265 VAL A CA  1 
ATOM   746  C  C   . VAL A 1 95  ? -3.019  3.682   -4.130  1.00 18.78 ? 265 VAL A C   1 
ATOM   747  O  O   . VAL A 1 95  ? -3.308  2.637   -3.548  1.00 18.02 ? 265 VAL A O   1 
ATOM   748  C  CB  . VAL A 1 95  ? -3.740  5.885   -3.088  1.00 18.91 ? 265 VAL A CB  1 
ATOM   749  C  CG1 . VAL A 1 95  ? -4.953  5.170   -2.481  1.00 18.44 ? 265 VAL A CG1 1 
ATOM   750  C  CG2 . VAL A 1 95  ? -3.307  6.992   -2.149  1.00 17.79 ? 265 VAL A CG2 1 
ATOM   751  N  N   . THR A 1 96  ? -3.028  3.776   -5.453  1.00 17.97 ? 266 THR A N   1 
ATOM   752  C  CA  . THR A 1 96  ? -3.431  2.622   -6.255  1.00 18.83 ? 266 THR A CA  1 
ATOM   753  C  C   . THR A 1 96  ? -2.438  1.464   -6.137  1.00 16.88 ? 266 THR A C   1 
ATOM   754  O  O   . THR A 1 96  ? -2.858  0.322   -6.016  1.00 16.39 ? 266 THR A O   1 
ATOM   755  C  CB  . THR A 1 96  ? -3.678  3.002   -7.720  1.00 21.03 ? 266 THR A CB  1 
ATOM   756  O  OG1 . THR A 1 96  ? -4.744  3.962   -7.757  1.00 24.21 ? 266 THR A OG1 1 
ATOM   757  C  CG2 . THR A 1 96  ? -4.067  1.778   -8.541  1.00 20.65 ? 266 THR A CG2 1 
ATOM   758  N  N   . LEU A 1 97  ? -1.136  1.759   -6.123  1.00 15.51 ? 267 LEU A N   1 
ATOM   759  C  CA  . LEU A 1 97  ? -0.119  0.736   -5.920  1.00 14.58 ? 267 LEU A CA  1 
ATOM   760  C  C   . LEU A 1 97  ? -0.387  -0.021  -4.638  1.00 15.65 ? 267 LEU A C   1 
ATOM   761  O  O   . LEU A 1 97  ? -0.378  -1.257  -4.601  1.00 16.58 ? 267 LEU A O   1 
ATOM   762  C  CB  . LEU A 1 97  ? 1.277   1.376   -5.832  1.00 14.51 ? 267 LEU A CB  1 
ATOM   763  C  CG  . LEU A 1 97  ? 2.477   0.486   -5.495  1.00 14.39 ? 267 LEU A CG  1 
ATOM   764  C  CD1 . LEU A 1 97  ? 2.859   -0.394  -6.689  1.00 14.58 ? 267 LEU A CD1 1 
ATOM   765  C  CD2 . LEU A 1 97  ? 3.668   1.364   -5.105  1.00 14.31 ? 267 LEU A CD2 1 
ATOM   766  N  N   . ILE A 1 98  ? -0.613  0.739   -3.580  1.00 15.94 ? 268 ILE A N   1 
ATOM   767  C  CA  . ILE A 1 98  ? -0.815  0.172   -2.262  1.00 16.68 ? 268 ILE A CA  1 
ATOM   768  C  C   . ILE A 1 98  ? -2.194  -0.485  -2.137  1.00 16.97 ? 268 ILE A C   1 
ATOM   769  O  O   . ILE A 1 98  ? -2.316  -1.517  -1.493  1.00 17.61 ? 268 ILE A O   1 
ATOM   770  C  CB  . ILE A 1 98  ? -0.622  1.246   -1.176  1.00 16.91 ? 268 ILE A CB  1 
ATOM   771  C  CG1 . ILE A 1 98  ? 0.832   1.747   -1.164  1.00 17.68 ? 268 ILE A CG1 1 
ATOM   772  C  CG2 . ILE A 1 98  ? -1.024  0.686   0.189   1.00 16.24 ? 268 ILE A CG2 1 
ATOM   773  C  CD1 . ILE A 1 98  ? 1.059   2.966   -0.287  1.00 18.41 ? 268 ILE A CD1 1 
ATOM   774  N  N   . SER A 1 99  ? -3.223  0.089   -2.760  1.00 17.88 ? 269 SER A N   1 
ATOM   775  C  CA  . SER A 1 99  ? -4.586  -0.470  -2.646  1.00 18.94 ? 269 SER A CA  1 
ATOM   776  C  C   . SER A 1 99  ? -4.745  -1.761  -3.432  1.00 17.67 ? 269 SER A C   1 
ATOM   777  O  O   . SER A 1 99  ? -5.419  -2.677  -2.983  1.00 17.12 ? 269 SER A O   1 
ATOM   778  C  CB  . SER A 1 99  ? -5.648  0.529   -3.098  1.00 20.93 ? 269 SER A CB  1 
ATOM   779  O  OG  . SER A 1 99  ? -5.529  1.724   -2.356  1.00 23.52 ? 269 SER A OG  1 
ATOM   780  N  N   . PHE A 1 100 ? -4.143  -1.840  -4.612  1.00 17.36 ? 270 PHE A N   1 
ATOM   781  C  CA  . PHE A 1 100 ? -4.103  -3.114  -5.304  1.00 18.91 ? 270 PHE A CA  1 
ATOM   782  C  C   . PHE A 1 100 ? -3.270  -4.152  -4.549  1.00 20.23 ? 270 PHE A C   1 
ATOM   783  O  O   . PHE A 1 100 ? -3.549  -5.351  -4.628  1.00 21.26 ? 270 PHE A O   1 
ATOM   784  C  CB  . PHE A 1 100 ? -3.621  -2.997  -6.748  1.00 18.65 ? 270 PHE A CB  1 
ATOM   785  C  CG  . PHE A 1 100 ? -3.799  -4.269  -7.510  1.00 18.89 ? 270 PHE A CG  1 
ATOM   786  C  CD1 . PHE A 1 100 ? -5.071  -4.704  -7.836  1.00 19.20 ? 270 PHE A CD1 1 
ATOM   787  C  CD2 . PHE A 1 100 ? -2.714  -5.061  -7.846  1.00 18.23 ? 270 PHE A CD2 1 
ATOM   788  C  CE1 . PHE A 1 100 ? -5.260  -5.891  -8.506  1.00 19.10 ? 270 PHE A CE1 1 
ATOM   789  C  CE2 . PHE A 1 100 ? -2.891  -6.246  -8.525  1.00 19.34 ? 270 PHE A CE2 1 
ATOM   790  C  CZ  . PHE A 1 100 ? -4.169  -6.668  -8.851  1.00 19.88 ? 270 PHE A CZ  1 
ATOM   791  N  N   . GLY A 1 101 ? -2.267  -3.691  -3.798  1.00 20.98 ? 271 GLY A N   1 
ATOM   792  C  CA  . GLY A 1 101 ? -1.522  -4.557  -2.898  1.00 20.26 ? 271 GLY A CA  1 
ATOM   793  C  C   . GLY A 1 101 ? -2.390  -5.182  -1.818  1.00 19.33 ? 271 GLY A C   1 
ATOM   794  O  O   . GLY A 1 101 ? -2.294  -6.392  -1.559  1.00 20.56 ? 271 GLY A O   1 
ATOM   795  N  N   . ALA A 1 102 ? -3.226  -4.366  -1.181  1.00 19.07 ? 272 ALA A N   1 
ATOM   796  C  CA  . ALA A 1 102 ? -4.169  -4.856  -0.177  1.00 20.36 ? 272 ALA A CA  1 
ATOM   797  C  C   . ALA A 1 102 ? -5.170  -5.821  -0.827  1.00 21.99 ? 272 ALA A C   1 
ATOM   798  O  O   . ALA A 1 102 ? -5.573  -6.809  -0.205  1.00 22.35 ? 272 ALA A O   1 
ATOM   799  C  CB  . ALA A 1 102 ? -4.896  -3.698  0.500   1.00 19.50 ? 272 ALA A CB  1 
ATOM   800  N  N   . PHE A 1 103 ? -5.545  -5.534  -2.076  1.00 22.51 ? 273 PHE A N   1 
ATOM   801  C  CA  . PHE A 1 103 ? -6.450  -6.403  -2.851  1.00 22.25 ? 273 PHE A CA  1 
ATOM   802  C  C   . PHE A 1 103 ? -5.797  -7.773  -3.090  1.00 23.92 ? 273 PHE A C   1 
ATOM   803  O  O   . PHE A 1 103 ? -6.435  -8.827  -2.925  1.00 22.32 ? 273 PHE A O   1 
ATOM   804  C  CB  . PHE A 1 103 ? -6.825  -5.729  -4.177  1.00 23.55 ? 273 PHE A CB  1 
ATOM   805  C  CG  . PHE A 1 103 ? -8.037  -6.326  -4.850  1.00 25.66 ? 273 PHE A CG  1 
ATOM   806  C  CD1 . PHE A 1 103 ? -9.322  -5.965  -4.450  1.00 27.84 ? 273 PHE A CD1 1 
ATOM   807  C  CD2 . PHE A 1 103 ? -7.894  -7.227  -5.895  1.00 26.26 ? 273 PHE A CD2 1 
ATOM   808  C  CE1 . PHE A 1 103 ? -10.444 -6.507  -5.077  1.00 27.37 ? 273 PHE A CE1 1 
ATOM   809  C  CE2 . PHE A 1 103 ? -9.013  -7.774  -6.519  1.00 27.56 ? 273 PHE A CE2 1 
ATOM   810  C  CZ  . PHE A 1 103 ? -10.286 -7.413  -6.108  1.00 26.97 ? 273 PHE A CZ  1 
ATOM   811  N  N   . VAL A 1 104 ? -4.514  -7.763  -3.446  1.00 23.29 ? 274 VAL A N   1 
ATOM   812  C  CA  . VAL A 1 104 ? -3.745  -9.006  -3.574  1.00 24.38 ? 274 VAL A CA  1 
ATOM   813  C  C   . VAL A 1 104 ? -3.593  -9.689  -2.199  1.00 25.59 ? 274 VAL A C   1 
ATOM   814  O  O   . VAL A 1 104 ? -3.708  -10.916 -2.087  1.00 27.36 ? 274 VAL A O   1 
ATOM   815  C  CB  . VAL A 1 104 ? -2.374  -8.766  -4.247  1.00 24.21 ? 274 VAL A CB  1 
ATOM   816  C  CG1 . VAL A 1 104 ? -1.543  -10.047 -4.263  1.00 27.10 ? 274 VAL A CG1 1 
ATOM   817  C  CG2 . VAL A 1 104 ? -2.562  -8.247  -5.666  1.00 24.01 ? 274 VAL A CG2 1 
ATOM   818  N  N   . ALA A 1 105 ? -3.379  -8.900  -1.148  1.00 26.03 ? 275 ALA A N   1 
ATOM   819  C  CA  . ALA A 1 105 ? -3.269  -9.442  0.217   1.00 26.35 ? 275 ALA A CA  1 
ATOM   820  C  C   . ALA A 1 105 ? -4.519  -10.220 0.650   1.00 29.02 ? 275 ALA A C   1 
ATOM   821  O  O   . ALA A 1 105 ? -4.412  -11.308 1.226   1.00 29.22 ? 275 ALA A O   1 
ATOM   822  C  CB  . ALA A 1 105 ? -2.976  -8.332  1.216   1.00 26.28 ? 275 ALA A CB  1 
ATOM   823  N  N   . LYS A 1 106 ? -5.694  -9.658  0.385   1.00 29.81 ? 276 LYS A N   1 
ATOM   824  C  CA  . LYS A 1 106 ? -6.961  -10.327 0.723   1.00 30.13 ? 276 LYS A CA  1 
ATOM   825  C  C   . LYS A 1 106 ? -7.127  -11.631 -0.045  1.00 29.75 ? 276 LYS A C   1 
ATOM   826  O  O   . LYS A 1 106 ? -7.596  -12.633 0.507   1.00 29.36 ? 276 LYS A O   1 
ATOM   827  C  CB  . LYS A 1 106 ? -8.147  -9.400  0.470   1.00 31.14 ? 276 LYS A CB  1 
ATOM   828  C  CG  . LYS A 1 106 ? -8.297  -8.331  1.533   1.00 32.14 ? 276 LYS A CG  1 
ATOM   829  C  CD  . LYS A 1 106 ? -9.507  -7.443  1.299   1.00 34.94 ? 276 LYS A CD  1 
ATOM   830  C  CE  . LYS A 1 106 ? -9.281  -6.473  0.156   1.00 36.97 ? 276 LYS A CE  1 
ATOM   831  N  NZ  . LYS A 1 106 ? -10.352 -5.447  0.105   1.00 36.01 ? 276 LYS A NZ  1 
ATOM   832  N  N   . HIS A 1 107 ? -6.709  -11.627 -1.304  1.00 28.84 ? 277 HIS A N   1 
ATOM   833  C  CA  . HIS A 1 107 ? -6.690  -12.837 -2.108  1.00 32.65 ? 277 HIS A CA  1 
ATOM   834  C  C   . HIS A 1 107 ? -5.786  -13.899 -1.518  1.00 35.96 ? 277 HIS A C   1 
ATOM   835  O  O   . HIS A 1 107 ? -6.147  -15.085 -1.501  1.00 35.12 ? 277 HIS A O   1 
ATOM   836  C  CB  . HIS A 1 107 ? -6.290  -12.507 -3.545  1.00 32.69 ? 277 HIS A CB  1 
ATOM   837  C  CG  . HIS A 1 107 ? -5.990  -13.715 -4.395  1.00 36.20 ? 277 HIS A CG  1 
ATOM   838  N  ND1 . HIS A 1 107 ? -6.958  -14.468 -4.953  1.00 36.14 ? 277 HIS A ND1 1 
ATOM   839  C  CD2 . HIS A 1 107 ? -4.776  -14.281 -4.787  1.00 39.05 ? 277 HIS A CD2 1 
ATOM   840  C  CE1 . HIS A 1 107 ? -6.398  -15.468 -5.660  1.00 36.07 ? 277 HIS A CE1 1 
ATOM   841  N  NE2 . HIS A 1 107 ? -5.063  -15.355 -5.557  1.00 39.82 ? 277 HIS A NE2 1 
ATOM   842  N  N   . LEU A 1 108 ? -4.620  -13.490 -1.015  1.00 35.28 ? 278 LEU A N   1 
ATOM   843  C  CA  . LEU A 1 108 ? -3.658  -14.437 -0.437  1.00 34.45 ? 278 LEU A CA  1 
ATOM   844  C  C   . LEU A 1 108 ? -4.214  -15.089 0.834   1.00 35.72 ? 278 LEU A C   1 
ATOM   845  O  O   . LEU A 1 108 ? -3.992  -16.276 1.068   1.00 36.70 ? 278 LEU A O   1 
ATOM   846  C  CB  . LEU A 1 108 ? -2.298  -13.764 -0.182  1.00 32.72 ? 278 LEU A CB  1 
ATOM   847  C  CG  . LEU A 1 108 ? -1.511  -13.433 -1.456  1.00 33.17 ? 278 LEU A CG  1 
ATOM   848  C  CD1 . LEU A 1 108 ? -0.370  -12.442 -1.215  1.00 30.66 ? 278 LEU A CD1 1 
ATOM   849  C  CD2 . LEU A 1 108 ? -0.981  -14.710 -2.090  1.00 32.35 ? 278 LEU A CD2 1 
ATOM   850  N  N   . LYS A 1 109 ? -4.948  -14.316 1.632   1.00 35.90 ? 279 LYS A N   1 
ATOM   851  C  CA  . LYS A 1 109 ? -5.660  -14.840 2.803   1.00 39.71 ? 279 LYS A CA  1 
ATOM   852  C  C   . LYS A 1 109 ? -6.714  -15.872 2.390   1.00 41.86 ? 279 LYS A C   1 
ATOM   853  O  O   . LYS A 1 109 ? -6.839  -16.917 3.030   1.00 40.78 ? 279 LYS A O   1 
ATOM   854  C  CB  . LYS A 1 109 ? -6.326  -13.696 3.580   1.00 44.44 ? 279 LYS A CB  1 
ATOM   855  C  CG  . LYS A 1 109 ? -7.222  -14.122 4.744   1.00 48.16 ? 279 LYS A CG  1 
ATOM   856  C  CD  . LYS A 1 109 ? -6.408  -14.676 5.897   1.00 53.33 ? 279 LYS A CD  1 
ATOM   857  C  CE  . LYS A 1 109 ? -7.278  -15.023 7.095   1.00 55.76 ? 279 LYS A CE  1 
ATOM   858  N  NZ  . LYS A 1 109 ? -6.470  -15.116 8.344   1.00 57.29 ? 279 LYS A NZ  1 
ATOM   859  N  N   . THR A 1 110 ? -7.452  -15.586 1.318   1.00 41.86 ? 280 THR A N   1 
ATOM   860  C  CA  . THR A 1 110 ? -8.547  -16.462 0.877   1.00 42.80 ? 280 THR A CA  1 
ATOM   861  C  C   . THR A 1 110 ? -8.031  -17.818 0.377   1.00 44.40 ? 280 THR A C   1 
ATOM   862  O  O   . THR A 1 110 ? -8.693  -18.836 0.577   1.00 45.46 ? 280 THR A O   1 
ATOM   863  C  CB  . THR A 1 110 ? -9.446  -15.809 -0.207  1.00 42.49 ? 280 THR A CB  1 
ATOM   864  O  OG1 . THR A 1 110 ? -8.759  -15.757 -1.462  1.00 45.56 ? 280 THR A OG1 1 
ATOM   865  C  CG2 . THR A 1 110 ? -9.876  -14.409 0.208   1.00 39.58 ? 280 THR A CG2 1 
ATOM   866  N  N   . ILE A 1 111 ? -6.855  -17.833 -0.254  1.00 44.12 ? 281 ILE A N   1 
ATOM   867  C  CA  . ILE A 1 111 ? -6.220  -19.092 -0.686  1.00 43.36 ? 281 ILE A CA  1 
ATOM   868  C  C   . ILE A 1 111 ? -5.214  -19.642 0.349   1.00 42.03 ? 281 ILE A C   1 
ATOM   869  O  O   . ILE A 1 111 ? -4.357  -20.459 0.021   1.00 40.74 ? 281 ILE A O   1 
ATOM   870  C  CB  . ILE A 1 111 ? -5.555  -18.964 -2.080  1.00 43.89 ? 281 ILE A CB  1 
ATOM   871  C  CG1 . ILE A 1 111 ? -4.302  -18.074 -2.046  1.00 43.87 ? 281 ILE A CG1 1 
ATOM   872  C  CG2 . ILE A 1 111 ? -6.550  -18.420 -3.101  1.00 43.59 ? 281 ILE A CG2 1 
ATOM   873  C  CD1 . ILE A 1 111 ? -3.616  -17.958 -3.392  1.00 39.59 ? 281 ILE A CD1 1 
ATOM   874  N  N   . ASN A 1 112 ? -5.324  -19.191 1.597   1.00 43.29 ? 282 ASN A N   1 
ATOM   875  C  CA  . ASN A 1 112 ? -4.520  -19.733 2.701   1.00 47.72 ? 282 ASN A CA  1 
ATOM   876  C  C   . ASN A 1 112 ? -3.011  -19.523 2.543   1.00 48.39 ? 282 ASN A C   1 
ATOM   877  O  O   . ASN A 1 112 ? -2.221  -20.298 3.091   1.00 46.80 ? 282 ASN A O   1 
ATOM   878  C  CB  . ASN A 1 112 ? -4.822  -21.229 2.892   1.00 51.70 ? 282 ASN A CB  1 
ATOM   879  C  CG  . ASN A 1 112 ? -6.301  -21.546 2.740   1.00 55.36 ? 282 ASN A CG  1 
ATOM   880  O  OD1 . ASN A 1 112 ? -7.136  -21.019 3.474   1.00 59.96 ? 282 ASN A OD1 1 
ATOM   881  N  ND2 . ASN A 1 112 ? -6.634  -22.394 1.769   1.00 56.82 ? 282 ASN A ND2 1 
ATOM   882  N  N   . GLN A 1 113 ? -2.623  -18.476 1.810   1.00 48.00 ? 283 GLN A N   1 
ATOM   883  C  CA  . GLN A 1 113 ? -1.213  -18.116 1.613   1.00 47.75 ? 283 GLN A CA  1 
ATOM   884  C  C   . GLN A 1 113 ? -0.846  -16.846 2.380   1.00 44.13 ? 283 GLN A C   1 
ATOM   885  O  O   . GLN A 1 113 ? -0.123  -15.992 1.864   1.00 46.80 ? 283 GLN A O   1 
ATOM   886  C  CB  . GLN A 1 113 ? -0.922  -17.916 0.123   1.00 50.45 ? 283 GLN A CB  1 
ATOM   887  C  CG  . GLN A 1 113 ? -0.997  -19.186 -0.696  1.00 53.80 ? 283 GLN A CG  1 
ATOM   888  C  CD  . GLN A 1 113 ? 0.211   -20.074 -0.490  1.00 56.74 ? 283 GLN A CD  1 
ATOM   889  O  OE1 . GLN A 1 113 ? 1.334   -19.708 -0.846  1.00 58.83 ? 283 GLN A OE1 1 
ATOM   890  N  NE2 . GLN A 1 113 ? -0.013  -21.249 0.085   1.00 56.08 ? 283 GLN A NE2 1 
ATOM   891  N  N   . GLU A 1 114 ? -1.333  -16.736 3.613   1.00 40.78 ? 284 GLU A N   1 
ATOM   892  C  CA  . GLU A 1 114 ? -1.114  -15.544 4.445   1.00 45.03 ? 284 GLU A CA  1 
ATOM   893  C  C   . GLU A 1 114 ? 0.357   -15.186 4.620   1.00 42.61 ? 284 GLU A C   1 
ATOM   894  O  O   . GLU A 1 114 ? 0.688   -14.016 4.792   1.00 40.55 ? 284 GLU A O   1 
ATOM   895  C  CB  . GLU A 1 114 ? -1.705  -15.736 5.839   1.00 48.37 ? 284 GLU A CB  1 
ATOM   896  C  CG  . GLU A 1 114 ? -3.213  -15.727 5.912   1.00 56.72 ? 284 GLU A CG  1 
ATOM   897  C  CD  . GLU A 1 114 ? -3.705  -16.078 7.300   1.00 63.94 ? 284 GLU A CD  1 
ATOM   898  O  OE1 . GLU A 1 114 ? -4.307  -17.163 7.462   1.00 70.51 ? 284 GLU A OE1 1 
ATOM   899  O  OE2 . GLU A 1 114 ? -3.474  -15.274 8.233   1.00 67.89 ? 284 GLU A OE2 1 
ATOM   900  N  N   . SER A 1 115 ? 1.224   -16.197 4.600   1.00 40.92 ? 285 SER A N   1 
ATOM   901  C  CA  . SER A 1 115 ? 2.654   -15.994 4.810   1.00 40.53 ? 285 SER A CA  1 
ATOM   902  C  C   . SER A 1 115 ? 3.312   -15.170 3.704   1.00 37.24 ? 285 SER A C   1 
ATOM   903  O  O   . SER A 1 115 ? 4.347   -14.571 3.942   1.00 38.59 ? 285 SER A O   1 
ATOM   904  C  CB  . SER A 1 115 ? 3.373   -17.344 4.941   1.00 42.08 ? 285 SER A CB  1 
ATOM   905  O  OG  . SER A 1 115 ? 3.125   -18.150 3.809   1.00 42.50 ? 285 SER A OG  1 
ATOM   906  N  N   . CYS A 1 116 ? 2.724   -15.145 2.507   1.00 35.51 ? 286 CYS A N   1 
ATOM   907  C  CA  . CYS A 1 116 ? 3.261   -14.330 1.403   1.00 32.53 ? 286 CYS A CA  1 
ATOM   908  C  C   . CYS A 1 116 ? 2.936   -12.827 1.495   1.00 30.37 ? 286 CYS A C   1 
ATOM   909  O  O   . CYS A 1 116 ? 3.414   -12.042 0.674   1.00 30.55 ? 286 CYS A O   1 
ATOM   910  C  CB  . CYS A 1 116 ? 2.780   -14.874 0.060   1.00 33.30 ? 286 CYS A CB  1 
ATOM   911  S  SG  . CYS A 1 116 ? 3.213   -16.602 -0.231  0.50 33.22 ? 286 CYS A SG  1 
ATOM   912  N  N   . ILE A 1 117 ? 2.151   -12.426 2.491   1.00 29.26 ? 287 ILE A N   1 
ATOM   913  C  CA  . ILE A 1 117 ? 1.700   -11.041 2.618   1.00 30.47 ? 287 ILE A CA  1 
ATOM   914  C  C   . ILE A 1 117 ? 2.842   -10.101 3.002   1.00 33.18 ? 287 ILE A C   1 
ATOM   915  O  O   . ILE A 1 117 ? 2.980   -9.015  2.425   1.00 29.52 ? 287 ILE A O   1 
ATOM   916  C  CB  . ILE A 1 117 ? 0.539   -10.921 3.622   1.00 30.69 ? 287 ILE A CB  1 
ATOM   917  C  CG1 . ILE A 1 117 ? -0.694  -11.640 3.067   1.00 32.19 ? 287 ILE A CG1 1 
ATOM   918  C  CG2 . ILE A 1 117 ? 0.193   -9.463  3.894   1.00 30.39 ? 287 ILE A CG2 1 
ATOM   919  C  CD1 . ILE A 1 117 ? -1.860  -11.689 4.030   1.00 32.74 ? 287 ILE A CD1 1 
ATOM   920  N  N   . GLU A 1 118 ? 3.662   -10.514 3.966   1.00 35.58 ? 288 GLU A N   1 
ATOM   921  C  CA  . GLU A 1 118 ? 4.776   -9.673  4.400   1.00 37.62 ? 288 GLU A CA  1 
ATOM   922  C  C   . GLU A 1 118 ? 5.828   -9.500  3.299   1.00 32.44 ? 288 GLU A C   1 
ATOM   923  O  O   . GLU A 1 118 ? 6.295   -8.392  3.092   1.00 27.57 ? 288 GLU A O   1 
ATOM   924  C  CB  . GLU A 1 118 ? 5.395   -10.178 5.707   1.00 44.28 ? 288 GLU A CB  1 
ATOM   925  C  CG  . GLU A 1 118 ? 4.517   -9.888  6.921   1.00 52.39 ? 288 GLU A CG  1 
ATOM   926  C  CD  . GLU A 1 118 ? 5.299   -9.676  8.208   1.00 60.91 ? 288 GLU A CD  1 
ATOM   927  O  OE1 . GLU A 1 118 ? 6.455   -9.199  8.147   1.00 69.36 ? 288 GLU A OE1 1 
ATOM   928  O  OE2 . GLU A 1 118 ? 4.745   -9.970  9.291   1.00 66.94 ? 288 GLU A OE2 1 
ATOM   929  N  N   . PRO A 1 119 ? 6.200   -10.587 2.595   1.00 30.92 ? 289 PRO A N   1 
ATOM   930  C  CA  . PRO A 1 119 ? 7.033   -10.423 1.406   1.00 29.54 ? 289 PRO A CA  1 
ATOM   931  C  C   . PRO A 1 119 ? 6.431   -9.467  0.378   1.00 30.25 ? 289 PRO A C   1 
ATOM   932  O  O   . PRO A 1 119 ? 7.164   -8.670  -0.227  1.00 28.84 ? 289 PRO A O   1 
ATOM   933  C  CB  . PRO A 1 119 ? 7.098   -11.831 0.811   1.00 32.52 ? 289 PRO A CB  1 
ATOM   934  C  CG  . PRO A 1 119 ? 6.839   -12.750 1.944   1.00 33.12 ? 289 PRO A CG  1 
ATOM   935  C  CD  . PRO A 1 119 ? 6.126   -11.996 3.030   1.00 33.99 ? 289 PRO A CD  1 
ATOM   936  N  N   . LEU A 1 120 ? 5.114   -9.562  0.169   1.00 27.84 ? 290 LEU A N   1 
ATOM   937  C  CA  . LEU A 1 120 ? 4.421   -8.704  -0.795  1.00 26.10 ? 290 LEU A CA  1 
ATOM   938  C  C   . LEU A 1 120 ? 4.580   -7.243  -0.364  1.00 24.01 ? 290 LEU A C   1 
ATOM   939  O  O   . LEU A 1 120 ? 4.891   -6.382  -1.190  1.00 22.13 ? 290 LEU A O   1 
ATOM   940  C  CB  . LEU A 1 120 ? 2.936   -9.100  -0.919  1.00 25.92 ? 290 LEU A CB  1 
ATOM   941  C  CG  . LEU A 1 120 ? 1.929   -8.188  -1.654  1.00 26.47 ? 290 LEU A CG  1 
ATOM   942  C  CD1 . LEU A 1 120 ? 2.155   -8.170  -3.158  1.00 26.75 ? 290 LEU A CD1 1 
ATOM   943  C  CD2 . LEU A 1 120 ? 0.501   -8.634  -1.350  1.00 26.69 ? 290 LEU A CD2 1 
ATOM   944  N  N   . ALA A 1 121 ? 4.363   -6.985  0.926   1.00 21.42 ? 291 ALA A N   1 
ATOM   945  C  CA  . ALA A 1 121 ? 4.471   -5.641  1.498   1.00 22.49 ? 291 ALA A CA  1 
ATOM   946  C  C   . ALA A 1 121 ? 5.883   -5.074  1.339   1.00 23.61 ? 291 ALA A C   1 
ATOM   947  O  O   . ALA A 1 121 ? 6.065   -3.886  1.091   1.00 22.43 ? 291 ALA A O   1 
ATOM   948  C  CB  . ALA A 1 121 ? 4.073   -5.664  2.972   1.00 21.56 ? 291 ALA A CB  1 
ATOM   949  N  N   . GLU A 1 122 ? 6.876   -5.938  1.484   1.00 24.19 ? 292 GLU A N   1 
ATOM   950  C  CA  . GLU A 1 122 ? 8.268   -5.557  1.279   1.00 25.90 ? 292 GLU A CA  1 
ATOM   951  C  C   . GLU A 1 122 ? 8.518   -5.201  -0.181  1.00 24.86 ? 292 GLU A C   1 
ATOM   952  O  O   . GLU A 1 122 ? 9.190   -4.220  -0.475  1.00 22.25 ? 292 GLU A O   1 
ATOM   953  C  CB  . GLU A 1 122 ? 9.189   -6.708  1.701   1.00 30.85 ? 292 GLU A CB  1 
ATOM   954  C  CG  . GLU A 1 122 ? 10.660  -6.335  1.770   1.00 36.48 ? 292 GLU A CG  1 
ATOM   955  C  CD  . GLU A 1 122 ? 11.471  -7.347  2.567   1.00 43.19 ? 292 GLU A CD  1 
ATOM   956  O  OE1 . GLU A 1 122 ? 11.233  -8.565  2.395   1.00 45.58 ? 292 GLU A OE1 1 
ATOM   957  O  OE2 . GLU A 1 122 ? 12.336  -6.921  3.364   1.00 47.86 ? 292 GLU A OE2 1 
ATOM   958  N  N   . SER A 1 123 ? 7.958   -5.991  -1.091  1.00 23.47 ? 293 SER A N   1 
ATOM   959  C  CA  . SER A 1 123 ? 8.127   -5.750  -2.521  1.00 24.20 ? 293 SER A CA  1 
ATOM   960  C  C   . SER A 1 123 ? 7.505   -4.431  -2.960  1.00 21.59 ? 293 SER A C   1 
ATOM   961  O  O   . SER A 1 123 ? 8.082   -3.709  -3.777  1.00 21.60 ? 293 SER A O   1 
ATOM   962  C  CB  . SER A 1 123 ? 7.515   -6.889  -3.335  1.00 27.20 ? 293 SER A CB  1 
ATOM   963  O  OG  . SER A 1 123 ? 8.269   -8.066  -3.131  1.00 34.58 ? 293 SER A OG  1 
ATOM   964  N  N   . ILE A 1 124 ? 6.325   -4.128  -2.429  1.00 20.38 ? 294 ILE A N   1 
ATOM   965  C  CA  . ILE A 1 124 ? 5.662   -2.879  -2.745  1.00 19.25 ? 294 ILE A CA  1 
ATOM   966  C  C   . ILE A 1 124 ? 6.507   -1.707  -2.223  1.00 19.38 ? 294 ILE A C   1 
ATOM   967  O  O   . ILE A 1 124 ? 6.743   -0.729  -2.940  1.00 18.03 ? 294 ILE A O   1 
ATOM   968  C  CB  . ILE A 1 124 ? 4.254   -2.803  -2.139  1.00 20.04 ? 294 ILE A CB  1 
ATOM   969  C  CG1 . ILE A 1 124 ? 3.323   -3.846  -2.775  1.00 20.27 ? 294 ILE A CG1 1 
ATOM   970  C  CG2 . ILE A 1 124 ? 3.683   -1.402  -2.325  1.00 18.08 ? 294 ILE A CG2 1 
ATOM   971  C  CD1 . ILE A 1 124 ? 2.032   -4.019  -2.007  1.00 21.18 ? 294 ILE A CD1 1 
ATOM   972  N  N   . THR A 1 125 ? 6.945   -1.813  -0.975  1.00 19.34 ? 295 THR A N   1 
ATOM   973  C  CA  . THR A 1 125 ? 7.779   -0.797  -0.362  1.00 19.70 ? 295 THR A CA  1 
ATOM   974  C  C   . THR A 1 125 ? 9.079   -0.576  -1.131  1.00 19.51 ? 295 THR A C   1 
ATOM   975  O  O   . THR A 1 125 ? 9.483   0.567   -1.315  1.00 19.13 ? 295 THR A O   1 
ATOM   976  C  CB  . THR A 1 125 ? 8.142   -1.146  1.095   1.00 19.86 ? 295 THR A CB  1 
ATOM   977  O  OG1 . THR A 1 125 ? 6.951   -1.431  1.841   1.00 21.06 ? 295 THR A OG1 1 
ATOM   978  C  CG2 . THR A 1 125 ? 8.866   0.022   1.737   1.00 19.47 ? 295 THR A CG2 1 
ATOM   979  N  N   . ASP A 1 126 ? 9.736   -1.659  -1.550  1.00 20.71 ? 296 ASP A N   1 
ATOM   980  C  CA  . ASP A 1 126 ? 10.960  -1.550  -2.354  1.00 21.71 ? 296 ASP A CA  1 
ATOM   981  C  C   . ASP A 1 126 ? 10.712  -0.759  -3.628  1.00 20.26 ? 296 ASP A C   1 
ATOM   982  O  O   . ASP A 1 126 ? 11.470  0.153   -3.963  1.00 18.16 ? 296 ASP A O   1 
ATOM   983  C  CB  . ASP A 1 126 ? 11.526  -2.927  -2.730  1.00 25.01 ? 296 ASP A CB  1 
ATOM   984  C  CG  . ASP A 1 126 ? 12.198  -3.629  -1.566  1.00 28.48 ? 296 ASP A CG  1 
ATOM   985  O  OD1 . ASP A 1 126 ? 12.517  -2.974  -0.543  1.00 28.72 ? 296 ASP A OD1 1 
ATOM   986  O  OD2 . ASP A 1 126 ? 12.394  -4.862  -1.677  1.00 32.43 ? 296 ASP A OD2 1 
ATOM   987  N  N   . VAL A 1 127 ? 9.649   -1.104  -4.346  1.00 19.50 ? 297 VAL A N   1 
ATOM   988  C  CA  . VAL A 1 127 ? 9.328   -0.398  -5.583  1.00 19.79 ? 297 VAL A CA  1 
ATOM   989  C  C   . VAL A 1 127 ? 9.035   1.086   -5.318  1.00 19.30 ? 297 VAL A C   1 
ATOM   990  O  O   . VAL A 1 127 ? 9.536   1.972   -6.023  1.00 20.19 ? 297 VAL A O   1 
ATOM   991  C  CB  . VAL A 1 127 ? 8.155   -1.072  -6.331  1.00 19.82 ? 297 VAL A CB  1 
ATOM   992  C  CG1 . VAL A 1 127 ? 7.661   -0.179  -7.469  1.00 20.80 ? 297 VAL A CG1 1 
ATOM   993  C  CG2 . VAL A 1 127 ? 8.589   -2.432  -6.880  1.00 21.22 ? 297 VAL A CG2 1 
ATOM   994  N  N   . LEU A 1 128 ? 8.226   1.363   -4.303  1.00 18.55 ? 298 LEU A N   1 
ATOM   995  C  CA  . LEU A 1 128 ? 7.834   2.742   -4.007  1.00 17.96 ? 298 LEU A CA  1 
ATOM   996  C  C   . LEU A 1 128 ? 9.029   3.612   -3.597  1.00 18.81 ? 298 LEU A C   1 
ATOM   997  O  O   . LEU A 1 128 ? 9.293   4.668   -4.196  1.00 18.59 ? 298 LEU A O   1 
ATOM   998  C  CB  . LEU A 1 128 ? 6.790   2.754   -2.910  1.00 17.59 ? 298 LEU A CB  1 
ATOM   999  C  CG  . LEU A 1 128 ? 6.280   4.110   -2.436  1.00 17.64 ? 298 LEU A CG  1 
ATOM   1000 C  CD1 . LEU A 1 128 ? 5.689   4.932   -3.581  1.00 19.20 ? 298 LEU A CD1 1 
ATOM   1001 C  CD2 . LEU A 1 128 ? 5.249   3.893   -1.340  1.00 17.49 ? 298 LEU A CD2 1 
ATOM   1002 N  N   . VAL A 1 129 ? 9.759   3.150   -2.590  1.00 17.47 ? 299 VAL A N   1 
ATOM   1003 C  CA  . VAL A 1 129 ? 10.839  3.937   -2.018  1.00 17.85 ? 299 VAL A CA  1 
ATOM   1004 C  C   . VAL A 1 129 ? 12.067  3.962   -2.926  1.00 19.19 ? 299 VAL A C   1 
ATOM   1005 O  O   . VAL A 1 129 ? 12.662  5.015   -3.129  1.00 18.90 ? 299 VAL A O   1 
ATOM   1006 C  CB  . VAL A 1 129 ? 11.219  3.443   -0.603  1.00 17.45 ? 299 VAL A CB  1 
ATOM   1007 C  CG1 . VAL A 1 129 ? 12.386  4.259   -0.028  1.00 18.40 ? 299 VAL A CG1 1 
ATOM   1008 C  CG2 . VAL A 1 129 ? 10.011  3.522   0.321   1.00 18.01 ? 299 VAL A CG2 1 
ATOM   1009 N  N   . ARG A 1 130 ? 12.434  2.825   -3.501  1.00 20.62 ? 300 ARG A N   1 
ATOM   1010 C  CA  . ARG A 1 130 ? 13.693  2.764   -4.228  1.00 21.90 ? 300 ARG A CA  1 
ATOM   1011 C  C   . ARG A 1 130 ? 13.601  3.335   -5.633  1.00 21.58 ? 300 ARG A C   1 
ATOM   1012 O  O   . ARG A 1 130 ? 14.623  3.703   -6.195  1.00 23.83 ? 300 ARG A O   1 
ATOM   1013 C  CB  . ARG A 1 130 ? 14.286  1.355   -4.171  1.00 24.47 ? 300 ARG A CB  1 
ATOM   1014 C  CG  . ARG A 1 130 ? 14.323  0.858   -2.723  1.00 27.91 ? 300 ARG A CG  1 
ATOM   1015 C  CD  . ARG A 1 130 ? 15.426  -0.130  -2.423  1.00 31.89 ? 300 ARG A CD  1 
ATOM   1016 N  NE  . ARG A 1 130 ? 15.352  -0.613  -1.039  1.00 34.99 ? 300 ARG A NE  1 
ATOM   1017 C  CZ  . ARG A 1 130 ? 15.911  -0.021  0.023   1.00 35.80 ? 300 ARG A CZ  1 
ATOM   1018 N  NH1 . ARG A 1 130 ? 16.600  1.109   -0.094  1.00 36.92 ? 300 ARG A NH1 1 
ATOM   1019 N  NH2 . ARG A 1 130 ? 15.767  -0.568  1.225   1.00 37.18 ? 300 ARG A NH2 1 
ATOM   1020 N  N   . THR A 1 131 ? 12.393  3.467   -6.188  1.00 20.61 ? 301 THR A N   1 
ATOM   1021 C  CA  . THR A 1 131 ? 12.241  4.082   -7.500  1.00 19.42 ? 301 THR A CA  1 
ATOM   1022 C  C   . THR A 1 131 ? 11.682  5.508   -7.455  1.00 19.48 ? 301 THR A C   1 
ATOM   1023 O  O   . THR A 1 131 ? 11.755  6.212   -8.445  1.00 18.19 ? 301 THR A O   1 
ATOM   1024 C  CB  . THR A 1 131 ? 11.429  3.189   -8.480  1.00 20.01 ? 301 THR A CB  1 
ATOM   1025 O  OG1 . THR A 1 131 ? 10.027  3.197   -8.153  1.00 18.34 ? 301 THR A OG1 1 
ATOM   1026 C  CG2 . THR A 1 131 ? 11.973  1.753   -8.470  1.00 17.28 ? 301 THR A CG2 1 
ATOM   1027 N  N   . LYS A 1 132 ? 11.134  5.943   -6.320  1.00 19.45 ? 302 LYS A N   1 
ATOM   1028 C  CA  . LYS A 1 132 ? 10.550  7.288   -6.220  1.00 19.79 ? 302 LYS A CA  1 
ATOM   1029 C  C   . LYS A 1 132 ? 11.048  8.084   -5.017  1.00 19.70 ? 302 LYS A C   1 
ATOM   1030 O  O   . LYS A 1 132 ? 10.356  8.994   -4.557  1.00 18.93 ? 302 LYS A O   1 
ATOM   1031 C  CB  . LYS A 1 132 ? 9.017   7.219   -6.167  1.00 21.27 ? 302 LYS A CB  1 
ATOM   1032 C  CG  . LYS A 1 132 ? 8.372   6.421   -7.276  1.00 21.42 ? 302 LYS A CG  1 
ATOM   1033 C  CD  . LYS A 1 132 ? 8.597   7.076   -8.627  1.00 23.26 ? 302 LYS A CD  1 
ATOM   1034 C  CE  . LYS A 1 132 ? 8.008   6.241   -9.749  1.00 25.96 ? 302 LYS A CE  1 
ATOM   1035 N  NZ  . LYS A 1 132 ? 8.364   6.830   -11.072 1.00 28.38 ? 302 LYS A NZ  1 
ATOM   1036 N  N   . ARG A 1 133 ? 12.238  7.772   -4.509  1.00 19.74 ? 303 ARG A N   1 
ATOM   1037 C  CA  . ARG A 1 133 ? 12.724  8.473   -3.297  1.00 21.10 ? 303 ARG A CA  1 
ATOM   1038 C  C   . ARG A 1 133 ? 12.738  9.985   -3.461  1.00 21.00 ? 303 ARG A C   1 
ATOM   1039 O  O   . ARG A 1 133 ? 12.284  10.715  -2.577  1.00 21.58 ? 303 ARG A O   1 
ATOM   1040 C  CB  . ARG A 1 133 ? 14.126  8.032   -2.871  1.00 22.07 ? 303 ARG A CB  1 
ATOM   1041 C  CG  . ARG A 1 133 ? 14.516  8.636   -1.509  1.00 23.71 ? 303 ARG A CG  1 
ATOM   1042 C  CD  . ARG A 1 133 ? 15.884  8.192   -1.023  1.00 24.71 ? 303 ARG A CD  1 
ATOM   1043 N  NE  . ARG A 1 133 ? 15.950  6.748   -0.825  1.00 24.70 ? 303 ARG A NE  1 
ATOM   1044 C  CZ  . ARG A 1 133 ? 15.627  6.106   0.296   1.00 23.75 ? 303 ARG A CZ  1 
ATOM   1045 N  NH1 . ARG A 1 133 ? 15.179  6.752   1.368   1.00 24.28 ? 303 ARG A NH1 1 
ATOM   1046 N  NH2 . ARG A 1 133 ? 15.754  4.796   0.338   1.00 23.30 ? 303 ARG A NH2 1 
ATOM   1047 N  N   . ASP A 1 134 ? 13.253  10.455  -4.589  1.00 20.81 ? 304 ASP A N   1 
ATOM   1048 C  CA  . ASP A 1 134 ? 13.388  11.894  -4.809  1.00 25.06 ? 304 ASP A CA  1 
ATOM   1049 C  C   . ASP A 1 134 ? 12.046  12.617  -4.775  1.00 22.50 ? 304 ASP A C   1 
ATOM   1050 O  O   . ASP A 1 134 ? 11.918  13.670  -4.146  1.00 21.31 ? 304 ASP A O   1 
ATOM   1051 C  CB  . ASP A 1 134 ? 14.105  12.166  -6.137  1.00 29.60 ? 304 ASP A CB  1 
ATOM   1052 C  CG  . ASP A 1 134 ? 15.587  11.808  -6.088  1.00 37.43 ? 304 ASP A CG  1 
ATOM   1053 O  OD1 . ASP A 1 134 ? 16.137  11.607  -4.975  1.00 44.41 ? 304 ASP A OD1 1 
ATOM   1054 O  OD2 . ASP A 1 134 ? 16.211  11.744  -7.167  1.00 46.05 ? 304 ASP A OD2 1 
ATOM   1055 N  N   . TRP A 1 135 ? 11.055  12.059  -5.465  1.00 20.72 ? 305 TRP A N   1 
ATOM   1056 C  CA  . TRP A 1 135 ? 9.701   12.607  -5.459  1.00 19.94 ? 305 TRP A CA  1 
ATOM   1057 C  C   . TRP A 1 135 ? 9.126   12.595  -4.069  1.00 19.57 ? 305 TRP A C   1 
ATOM   1058 O  O   . TRP A 1 135 ? 8.584   13.600  -3.605  1.00 19.34 ? 305 TRP A O   1 
ATOM   1059 C  CB  . TRP A 1 135 ? 8.801   11.805  -6.389  1.00 20.25 ? 305 TRP A CB  1 
ATOM   1060 C  CG  . TRP A 1 135 ? 7.462   12.450  -6.620  1.00 20.84 ? 305 TRP A CG  1 
ATOM   1061 C  CD1 . TRP A 1 135 ? 7.119   13.354  -7.628  1.00 21.38 ? 305 TRP A CD1 1 
ATOM   1062 C  CD2 . TRP A 1 135 ? 6.234   12.289  -5.814  1.00 20.75 ? 305 TRP A CD2 1 
ATOM   1063 N  NE1 . TRP A 1 135 ? 5.809   13.734  -7.517  1.00 21.74 ? 305 TRP A NE1 1 
ATOM   1064 C  CE2 . TRP A 1 135 ? 5.219   13.136  -6.447  1.00 21.42 ? 305 TRP A CE2 1 
ATOM   1065 C  CE3 . TRP A 1 135 ? 5.894   11.554  -4.688  1.00 19.75 ? 305 TRP A CE3 1 
ATOM   1066 C  CZ2 . TRP A 1 135 ? 3.923   13.222  -5.957  1.00 20.66 ? 305 TRP A CZ2 1 
ATOM   1067 C  CZ3 . TRP A 1 135 ? 4.587   11.652  -4.195  1.00 20.26 ? 305 TRP A CZ3 1 
ATOM   1068 C  CH2 . TRP A 1 135 ? 3.625   12.462  -4.819  1.00 20.79 ? 305 TRP A CH2 1 
ATOM   1069 N  N   . LEU A 1 136 ? 9.261   11.462  -3.379  1.00 19.33 ? 306 LEU A N   1 
ATOM   1070 C  CA  . LEU A 1 136 ? 8.727   11.325  -2.017  1.00 19.24 ? 306 LEU A CA  1 
ATOM   1071 C  C   . LEU A 1 136 ? 9.341   12.358  -1.061  1.00 20.87 ? 306 LEU A C   1 
ATOM   1072 O  O   . LEU A 1 136 ? 8.619   13.005  -0.310  1.00 19.57 ? 306 LEU A O   1 
ATOM   1073 C  CB  . LEU A 1 136 ? 8.917   9.906   -1.478  1.00 18.77 ? 306 LEU A CB  1 
ATOM   1074 C  CG  . LEU A 1 136 ? 8.101   8.786   -2.146  1.00 18.74 ? 306 LEU A CG  1 
ATOM   1075 C  CD1 . LEU A 1 136 ? 8.681   7.418   -1.846  1.00 18.32 ? 306 LEU A CD1 1 
ATOM   1076 C  CD2 . LEU A 1 136 ? 6.632   8.860   -1.719  1.00 20.54 ? 306 LEU A CD2 1 
ATOM   1077 N  N   . VAL A 1 137 ? 10.663  12.517  -1.094  1.00 21.25 ? 307 VAL A N   1 
ATOM   1078 C  CA  . VAL A 1 137 ? 11.316  13.505  -0.240  1.00 23.36 ? 307 VAL A CA  1 
ATOM   1079 C  C   . VAL A 1 137 ? 10.823  14.924  -0.558  1.00 23.31 ? 307 VAL A C   1 
ATOM   1080 O  O   . VAL A 1 137 ? 10.486  15.679  0.350   1.00 22.56 ? 307 VAL A O   1 
ATOM   1081 C  CB  . VAL A 1 137 ? 12.850  13.412  -0.340  1.00 23.04 ? 307 VAL A CB  1 
ATOM   1082 C  CG1 . VAL A 1 137 ? 13.517  14.630  0.296   1.00 25.70 ? 307 VAL A CG1 1 
ATOM   1083 C  CG2 . VAL A 1 137 ? 13.326  12.127  0.325   1.00 23.88 ? 307 VAL A CG2 1 
ATOM   1084 N  N   . LYS A 1 138 ? 10.749  15.258  -1.845  1.00 25.58 ? 308 LYS A N   1 
ATOM   1085 C  CA  . LYS A 1 138 ? 10.256  16.565  -2.293  1.00 28.16 ? 308 LYS A CA  1 
ATOM   1086 C  C   . LYS A 1 138 ? 8.812   16.842  -1.862  1.00 27.57 ? 308 LYS A C   1 
ATOM   1087 O  O   . LYS A 1 138 ? 8.456   17.989  -1.575  1.00 25.26 ? 308 LYS A O   1 
ATOM   1088 C  CB  . LYS A 1 138 ? 10.391  16.692  -3.821  1.00 31.76 ? 308 LYS A CB  1 
ATOM   1089 C  CG  . LYS A 1 138 ? 9.845   17.996  -4.386  1.00 38.80 ? 308 LYS A CG  1 
ATOM   1090 C  CD  . LYS A 1 138 ? 10.479  18.372  -5.720  1.00 44.43 ? 308 LYS A CD  1 
ATOM   1091 C  CE  . LYS A 1 138 ? 9.823   19.611  -6.316  1.00 46.82 ? 308 LYS A CE  1 
ATOM   1092 N  NZ  . LYS A 1 138 ? 10.390  19.978  -7.646  1.00 52.12 ? 308 LYS A NZ  1 
ATOM   1093 N  N   . GLN A 1 139 ? 7.990   15.794  -1.787  1.00 25.05 ? 309 GLN A N   1 
ATOM   1094 C  CA  . GLN A 1 139 ? 6.598   15.933  -1.352  1.00 26.12 ? 309 GLN A CA  1 
ATOM   1095 C  C   . GLN A 1 139 ? 6.404   15.782  0.163   1.00 25.63 ? 309 GLN A C   1 
ATOM   1096 O  O   . GLN A 1 139 ? 5.278   15.655  0.618   1.00 24.83 ? 309 GLN A O   1 
ATOM   1097 C  CB  . GLN A 1 139 ? 5.716   14.902  -2.079  1.00 27.21 ? 309 GLN A CB  1 
ATOM   1098 C  CG  . GLN A 1 139 ? 5.686   15.057  -3.589  1.00 28.86 ? 309 GLN A CG  1 
ATOM   1099 C  CD  . GLN A 1 139 ? 5.229   16.429  -4.046  1.00 34.05 ? 309 GLN A CD  1 
ATOM   1100 O  OE1 . GLN A 1 139 ? 4.304   17.014  -3.476  1.00 42.65 ? 309 GLN A OE1 1 
ATOM   1101 N  NE2 . GLN A 1 139 ? 5.875   16.953  -5.078  1.00 34.63 ? 309 GLN A NE2 1 
ATOM   1102 N  N   . ARG A 1 140 ? 7.493   15.759  0.930   1.00 24.27 ? 310 ARG A N   1 
ATOM   1103 C  CA  . ARG A 1 140 ? 7.442   15.720  2.406   1.00 24.42 ? 310 ARG A CA  1 
ATOM   1104 C  C   . ARG A 1 140 ? 7.081   14.339  2.973   1.00 23.71 ? 310 ARG A C   1 
ATOM   1105 O  O   . ARG A 1 140 ? 6.642   14.220  4.119   1.00 21.86 ? 310 ARG A O   1 
ATOM   1106 C  CB  . ARG A 1 140 ? 6.530   16.835  2.979   1.00 26.67 ? 310 ARG A CB  1 
ATOM   1107 C  CG  . ARG A 1 140 ? 7.074   18.254  2.792   1.00 29.95 ? 310 ARG A CG  1 
ATOM   1108 C  CD  . ARG A 1 140 ? 6.072   19.348  3.193   1.00 31.16 ? 310 ARG A CD  1 
ATOM   1109 N  NE  . ARG A 1 140 ? 5.385   19.060  4.458   1.00 34.57 ? 310 ARG A NE  1 
ATOM   1110 C  CZ  . ARG A 1 140 ? 5.917   19.213  5.672   1.00 37.50 ? 310 ARG A CZ  1 
ATOM   1111 N  NH1 . ARG A 1 140 ? 7.161   19.667  5.826   1.00 37.22 ? 310 ARG A NH1 1 
ATOM   1112 N  NH2 . ARG A 1 140 ? 5.201   18.907  6.751   1.00 39.49 ? 310 ARG A NH2 1 
ATOM   1113 N  N   . GLY A 1 141 ? 7.301   13.288  2.183   1.00 22.80 ? 311 GLY A N   1 
ATOM   1114 C  CA  . GLY A 1 141 ? 7.101   11.919  2.652   1.00 21.75 ? 311 GLY A CA  1 
ATOM   1115 C  C   . GLY A 1 141 ? 5.709   11.677  3.212   1.00 20.93 ? 311 GLY A C   1 
ATOM   1116 O  O   . GLY A 1 141 ? 4.728   12.202  2.694   1.00 19.95 ? 311 GLY A O   1 
ATOM   1117 N  N   . TRP A 1 142 ? 5.625   10.901  4.285   1.00 20.50 ? 312 TRP A N   1 
ATOM   1118 C  CA  . TRP A 1 142 ? 4.336   10.541  4.849   1.00 21.70 ? 312 TRP A CA  1 
ATOM   1119 C  C   . TRP A 1 142 ? 3.613   11.682  5.503   1.00 24.00 ? 312 TRP A C   1 
ATOM   1120 O  O   . TRP A 1 142 ? 2.381   11.662  5.556   1.00 22.73 ? 312 TRP A O   1 
ATOM   1121 C  CB  . TRP A 1 142 ? 4.460   9.323   5.770   1.00 22.00 ? 312 TRP A CB  1 
ATOM   1122 C  CG  . TRP A 1 142 ? 4.786   8.104   4.958   1.00 21.37 ? 312 TRP A CG  1 
ATOM   1123 C  CD1 . TRP A 1 142 ? 6.025   7.480   4.810   1.00 21.26 ? 312 TRP A CD1 1 
ATOM   1124 C  CD2 . TRP A 1 142 ? 3.876   7.356   4.085   1.00 20.57 ? 312 TRP A CD2 1 
ATOM   1125 N  NE1 . TRP A 1 142 ? 5.936   6.422   3.952   1.00 21.26 ? 312 TRP A NE1 1 
ATOM   1126 C  CE2 . TRP A 1 142 ? 4.673   6.294   3.478   1.00 20.22 ? 312 TRP A CE2 1 
ATOM   1127 C  CE3 . TRP A 1 142 ? 2.527   7.461   3.758   1.00 21.56 ? 312 TRP A CE3 1 
ATOM   1128 C  CZ2 . TRP A 1 142 ? 4.122   5.376   2.603   1.00 21.52 ? 312 TRP A CZ2 1 
ATOM   1129 C  CZ3 . TRP A 1 142 ? 1.982   6.534   2.872   1.00 21.17 ? 312 TRP A CZ3 1 
ATOM   1130 C  CH2 . TRP A 1 142 ? 2.766   5.519   2.301   1.00 21.29 ? 312 TRP A CH2 1 
ATOM   1131 N  N   . ASP A 1 143 ? 4.339   12.716  5.950   1.00 24.08 ? 313 ASP A N   1 
ATOM   1132 C  CA  . ASP A 1 143 ? 3.685   13.951  6.411   1.00 26.01 ? 313 ASP A CA  1 
ATOM   1133 C  C   . ASP A 1 143 ? 2.942   14.641  5.267   1.00 24.20 ? 313 ASP A C   1 
ATOM   1134 O  O   . ASP A 1 143 ? 1.797   15.093  5.438   1.00 25.41 ? 313 ASP A O   1 
ATOM   1135 C  CB  . ASP A 1 143 ? 4.695   14.912  7.053   1.00 29.09 ? 313 ASP A CB  1 
ATOM   1136 C  CG  . ASP A 1 143 ? 5.197   14.412  8.403   1.00 34.15 ? 313 ASP A CG  1 
ATOM   1137 O  OD1 . ASP A 1 143 ? 4.382   14.277  9.338   1.00 40.50 ? 313 ASP A OD1 1 
ATOM   1138 O  OD2 . ASP A 1 143 ? 6.404   14.141  8.528   1.00 39.67 ? 313 ASP A OD2 1 
ATOM   1139 N  N   . GLY A 1 144 ? 3.581   14.697  4.103   1.00 22.66 ? 314 GLY A N   1 
ATOM   1140 C  CA  . GLY A 1 144 ? 2.968   15.238  2.892   1.00 22.20 ? 314 GLY A CA  1 
ATOM   1141 C  C   . GLY A 1 144 ? 1.751   14.438  2.441   1.00 21.21 ? 314 GLY A C   1 
ATOM   1142 O  O   . GLY A 1 144 ? 0.733   15.016  2.053   1.00 22.97 ? 314 GLY A O   1 
ATOM   1143 N  N   . PHE A 1 145 ? 1.865   13.113  2.467   1.00 20.72 ? 315 PHE A N   1 
ATOM   1144 C  CA  . PHE A 1 145 ? 0.730   12.224  2.200   1.00 21.59 ? 315 PHE A CA  1 
ATOM   1145 C  C   . PHE A 1 145 ? -0.465  12.570  3.097   1.00 21.87 ? 315 PHE A C   1 
ATOM   1146 O  O   . PHE A 1 145 ? -1.588  12.786  2.616   1.00 20.51 ? 315 PHE A O   1 
ATOM   1147 C  CB  . PHE A 1 145 ? 1.160   10.782  2.435   1.00 21.40 ? 315 PHE A CB  1 
ATOM   1148 C  CG  . PHE A 1 145 ? 0.062   9.763   2.279   1.00 20.91 ? 315 PHE A CG  1 
ATOM   1149 C  CD1 . PHE A 1 145 ? -0.353  9.342   1.013   1.00 21.34 ? 315 PHE A CD1 1 
ATOM   1150 C  CD2 . PHE A 1 145 ? -0.515  9.173   3.395   1.00 19.96 ? 315 PHE A CD2 1 
ATOM   1151 C  CE1 . PHE A 1 145 ? -1.332  8.371   0.870   1.00 20.55 ? 315 PHE A CE1 1 
ATOM   1152 C  CE2 . PHE A 1 145 ? -1.501  8.211   3.255   1.00 21.36 ? 315 PHE A CE2 1 
ATOM   1153 C  CZ  . PHE A 1 145 ? -1.904  7.803   1.989   1.00 20.26 ? 315 PHE A CZ  1 
ATOM   1154 N  N   . VAL A 1 146 ? -0.211  12.627  4.401   1.00 22.80 ? 316 VAL A N   1 
ATOM   1155 C  CA  . VAL A 1 146 ? -1.264  12.928  5.361   1.00 23.51 ? 316 VAL A CA  1 
ATOM   1156 C  C   . VAL A 1 146 ? -1.878  14.308  5.090   1.00 24.20 ? 316 VAL A C   1 
ATOM   1157 O  O   . VAL A 1 146 ? -3.094  14.429  4.966   1.00 24.15 ? 316 VAL A O   1 
ATOM   1158 C  CB  . VAL A 1 146 ? -0.762  12.826  6.807   1.00 24.43 ? 316 VAL A CB  1 
ATOM   1159 C  CG1 . VAL A 1 146 ? -1.780  13.453  7.764   1.00 24.93 ? 316 VAL A CG1 1 
ATOM   1160 C  CG2 . VAL A 1 146 ? -0.469  11.372  7.171   1.00 22.87 ? 316 VAL A CG2 1 
ATOM   1161 N  N   . GLU A 1 147 ? -1.033  15.326  4.955   1.00 25.47 ? 317 GLU A N   1 
ATOM   1162 C  CA  . GLU A 1 147 ? -1.471  16.683  4.642   1.00 27.38 ? 317 GLU A CA  1 
ATOM   1163 C  C   . GLU A 1 147 ? -2.263  16.750  3.323   1.00 27.57 ? 317 GLU A C   1 
ATOM   1164 O  O   . GLU A 1 147 ? -3.250  17.489  3.215   1.00 25.15 ? 317 GLU A O   1 
ATOM   1165 C  CB  . GLU A 1 147 ? -0.259  17.642  4.581   1.00 30.35 ? 317 GLU A CB  1 
ATOM   1166 C  CG  . GLU A 1 147 ? 0.373   17.933  5.943   1.00 34.37 ? 317 GLU A CG  1 
ATOM   1167 C  CD  . GLU A 1 147 ? 1.734   18.623  5.862   1.00 40.06 ? 317 GLU A CD  1 
ATOM   1168 O  OE1 . GLU A 1 147 ? 2.084   19.187  4.802   1.00 42.57 ? 317 GLU A OE1 1 
ATOM   1169 O  OE2 . GLU A 1 147 ? 2.469   18.603  6.871   1.00 43.11 ? 317 GLU A OE2 1 
ATOM   1170 N  N   . PHE A 1 148 ? -1.841  15.973  2.328   1.00 25.14 ? 318 PHE A N   1 
ATOM   1171 C  CA  . PHE A 1 148 ? -2.486  16.001  1.015   1.00 25.44 ? 318 PHE A CA  1 
ATOM   1172 C  C   . PHE A 1 148 ? -3.939  15.531  1.091   1.00 23.36 ? 318 PHE A C   1 
ATOM   1173 O  O   . PHE A 1 148 ? -4.808  16.151  0.504   1.00 25.20 ? 318 PHE A O   1 
ATOM   1174 C  CB  . PHE A 1 148 ? -1.700  15.146  0.010   1.00 24.09 ? 318 PHE A CB  1 
ATOM   1175 C  CG  . PHE A 1 148 ? -2.229  15.204  -1.394  1.00 23.08 ? 318 PHE A CG  1 
ATOM   1176 C  CD1 . PHE A 1 148 ? -1.965  16.293  -2.211  1.00 23.96 ? 318 PHE A CD1 1 
ATOM   1177 C  CD2 . PHE A 1 148 ? -2.955  14.142  -1.915  1.00 22.34 ? 318 PHE A CD2 1 
ATOM   1178 C  CE1 . PHE A 1 148 ? -2.443  16.335  -3.514  1.00 24.98 ? 318 PHE A CE1 1 
ATOM   1179 C  CE2 . PHE A 1 148 ? -3.434  14.172  -3.208  1.00 21.49 ? 318 PHE A CE2 1 
ATOM   1180 C  CZ  . PHE A 1 148 ? -3.173  15.259  -4.018  1.00 21.88 ? 318 PHE A CZ  1 
ATOM   1181 N  N   . PHE A 1 149 ? -4.197  14.453  1.822   1.00 24.52 ? 319 PHE A N   1 
ATOM   1182 C  CA  . PHE A 1 149 ? -5.551  13.893  1.926   1.00 25.91 ? 319 PHE A CA  1 
ATOM   1183 C  C   . PHE A 1 149 ? -6.349  14.393  3.133   1.00 29.31 ? 319 PHE A C   1 
ATOM   1184 O  O   . PHE A 1 149 ? -7.467  13.920  3.383   1.00 30.59 ? 319 PHE A O   1 
ATOM   1185 C  CB  . PHE A 1 149 ? -5.482  12.366  1.954   1.00 24.03 ? 319 PHE A CB  1 
ATOM   1186 C  CG  . PHE A 1 149 ? -5.059  11.770  0.649   1.00 22.45 ? 319 PHE A CG  1 
ATOM   1187 C  CD1 . PHE A 1 149 ? -5.958  11.699  -0.412  1.00 23.21 ? 319 PHE A CD1 1 
ATOM   1188 C  CD2 . PHE A 1 149 ? -3.775  11.287  0.466   1.00 22.16 ? 319 PHE A CD2 1 
ATOM   1189 C  CE1 . PHE A 1 149 ? -5.570  11.158  -1.637  1.00 22.90 ? 319 PHE A CE1 1 
ATOM   1190 C  CE2 . PHE A 1 149 ? -3.386  10.738  -0.754  1.00 21.89 ? 319 PHE A CE2 1 
ATOM   1191 C  CZ  . PHE A 1 149 ? -4.281  10.682  -1.804  1.00 22.68 ? 319 PHE A CZ  1 
ATOM   1192 N  N   . HIS A 1 150 ? -5.789  15.338  3.883   1.00 30.54 ? 320 HIS A N   1 
ATOM   1193 C  CA  . HIS A 1 150 ? -6.475  15.860  5.070   1.00 33.72 ? 320 HIS A CA  1 
ATOM   1194 C  C   . HIS A 1 150 ? -7.785  16.513  4.719   1.00 34.34 ? 320 HIS A C   1 
ATOM   1195 O  O   . HIS A 1 150 ? -7.838  17.403  3.860   1.00 33.96 ? 320 HIS A O   1 
ATOM   1196 C  CB  . HIS A 1 150 ? -5.591  16.856  5.814   1.00 36.76 ? 320 HIS A CB  1 
ATOM   1197 C  CG  . HIS A 1 150 ? -6.316  17.622  6.893   1.00 36.75 ? 320 HIS A CG  1 
ATOM   1198 N  ND1 . HIS A 1 150 ? -6.672  17.061  8.062   1.00 40.25 ? 320 HIS A ND1 1 
ATOM   1199 C  CD2 . HIS A 1 150 ? -6.755  18.943  6.939   1.00 38.10 ? 320 HIS A CD2 1 
ATOM   1200 C  CE1 . HIS A 1 150 ? -7.304  17.975  8.824   1.00 37.76 ? 320 HIS A CE1 1 
ATOM   1201 N  NE2 . HIS A 1 150 ? -7.352  19.127  8.136   1.00 39.27 ? 320 HIS A NE2 1 
ATOM   1202 N  N   . VAL A 1 151 ? -8.851  16.079  5.384   1.00 38.69 ? 321 VAL A N   1 
ATOM   1203 C  CA  . VAL A 1 151 ? -10.180 16.646  5.171   1.00 45.64 ? 321 VAL A CA  1 
ATOM   1204 C  C   . VAL A 1 151 ? -10.550 17.513  6.369   1.00 46.51 ? 321 VAL A C   1 
ATOM   1205 O  O   . VAL A 1 151 ? -10.517 17.051  7.505   1.00 43.77 ? 321 VAL A O   1 
ATOM   1206 C  CB  . VAL A 1 151 ? -11.239 15.539  4.967   1.00 47.99 ? 321 VAL A CB  1 
ATOM   1207 C  CG1 . VAL A 1 151 ? -12.644 16.132  4.938   1.00 49.40 ? 321 VAL A CG1 1 
ATOM   1208 C  CG2 . VAL A 1 151 ? -10.951 14.761  3.684   1.00 47.33 ? 321 VAL A CG2 1 
ATOM   1209 N  N   . GLU A 1 152 ? -10.879 18.776  6.105   1.00 53.82 ? 322 GLU A N   1 
ATOM   1210 C  CA  . GLU A 1 152 ? -11.318 19.697  7.154   1.00 61.58 ? 322 GLU A CA  1 
ATOM   1211 C  C   . GLU A 1 152 ? -12.732 19.343  7.604   1.00 63.33 ? 322 GLU A C   1 
ATOM   1212 O  O   . GLU A 1 152 ? -13.557 18.912  6.796   1.00 61.76 ? 322 GLU A O   1 
ATOM   1213 C  CB  . GLU A 1 152 ? -11.285 21.150  6.657   1.00 66.90 ? 322 GLU A CB  1 
ATOM   1214 C  CG  . GLU A 1 152 ? -9.899  21.679  6.302   1.00 71.27 ? 322 GLU A CG  1 
ATOM   1215 C  CD  . GLU A 1 152 ? -8.994  21.883  7.510   1.00 75.47 ? 322 GLU A CD  1 
ATOM   1216 O  OE1 . GLU A 1 152 ? -9.418  21.606  8.657   1.00 81.06 ? 322 GLU A OE1 1 
ATOM   1217 O  OE2 . GLU A 1 152 ? -7.842  22.325  7.313   1.00 78.39 ? 322 GLU A OE2 1 
ATOM   1218 N  N   . ASP A 1 153 ? -13.008 19.521  8.894   1.00 67.49 ? 323 ASP A N   1 
ATOM   1219 C  CA  . ASP A 1 153 ? -14.348 19.270  9.427   1.00 69.37 ? 323 ASP A CA  1 
ATOM   1220 C  C   . ASP A 1 153 ? -15.332 20.298  8.874   1.00 64.34 ? 323 ASP A C   1 
ATOM   1221 O  O   . ASP A 1 153 ? -14.984 21.468  8.695   1.00 56.88 ? 323 ASP A O   1 
ATOM   1222 C  CB  . ASP A 1 153 ? -14.346 19.314  10.959  1.00 73.97 ? 323 ASP A CB  1 
ATOM   1223 C  CG  . ASP A 1 153 ? -13.558 18.171  11.579  1.00 78.10 ? 323 ASP A CG  1 
ATOM   1224 O  OD1 . ASP A 1 153 ? -13.695 17.022  11.108  1.00 75.61 ? 323 ASP A OD1 1 
ATOM   1225 O  OD2 . ASP A 1 153 ? -12.804 18.424  12.544  1.00 84.83 ? 323 ASP A OD2 1 
ATOM   1226 N  N   . LEU A 1 154 ? -16.552 19.850  8.586   1.00 63.27 ? 324 LEU A N   1 
ATOM   1227 C  CA  . LEU A 1 154 ? -17.604 20.742  8.106   1.00 60.62 ? 324 LEU A CA  1 
ATOM   1228 C  C   . LEU A 1 154 ? -18.122 21.595  9.259   1.00 58.56 ? 324 LEU A C   1 
ATOM   1229 O  O   . LEU A 1 154 ? -18.070 21.179  10.414  1.00 52.20 ? 324 LEU A O   1 
ATOM   1230 C  CB  . LEU A 1 154 ? -18.765 19.942  7.510   1.00 60.31 ? 324 LEU A CB  1 
ATOM   1231 C  CG  . LEU A 1 154 ? -18.475 19.157  6.232   1.00 60.34 ? 324 LEU A CG  1 
ATOM   1232 C  CD1 . LEU A 1 154 ? -19.607 18.178  5.960   1.00 63.47 ? 324 LEU A CD1 1 
ATOM   1233 C  CD2 . LEU A 1 154 ? -18.267 20.102  5.057   1.00 57.70 ? 324 LEU A CD2 1 
ATOM   1234 N  N   . GLU A 1 155 ? -18.620 22.784  8.937   1.00 62.76 ? 325 GLU A N   1 
ATOM   1235 C  CA  . GLU A 1 155 ? -19.264 23.639  9.933   1.00 67.26 ? 325 GLU A CA  1 
ATOM   1236 C  C   . GLU A 1 155 ? -20.621 23.037  10.290  1.00 67.84 ? 325 GLU A C   1 
ATOM   1237 O  O   . GLU A 1 155 ? -21.452 22.813  9.410   1.00 68.21 ? 325 GLU A O   1 
ATOM   1238 C  CB  . GLU A 1 155 ? -19.437 25.064  9.406   1.00 68.82 ? 325 GLU A CB  1 
ATOM   1239 C  CG  . GLU A 1 155 ? -18.145 25.699  8.911   1.00 73.06 ? 325 GLU A CG  1 
ATOM   1240 C  CD  . GLU A 1 155 ? -18.221 27.210  8.832   1.00 77.42 ? 325 GLU A CD  1 
ATOM   1241 O  OE1 . GLU A 1 155 ? -18.584 27.842  9.849   1.00 78.19 ? 325 GLU A OE1 1 
ATOM   1242 O  OE2 . GLU A 1 155 ? -17.905 27.769  7.758   1.00 79.68 ? 325 GLU A OE2 1 
ATOM   1243 N  N   . GLY A 1 156 ? -20.827 22.756  11.576  1.00 69.80 ? 326 GLY A N   1 
ATOM   1244 C  CA  . GLY A 1 156 ? -22.069 22.148  12.048  1.00 70.08 ? 326 GLY A CA  1 
ATOM   1245 C  C   . GLY A 1 156 ? -23.208 23.147  12.096  1.00 72.08 ? 326 GLY A C   1 
ATOM   1246 O  O   . GLY A 1 156 ? -24.088 23.059  12.955  1.00 74.52 ? 326 GLY A O   1 
HETATM 1247 C  C4  . Q4S B 2 .   ? 0.452   -3.411  -11.388 1.00 18.51 ? 401 Q4S A C4  1 
HETATM 1248 C  C3  . Q4S B 2 .   ? -0.070  -4.848  -11.345 1.00 18.19 ? 401 Q4S A C3  1 
HETATM 1249 C  C2  . Q4S B 2 .   ? 0.711   -5.636  -10.298 1.00 17.91 ? 401 Q4S A C2  1 
HETATM 1250 C  C13 . Q4S B 2 .   ? 0.650   -4.894  -8.969  1.00 18.25 ? 401 Q4S A C13 1 
HETATM 1251 C  C18 . Q4S B 2 .   ? 0.899   -5.647  -7.827  1.00 20.02 ? 401 Q4S A C18 1 
HETATM 1252 C  C17 . Q4S B 2 .   ? 0.860   -5.064  -6.568  1.00 22.20 ? 401 Q4S A C17 1 
HETATM 1253 CL CL1 . Q4S B 2 .   ? 1.160   -6.018  -5.168  1.00 35.52 ? 401 Q4S A CL1 1 
HETATM 1254 C  C16 . Q4S B 2 .   ? 0.561   -3.721  -6.424  1.00 20.07 ? 401 Q4S A C16 1 
HETATM 1255 C  C15 . Q4S B 2 .   ? 0.320   -2.963  -7.567  1.00 19.05 ? 401 Q4S A C15 1 
HETATM 1256 C  C14 . Q4S B 2 .   ? 0.364   -3.526  -8.842  1.00 18.40 ? 401 Q4S A C14 1 
HETATM 1257 C  C1  . Q4S B 2 .   ? 0.087   -2.643  -10.095 1.00 17.85 ? 401 Q4S A C1  1 
HETATM 1258 C  C12 . Q4S B 2 .   ? -1.403  -2.285  -10.147 1.00 17.72 ? 401 Q4S A C12 1 
HETATM 1259 C  C11 . Q4S B 2 .   ? 0.915   -1.330  -10.082 1.00 18.39 ? 401 Q4S A C11 1 
HETATM 1260 O  O1  . Q4S B 2 .   ? 0.273   -0.305  -9.269  1.00 17.52 ? 401 Q4S A O1  1 
HETATM 1261 C  C10 . Q4S B 2 .   ? -0.517  0.493   -10.024 1.00 17.34 ? 401 Q4S A C10 1 
HETATM 1262 C  C5  . Q4S B 2 .   ? -0.274  1.846   -9.797  1.00 17.78 ? 401 Q4S A C5  1 
HETATM 1263 C  C6  . Q4S B 2 .   ? -0.999  2.811   -10.494 1.00 18.21 ? 401 Q4S A C6  1 
HETATM 1264 C  C7  . Q4S B 2 .   ? -1.962  2.407   -11.417 1.00 18.67 ? 401 Q4S A C7  1 
HETATM 1265 C  C8  . Q4S B 2 .   ? -2.183  1.049   -11.646 1.00 18.27 ? 401 Q4S A C8  1 
HETATM 1266 C  C9  . Q4S B 2 .   ? -1.470  0.062   -10.953 1.00 17.85 ? 401 Q4S A C9  1 
HETATM 1267 N  N1  . Q4S B 2 .   ? -1.727  -1.237  -11.136 1.00 17.82 ? 401 Q4S A N1  1 
HETATM 1268 C  C19 . Q4S B 2 .   ? -2.644  -1.776  -12.176 1.00 18.90 ? 401 Q4S A C19 1 
HETATM 1269 C  C20 . Q4S B 2 .   ? -4.118  -1.553  -11.782 1.00 20.36 ? 401 Q4S A C20 1 
HETATM 1270 C  C31 . Q4S B 2 .   ? -4.636  -2.655  -10.824 1.00 20.59 ? 401 Q4S A C31 1 
HETATM 1271 C  C30 . Q4S B 2 .   ? -5.840  -2.844  -11.768 1.00 22.05 ? 401 Q4S A C30 1 
HETATM 1272 C  C21 . Q4S B 2 .   ? -5.051  -2.121  -12.865 1.00 22.15 ? 401 Q4S A C21 1 
HETATM 1273 C  C22 . Q4S B 2 .   ? -5.888  -1.068  -13.625 1.00 25.74 ? 401 Q4S A C22 1 
HETATM 1274 O  O4  . Q4S B 2 .   ? -6.680  -1.862  -14.538 1.00 27.18 ? 401 Q4S A O4  1 
HETATM 1275 C  C34 . Q4S B 2 .   ? -6.915  -1.194  -15.800 1.00 29.55 ? 401 Q4S A C34 1 
HETATM 1276 C  C29 . Q4S B 2 .   ? -6.771  -0.230  -12.930 1.00 26.61 ? 401 Q4S A C29 1 
HETATM 1277 C  C28 . Q4S B 2 .   ? -6.830  1.129   -13.241 1.00 27.05 ? 401 Q4S A C28 1 
HETATM 1278 C  C27 . Q4S B 2 .   ? -7.786  2.077   -12.517 1.00 27.07 ? 401 Q4S A C27 1 
HETATM 1279 C  C26 . Q4S B 2 .   ? -7.053  3.134   -11.692 1.00 27.72 ? 401 Q4S A C26 1 
HETATM 1280 N  N2  . Q4S B 2 .   ? -6.447  4.164   -12.550 1.00 28.05 ? 401 Q4S A N2  1 
HETATM 1281 C  C32 . Q4S B 2 .   ? -7.240  5.106   -13.350 1.00 28.81 ? 401 Q4S A C32 1 
HETATM 1282 C  C25 . Q4S B 2 .   ? -5.121  4.321   -12.650 1.00 25.10 ? 401 Q4S A C25 1 
HETATM 1283 O  O3  . Q4S B 2 .   ? -4.595  5.178   -13.365 1.00 23.68 ? 401 Q4S A O3  1 
HETATM 1284 C  C24 . Q4S B 2 .   ? -4.252  3.341   -11.832 1.00 23.50 ? 401 Q4S A C24 1 
HETATM 1285 C  C23 . Q4S B 2 .   ? -2.768  3.437   -12.225 1.00 21.71 ? 401 Q4S A C23 1 
HETATM 1286 O  O2  . Q4S B 2 .   ? -2.314  4.783   -12.023 1.00 21.42 ? 401 Q4S A O2  1 
HETATM 1287 C  C33 . Q4S B 2 .   ? -2.492  3.115   -13.705 1.00 24.99 ? 401 Q4S A C33 1 
HETATM 1288 O  O5  . Q4S B 2 .   ? -1.519  3.629   -14.265 1.00 23.43 ? 401 Q4S A O5  1 
HETATM 1289 N  N3  . Q4S B 2 .   ? -3.325  2.251   -14.288 1.00 26.97 ? 401 Q4S A N3  1 
HETATM 1290 S  S1  . Q4S B 2 .   ? -3.125  1.769   -15.827 1.00 34.34 ? 401 Q4S A S1  1 
HETATM 1291 O  O6  . Q4S B 2 .   ? -1.680  1.793   -16.227 1.00 36.20 ? 401 Q4S A O6  1 
HETATM 1292 O  O7  . Q4S B 2 .   ? -3.622  0.370   -15.916 1.00 40.29 ? 401 Q4S A O7  1 
HETATM 1293 N  N4  . Q4S B 2 .   ? -3.993  2.695   -16.858 1.00 38.84 ? 401 Q4S A N4  1 
HETATM 1294 C  C36 . Q4S B 2 .   ? -5.401  2.715   -16.425 1.00 39.44 ? 401 Q4S A C36 1 
HETATM 1295 C  C35 . Q4S B 2 .   ? -3.452  4.061   -16.917 1.00 38.47 ? 401 Q4S A C35 1 
HETATM 1296 O  O   . HOH C 3 .   ? 9.860   -6.929  -19.583 1.00 42.97 ? 501 HOH A O   1 
HETATM 1297 O  O   . HOH C 3 .   ? 8.057   9.693   -11.933 1.00 46.78 ? 502 HOH A O   1 
HETATM 1298 O  O   . HOH C 3 .   ? 1.520   3.761   17.857  1.00 49.41 ? 503 HOH A O   1 
HETATM 1299 O  O   . HOH C 3 .   ? -6.038  5.457   -9.388  1.00 39.88 ? 504 HOH A O   1 
HETATM 1300 O  O   . HOH C 3 .   ? -3.064  -2.179  -16.488 1.00 50.77 ? 505 HOH A O   1 
HETATM 1301 O  O   . HOH C 3 .   ? -5.000  12.546  5.852   1.00 31.83 ? 506 HOH A O   1 
HETATM 1302 O  O   . HOH C 3 .   ? 8.599   -5.111  -17.841 1.00 48.97 ? 507 HOH A O   1 
HETATM 1303 O  O   . HOH C 3 .   ? 14.666  6.364   -5.807  1.00 32.92 ? 508 HOH A O   1 
HETATM 1304 O  O   . HOH C 3 .   ? 17.776  6.715   8.233   1.00 45.96 ? 509 HOH A O   1 
HETATM 1305 O  O   . HOH C 3 .   ? -8.091  -1.650  6.751   1.00 38.06 ? 510 HOH A O   1 
HETATM 1306 O  O   . HOH C 3 .   ? -7.255  -4.422  -15.160 1.00 35.20 ? 511 HOH A O   1 
HETATM 1307 O  O   . HOH C 3 .   ? 7.560   6.894   -17.729 1.00 44.39 ? 512 HOH A O   1 
HETATM 1308 O  O   . HOH C 3 .   ? 3.489   -20.817 -9.563  1.00 50.56 ? 513 HOH A O   1 
HETATM 1309 O  O   . HOH C 3 .   ? -14.719 3.012   -12.235 1.00 21.76 ? 514 HOH A O   1 
HETATM 1310 O  O   . HOH C 3 .   ? -3.303  -2.504  11.917  1.00 29.53 ? 515 HOH A O   1 
HETATM 1311 O  O   . HOH C 3 .   ? 1.843   7.842   -15.997 1.00 32.98 ? 516 HOH A O   1 
HETATM 1312 O  O   . HOH C 3 .   ? -13.329 -4.215  -4.444  1.00 38.89 ? 517 HOH A O   1 
HETATM 1313 O  O   . HOH C 3 .   ? -2.041  -4.376  10.710  1.00 25.24 ? 518 HOH A O   1 
HETATM 1314 O  O   . HOH C 3 .   ? 9.863   -4.535  -15.109 1.00 31.11 ? 519 HOH A O   1 
HETATM 1315 O  O   . HOH C 3 .   ? 8.004   -11.176 9.326   1.00 46.02 ? 520 HOH A O   1 
HETATM 1316 O  O   . HOH C 3 .   ? 8.125   10.440  5.830   1.00 24.04 ? 521 HOH A O   1 
HETATM 1317 O  O   . HOH C 3 .   ? -4.664  -14.171 -8.733  1.00 44.62 ? 522 HOH A O   1 
HETATM 1318 O  O   . HOH C 3 .   ? -3.631  -6.728  11.396  1.00 32.83 ? 523 HOH A O   1 
HETATM 1319 O  O   . HOH C 3 .   ? -2.145  -0.724  13.584  1.00 34.76 ? 524 HOH A O   1 
HETATM 1320 O  O   . HOH C 3 .   ? 0.199   13.942  -11.933 1.00 31.93 ? 525 HOH A O   1 
HETATM 1321 O  O   . HOH C 3 .   ? 17.536  0.992   3.026   1.00 42.00 ? 526 HOH A O   1 
HETATM 1322 O  O   . HOH C 3 .   ? -2.483  -18.936 5.534   1.00 40.51 ? 527 HOH A O   1 
HETATM 1323 O  O   . HOH C 3 .   ? 11.727  -6.686  -3.711  1.00 42.31 ? 528 HOH A O   1 
HETATM 1324 O  O   . HOH C 3 .   ? 9.595   -1.145  9.294   1.00 40.70 ? 529 HOH A O   1 
HETATM 1325 O  O   . HOH C 3 .   ? -11.359 6.815   -8.971  1.00 34.61 ? 530 HOH A O   1 
HETATM 1326 O  O   . HOH C 3 .   ? 14.111  15.397  -3.565  1.00 36.77 ? 531 HOH A O   1 
HETATM 1327 O  O   . HOH C 3 .   ? -11.800 1.255   -13.505 1.00 35.19 ? 532 HOH A O   1 
HETATM 1328 O  O   . HOH C 3 .   ? 14.805  9.393   2.390   1.00 25.33 ? 533 HOH A O   1 
HETATM 1329 O  O   . HOH C 3 .   ? 5.198   10.520  16.885  1.00 38.88 ? 534 HOH A O   1 
HETATM 1330 O  O   . HOH C 3 .   ? 9.923   -9.285  -0.839  1.00 45.78 ? 535 HOH A O   1 
HETATM 1331 O  O   . HOH C 3 .   ? 6.448   19.833  -0.608  1.00 46.99 ? 536 HOH A O   1 
HETATM 1332 O  O   . HOH C 3 .   ? 2.632   16.215  -0.858  1.00 29.75 ? 537 HOH A O   1 
HETATM 1333 O  O   . HOH C 3 .   ? -9.274  -9.489  -3.265  1.00 32.88 ? 538 HOH A O   1 
HETATM 1334 O  O   . HOH C 3 .   ? 1.017   17.742  0.994   1.00 36.59 ? 539 HOH A O   1 
HETATM 1335 O  O   . HOH C 3 .   ? 8.050   16.850  -7.053  1.00 48.07 ? 540 HOH A O   1 
HETATM 1336 O  O   . HOH C 3 .   ? 0.153   14.194  -5.843  1.00 24.74 ? 541 HOH A O   1 
HETATM 1337 O  O   . HOH C 3 .   ? -18.212 -2.436  -10.418 1.00 34.07 ? 542 HOH A O   1 
HETATM 1338 O  O   . HOH C 3 .   ? 9.613   -9.744  -10.304 1.00 41.17 ? 543 HOH A O   1 
HETATM 1339 O  O   . HOH C 3 .   ? -17.160 0.504   -9.275  1.00 16.90 ? 544 HOH A O   1 
HETATM 1340 O  O   . HOH C 3 .   ? -4.480  7.022   -11.016 1.00 41.38 ? 545 HOH A O   1 
HETATM 1341 O  O   . HOH C 3 .   ? -2.587  7.375   -13.657 1.00 34.53 ? 546 HOH A O   1 
HETATM 1342 O  O   . HOH C 3 .   ? 15.282  8.021   4.916   1.00 30.56 ? 547 HOH A O   1 
HETATM 1343 O  O   . HOH C 3 .   ? -13.313 -0.987  -12.634 1.00 23.73 ? 548 HOH A O   1 
HETATM 1344 O  O   . HOH C 3 .   ? -2.478  10.015  -12.714 1.00 24.66 ? 549 HOH A O   1 
HETATM 1345 O  O   . HOH C 3 .   ? 14.093  8.826   -6.990  1.00 40.03 ? 550 HOH A O   1 
HETATM 1346 O  O   . HOH C 3 .   ? -13.855 -8.316  -13.349 1.00 43.00 ? 551 HOH A O   1 
HETATM 1347 O  O   . HOH C 3 .   ? -15.704 -1.109  -11.272 1.00 23.90 ? 552 HOH A O   1 
HETATM 1348 O  O   . HOH C 3 .   ? 1.508   16.220  -4.522  1.00 36.51 ? 553 HOH A O   1 
HETATM 1349 O  O   . HOH C 3 .   ? 11.496  10.148  -7.857  1.00 30.18 ? 554 HOH A O   1 
HETATM 1350 O  O   . HOH C 3 .   ? -5.441  8.136   -14.066 1.00 48.90 ? 555 HOH A O   1 
HETATM 1351 O  O   . HOH C 3 .   ? -10.604 6.606   -6.112  0.50 31.47 ? 556 HOH A O   1 
HETATM 1352 O  O   . HOH C 3 .   ? 6.749   12.429  -11.944 1.00 52.46 ? 557 HOH A O   1 
HETATM 1353 O  O   . HOH C 3 .   ? -14.134 -7.316  -5.210  1.00 44.22 ? 558 HOH A O   1 
HETATM 1354 O  O   . HOH C 3 .   ? 7.426   -15.690 3.815   1.00 44.35 ? 559 HOH A O   1 
HETATM 1355 O  O   . HOH C 3 .   ? -3.469  2.225   13.910  1.00 46.77 ? 560 HOH A O   1 
HETATM 1356 O  O   . HOH C 3 .   ? -12.771 -4.067  -1.750  1.00 40.43 ? 561 HOH A O   1 
HETATM 1357 O  O   . HOH C 3 .   ? -1.106  6.622   -15.768 1.00 57.71 ? 562 HOH A O   1 
HETATM 1358 O  O   . HOH C 3 .   ? -10.535 -10.739 3.834   1.00 56.53 ? 563 HOH A O   1 
HETATM 1359 O  O   . HOH C 3 .   ? -10.020 -11.928 -1.932  1.00 35.24 ? 564 HOH A O   1 
HETATM 1360 O  O   . HOH C 3 .   ? -11.447 -8.169  -1.787  1.00 38.45 ? 565 HOH A O   1 
HETATM 1361 O  O   . HOH C 3 .   ? -10.433 -13.690 -3.868  1.00 50.07 ? 566 HOH A O   1 
HETATM 1362 O  O   . HOH C 3 .   ? 15.785  0.421   6.296   1.00 44.51 ? 567 HOH A O   1 
HETATM 1363 O  O   . HOH C 3 .   ? -5.368  13.485  8.606   1.00 45.12 ? 568 HOH A O   1 
HETATM 1364 O  O   . HOH C 3 .   ? -1.058  19.087  -0.058  1.00 44.92 ? 569 HOH A O   1 
HETATM 1365 O  O   . HOH C 3 .   ? -14.007 -1.702  -15.500 1.00 52.88 ? 570 HOH A O   1 
HETATM 1366 O  O   . HOH C 3 .   ? -0.979  2.594   16.450  1.00 50.16 ? 571 HOH A O   1 
HETATM 1367 O  O   . HOH C 3 .   ? 16.961  10.620  1.412   1.00 47.03 ? 572 HOH A O   1 
HETATM 1368 O  O   . HOH C 3 .   ? -11.767 -10.981 -7.950  1.00 48.83 ? 573 HOH A O   1 
HETATM 1369 O  O   . HOH C 3 .   ? -11.809 -10.931 0.875   1.00 51.38 ? 574 HOH A O   1 
HETATM 1370 O  O   . HOH C 3 .   ? -1.615  10.707  -15.458 1.00 54.58 ? 575 HOH A O   1 
HETATM 1371 O  O   . HOH C 3 .   ? -10.916 -19.121 -4.320  1.00 44.92 ? 576 HOH A O   1 
# 
